data_7LKK
#
_entry.id   7LKK
#
_cell.length_a   72.905
_cell.length_b   73.072
_cell.length_c   157.440
_cell.angle_alpha   90.000
_cell.angle_beta   98.300
_cell.angle_gamma   90.000
#
_symmetry.space_group_name_H-M   'P 1 21 1'
#
loop_
_entity.id
_entity.type
_entity.pdbx_description
1 polymer 'Aminofutalosine deaminase'
2 non-polymer 'FE (III) ION'
3 non-polymer 1,2-ETHANEDIOL
4 non-polymer (8R)-3-(5-S-methyl-5-thio-beta-D-ribofuranosyl)-3,6,7,8-tetrahydroimidazo[4,5-d][1,3]diazepin-8-ol
5 water water
#
_entity_poly.entity_id   1
_entity_poly.type   'polypeptide(L)'
_entity_poly.pdbx_seq_one_letter_code
;MHHHHHHENLYFQGMQEIIGASLVFLCNEKCEVLEDYGVVFDEKIVEIGDYHNLTLKYPHLKAQFFENSVLLPAFINAHT
HFEFSNNKASFDYGSFSGWLGSVLNNGGAILENCQGAIQNAIMAQLKSGVGSVGAISNHLIEVNLLKESPLNAVVFLEFL
GSSYSLEKLKAFEAKFKELKDLEDQKLKAALAVHAPYSVQKDMALSVIQLAKDSQSLLSTHFLESLEELEWVENSKGWFE
NFYQRFLKESNFTSLYEGANDYIDMFKDTHTLFVHNQFASLEALKRIKSQVKNAFLITCPFSNRLLSGKALDLERVREAG
LSVSVATDGLSSNISLSLLDELRAFLLSHNMPLLELAKIALLGATRHGAKALALNNGEIETNKRADLSVFGFNEKFTKEQ
AILQFLLHAKEVERLFLGGKRVI
;
_entity_poly.pdbx_strand_id   A,B,C,D
#
# COMPACT_ATOMS: atom_id res chain seq x y z
N GLN A 13 14.82 24.70 -24.60
CA GLN A 13 15.85 24.38 -25.57
C GLN A 13 15.24 23.68 -26.77
N GLY A 14 15.06 24.43 -27.86
CA GLY A 14 14.51 23.88 -29.08
C GLY A 14 15.58 23.34 -30.01
N MET A 15 16.72 22.96 -29.43
CA MET A 15 17.84 22.47 -30.21
C MET A 15 17.62 21.00 -30.60
N GLN A 16 18.49 20.51 -31.48
CA GLN A 16 18.44 19.13 -31.93
C GLN A 16 19.29 18.24 -31.03
N GLU A 17 18.89 16.97 -30.94
CA GLU A 17 19.63 15.98 -30.18
C GLU A 17 19.47 14.63 -30.87
N ILE A 18 20.26 13.66 -30.40
CA ILE A 18 20.25 12.30 -30.95
C ILE A 18 19.96 11.33 -29.80
N ILE A 19 19.06 10.39 -30.05
CA ILE A 19 18.83 9.28 -29.13
C ILE A 19 18.83 7.99 -29.93
N GLY A 20 19.45 6.95 -29.37
CA GLY A 20 19.49 5.66 -30.01
C GLY A 20 19.23 4.54 -29.00
N ALA A 21 18.94 3.36 -29.54
CA ALA A 21 18.68 2.20 -28.69
C ALA A 21 19.07 0.95 -29.45
N SER A 22 19.22 -0.15 -28.70
CA SER A 22 19.59 -1.42 -29.31
C SER A 22 18.56 -1.87 -30.33
N LEU A 23 17.29 -1.53 -30.11
CA LEU A 23 16.21 -1.88 -31.02
C LEU A 23 15.37 -0.63 -31.24
N VAL A 24 15.02 -0.37 -32.50
CA VAL A 24 14.15 0.75 -32.86
C VAL A 24 12.99 0.21 -33.68
N PHE A 25 11.77 0.50 -33.24
CA PHE A 25 10.56 0.13 -33.96
C PHE A 25 10.11 1.33 -34.77
N LEU A 26 10.20 1.24 -36.10
CA LEU A 26 9.80 2.35 -36.95
C LEU A 26 8.28 2.52 -36.97
N CYS A 27 7.54 1.42 -36.82
CA CYS A 27 6.09 1.43 -36.88
C CYS A 27 5.58 2.00 -38.21
N ASN A 28 6.30 1.69 -39.28
CA ASN A 28 5.66 1.80 -40.59
C ASN A 28 4.79 0.56 -40.80
N GLU A 29 4.01 0.56 -41.89
CA GLU A 29 3.13 -0.57 -42.13
C GLU A 29 3.90 -1.86 -42.30
N LYS A 30 5.17 -1.78 -42.73
CA LYS A 30 6.04 -2.95 -42.73
C LYS A 30 6.42 -3.39 -41.33
N CYS A 31 6.28 -2.51 -40.33
CA CYS A 31 6.67 -2.79 -38.95
C CYS A 31 8.16 -3.12 -38.86
N GLU A 32 8.98 -2.24 -39.45
CA GLU A 32 10.41 -2.45 -39.52
C GLU A 32 11.05 -2.40 -38.13
N VAL A 33 11.98 -3.32 -37.88
CA VAL A 33 12.77 -3.35 -36.65
C VAL A 33 14.23 -3.17 -37.02
N LEU A 34 14.88 -2.20 -36.40
CA LEU A 34 16.26 -1.86 -36.70
C LEU A 34 17.11 -1.95 -35.45
N GLU A 35 18.34 -2.41 -35.61
CA GLU A 35 19.25 -2.61 -34.50
C GLU A 35 20.27 -1.47 -34.44
N ASP A 36 20.54 -0.99 -33.23
CA ASP A 36 21.53 0.05 -32.97
C ASP A 36 21.28 1.29 -33.83
N TYR A 37 20.03 1.67 -33.97
CA TYR A 37 19.66 2.84 -34.77
C TYR A 37 19.38 4.03 -33.86
N GLY A 38 19.37 5.22 -34.47
CA GLY A 38 19.23 6.45 -33.73
C GLY A 38 18.35 7.42 -34.50
N VAL A 39 17.94 8.47 -33.79
CA VAL A 39 17.04 9.49 -34.35
C VAL A 39 17.55 10.86 -33.96
N VAL A 40 17.68 11.75 -34.94
CA VAL A 40 17.93 13.17 -34.70
C VAL A 40 16.59 13.89 -34.73
N PHE A 41 16.34 14.72 -33.74
CA PHE A 41 15.05 15.38 -33.65
C PHE A 41 15.18 16.70 -32.90
N ASP A 42 14.38 17.67 -33.34
CA ASP A 42 14.09 18.86 -32.53
C ASP A 42 12.65 18.73 -32.05
N GLU A 43 11.75 19.55 -32.59
CA GLU A 43 10.33 19.30 -32.38
C GLU A 43 9.79 18.23 -33.33
N LYS A 44 10.44 18.04 -34.47
CA LYS A 44 10.08 17.00 -35.41
C LYS A 44 11.25 16.03 -35.56
N ILE A 45 10.97 14.86 -36.13
CA ILE A 45 12.02 13.91 -36.47
C ILE A 45 12.78 14.45 -37.67
N VAL A 46 14.09 14.62 -37.52
CA VAL A 46 14.92 15.24 -38.55
C VAL A 46 15.63 14.20 -39.41
N GLU A 47 16.23 13.19 -38.78
CA GLU A 47 17.00 12.20 -39.53
C GLU A 47 17.04 10.89 -38.75
N ILE A 48 17.04 9.78 -39.48
CA ILE A 48 17.13 8.44 -38.91
C ILE A 48 18.33 7.75 -39.53
N GLY A 49 19.01 6.92 -38.73
CA GLY A 49 20.15 6.19 -39.26
C GLY A 49 20.82 5.41 -38.15
N ASP A 50 21.88 4.70 -38.53
CA ASP A 50 22.73 4.03 -37.56
C ASP A 50 23.23 5.03 -36.54
N TYR A 51 23.15 4.64 -35.26
CA TYR A 51 23.43 5.60 -34.19
C TYR A 51 24.88 6.08 -34.23
N HIS A 52 25.83 5.16 -34.38
CA HIS A 52 27.23 5.55 -34.41
C HIS A 52 27.51 6.49 -35.59
N ASN A 53 26.99 6.15 -36.77
CA ASN A 53 27.16 7.01 -37.93
C ASN A 53 26.48 8.37 -37.72
N LEU A 54 25.38 8.39 -36.96
CA LEU A 54 24.70 9.64 -36.68
C LEU A 54 25.55 10.54 -35.79
N THR A 55 26.26 9.95 -34.83
CA THR A 55 27.10 10.74 -33.94
C THR A 55 28.34 11.27 -34.65
N LEU A 56 28.82 10.55 -35.67
CA LEU A 56 29.93 11.07 -36.46
C LEU A 56 29.47 12.19 -37.37
N LYS A 57 28.29 12.04 -37.98
CA LYS A 57 27.75 13.07 -38.86
C LYS A 57 27.41 14.34 -38.11
N TYR A 58 26.98 14.22 -36.85
CA TYR A 58 26.57 15.35 -36.02
C TYR A 58 27.32 15.28 -34.69
N PRO A 59 28.62 15.56 -34.69
CA PRO A 59 29.41 15.36 -33.46
C PRO A 59 29.15 16.38 -32.36
N HIS A 60 28.50 17.50 -32.68
CA HIS A 60 28.22 18.54 -31.69
C HIS A 60 26.81 18.46 -31.13
N LEU A 61 25.94 17.63 -31.67
CA LEU A 61 24.60 17.47 -31.09
C LEU A 61 24.68 16.56 -29.86
N LYS A 62 23.77 16.81 -28.85
CA LYS A 62 23.75 16.00 -27.63
C LYS A 62 23.21 14.62 -27.99
N ALA A 63 23.85 13.57 -27.46
CA ALA A 63 23.62 12.20 -27.91
C ALA A 63 23.60 11.23 -26.75
N GLN A 64 22.54 10.41 -26.69
CA GLN A 64 22.37 9.33 -25.72
C GLN A 64 22.00 8.03 -26.43
N PHE A 65 22.62 6.93 -25.99
CA PHE A 65 22.29 5.59 -26.46
C PHE A 65 21.78 4.76 -25.29
N PHE A 66 20.69 4.03 -25.51
CA PHE A 66 20.05 3.22 -24.47
C PHE A 66 20.24 1.75 -24.82
N GLU A 67 21.24 1.14 -24.19
CA GLU A 67 21.51 -0.29 -24.39
C GLU A 67 20.37 -1.13 -23.84
N ASN A 68 20.11 -2.25 -24.53
CA ASN A 68 19.08 -3.21 -24.12
C ASN A 68 17.71 -2.55 -23.97
N SER A 69 17.44 -1.55 -24.81
CA SER A 69 16.21 -0.79 -24.73
C SER A 69 15.55 -0.76 -26.10
N VAL A 70 14.29 -0.33 -26.12
CA VAL A 70 13.52 -0.21 -27.34
C VAL A 70 13.11 1.24 -27.52
N LEU A 71 13.42 1.80 -28.69
CA LEU A 71 12.98 3.12 -29.09
C LEU A 71 11.85 2.97 -30.10
N LEU A 72 10.74 3.67 -29.87
CA LEU A 72 9.56 3.52 -30.71
C LEU A 72 8.73 4.80 -30.57
N PRO A 73 7.76 5.01 -31.46
CA PRO A 73 6.89 6.18 -31.32
C PRO A 73 6.06 6.10 -30.05
N ALA A 74 5.77 7.26 -29.47
CA ALA A 74 4.80 7.32 -28.39
C ALA A 74 3.46 6.74 -28.87
N PHE A 75 2.75 6.11 -27.94
CA PHE A 75 1.51 5.45 -28.31
C PHE A 75 0.40 6.47 -28.55
N ILE A 76 -0.63 6.03 -29.27
CA ILE A 76 -1.87 6.77 -29.44
C ILE A 76 -2.99 5.91 -28.87
N ASN A 77 -3.73 6.46 -27.91
CA ASN A 77 -4.88 5.80 -27.31
C ASN A 77 -6.12 6.51 -27.84
N ALA A 78 -6.73 5.95 -28.89
CA ALA A 78 -7.70 6.67 -29.71
C ALA A 78 -9.09 6.74 -29.10
N HIS A 79 -9.35 6.08 -27.98
CA HIS A 79 -10.71 6.04 -27.43
C HIS A 79 -10.63 5.79 -25.93
N THR A 80 -10.90 6.82 -25.14
CA THR A 80 -11.01 6.67 -23.69
C THR A 80 -12.07 7.62 -23.17
N HIS A 81 -12.58 7.31 -21.98
CA HIS A 81 -13.57 8.14 -21.28
C HIS A 81 -12.99 8.55 -19.93
N PHE A 82 -12.31 9.70 -19.91
CA PHE A 82 -11.67 10.14 -18.67
C PHE A 82 -12.68 10.47 -17.59
N GLU A 83 -13.88 10.94 -17.98
CA GLU A 83 -14.87 11.36 -16.99
C GLU A 83 -15.34 10.21 -16.10
N PHE A 84 -15.20 8.96 -16.55
CA PHE A 84 -15.59 7.80 -15.77
C PHE A 84 -14.44 7.18 -14.99
N SER A 85 -13.38 7.96 -14.72
CA SER A 85 -12.17 7.40 -14.12
C SER A 85 -12.35 6.97 -12.67
N ASN A 86 -13.42 7.39 -12.00
CA ASN A 86 -13.64 6.98 -10.62
C ASN A 86 -14.03 5.51 -10.50
N ASN A 87 -14.50 4.90 -11.59
CA ASN A 87 -15.17 3.61 -11.49
C ASN A 87 -14.21 2.49 -11.13
N LYS A 88 -14.66 1.63 -10.20
CA LYS A 88 -14.04 0.33 -9.97
C LYS A 88 -15.09 -0.77 -10.12
N ALA A 89 -16.09 -0.82 -9.23
CA ALA A 89 -17.13 -1.84 -9.29
C ALA A 89 -18.53 -1.22 -9.27
N SER A 90 -18.67 0.02 -9.72
CA SER A 90 -19.98 0.66 -9.74
C SER A 90 -20.88 0.08 -10.82
N PHE A 91 -20.32 -0.53 -11.86
CA PHE A 91 -21.08 -1.02 -13.00
C PHE A 91 -20.99 -2.54 -13.08
N ASP A 92 -22.07 -3.16 -13.53
CA ASP A 92 -22.12 -4.61 -13.68
C ASP A 92 -21.41 -5.05 -14.95
N TYR A 93 -20.78 -6.22 -14.88
CA TYR A 93 -20.13 -6.83 -16.02
C TYR A 93 -20.73 -8.20 -16.27
N GLY A 94 -20.45 -8.74 -17.46
CA GLY A 94 -20.98 -10.03 -17.87
C GLY A 94 -22.04 -9.96 -18.94
N SER A 95 -22.59 -8.77 -19.20
CA SER A 95 -23.53 -8.55 -20.27
C SER A 95 -23.53 -7.07 -20.59
N PHE A 96 -23.83 -6.72 -21.84
CA PHE A 96 -23.92 -5.31 -22.18
C PHE A 96 -25.17 -4.67 -21.56
N SER A 97 -26.30 -5.37 -21.64
CA SER A 97 -27.53 -4.85 -21.04
C SER A 97 -27.37 -4.66 -19.54
N GLY A 98 -26.74 -5.62 -18.85
CA GLY A 98 -26.46 -5.45 -17.44
C GLY A 98 -25.55 -4.27 -17.16
N TRP A 99 -24.55 -4.06 -18.01
CA TRP A 99 -23.64 -2.94 -17.82
C TRP A 99 -24.36 -1.60 -18.05
N LEU A 100 -25.04 -1.47 -19.20
CA LEU A 100 -25.69 -0.20 -19.53
C LEU A 100 -26.77 0.15 -18.51
N GLY A 101 -27.57 -0.84 -18.11
CA GLY A 101 -28.56 -0.60 -17.08
C GLY A 101 -27.96 -0.11 -15.78
N SER A 102 -26.79 -0.67 -15.40
CA SER A 102 -26.15 -0.24 -14.17
C SER A 102 -25.56 1.16 -14.30
N VAL A 103 -25.05 1.51 -15.48
CA VAL A 103 -24.53 2.86 -15.70
C VAL A 103 -25.66 3.87 -15.56
N LEU A 104 -26.81 3.59 -16.17
CA LEU A 104 -27.93 4.52 -16.08
C LEU A 104 -28.48 4.59 -14.67
N ASN A 105 -28.63 3.44 -14.01
CA ASN A 105 -29.11 3.42 -12.62
C ASN A 105 -28.14 4.12 -11.67
N ASN A 106 -26.87 4.22 -12.05
CA ASN A 106 -25.91 4.96 -11.22
C ASN A 106 -26.25 6.43 -11.13
N GLY A 107 -26.92 6.98 -12.16
CA GLY A 107 -27.39 8.35 -12.11
C GLY A 107 -26.32 9.40 -12.02
N GLY A 108 -25.15 9.14 -12.61
CA GLY A 108 -24.08 10.12 -12.64
C GLY A 108 -23.32 10.29 -11.34
N ALA A 109 -23.62 9.49 -10.31
CA ALA A 109 -22.93 9.63 -9.04
C ALA A 109 -21.44 9.39 -9.15
N ILE A 110 -21.02 8.47 -10.03
CA ILE A 110 -19.60 8.17 -10.17
C ILE A 110 -18.84 9.32 -10.81
N LEU A 111 -19.55 10.23 -11.49
CA LEU A 111 -18.89 11.36 -12.15
C LEU A 111 -18.51 12.47 -11.18
N GLU A 112 -19.05 12.47 -9.97
CA GLU A 112 -18.79 13.55 -9.03
C GLU A 112 -17.46 13.32 -8.33
N ASN A 113 -16.80 14.43 -7.97
CA ASN A 113 -15.44 14.42 -7.43
C ASN A 113 -14.51 13.63 -8.36
N CYS A 114 -14.28 14.23 -9.52
CA CYS A 114 -13.69 13.55 -10.67
C CYS A 114 -12.21 13.80 -10.86
N GLN A 115 -11.69 14.92 -10.37
CA GLN A 115 -10.38 15.40 -10.82
C GLN A 115 -9.24 14.49 -10.37
N GLY A 116 -9.35 13.93 -9.16
CA GLY A 116 -8.30 13.05 -8.67
C GLY A 116 -8.10 11.84 -9.55
N ALA A 117 -9.18 11.18 -9.93
CA ALA A 117 -9.08 10.01 -10.79
C ALA A 117 -8.62 10.37 -12.20
N ILE A 118 -8.99 11.57 -12.67
CA ILE A 118 -8.59 11.98 -14.02
C ILE A 118 -7.09 12.24 -14.09
N GLN A 119 -6.53 12.87 -13.05
CA GLN A 119 -5.09 13.08 -13.01
C GLN A 119 -4.34 11.75 -12.95
N ASN A 120 -4.82 10.81 -12.11
CA ASN A 120 -4.24 9.47 -12.09
C ASN A 120 -4.36 8.78 -13.44
N ALA A 121 -5.51 8.96 -14.12
CA ALA A 121 -5.69 8.37 -15.44
C ALA A 121 -4.71 8.96 -16.44
N ILE A 122 -4.51 10.27 -16.37
CA ILE A 122 -3.58 10.93 -17.27
C ILE A 122 -2.19 10.38 -17.03
N MET A 123 -1.86 10.17 -15.75
CA MET A 123 -0.48 9.86 -15.54
C MET A 123 -0.20 8.41 -15.94
N ALA A 124 -1.21 7.56 -15.77
CA ALA A 124 -1.17 6.16 -16.25
C ALA A 124 -0.95 6.09 -17.77
N GLN A 125 -1.54 7.01 -18.52
CA GLN A 125 -1.27 7.10 -19.96
C GLN A 125 0.20 7.38 -20.22
N LEU A 126 0.71 8.48 -19.63
CA LEU A 126 2.07 8.92 -19.91
C LEU A 126 3.10 7.86 -19.52
N LYS A 127 2.94 7.26 -18.33
CA LYS A 127 3.90 6.24 -17.92
C LYS A 127 3.78 4.97 -18.76
N SER A 128 2.63 4.74 -19.40
CA SER A 128 2.45 3.63 -20.32
C SER A 128 3.03 3.90 -21.70
N GLY A 129 3.61 5.07 -21.92
CA GLY A 129 4.14 5.44 -23.22
C GLY A 129 3.16 6.13 -24.15
N VAL A 130 1.98 6.49 -23.66
CA VAL A 130 0.96 7.12 -24.50
C VAL A 130 1.24 8.61 -24.60
N GLY A 131 1.33 9.11 -25.83
CA GLY A 131 1.57 10.53 -26.06
C GLY A 131 0.36 11.28 -26.56
N SER A 132 -0.61 10.56 -27.13
CA SER A 132 -1.80 11.17 -27.72
C SER A 132 -3.02 10.37 -27.33
N VAL A 133 -4.13 11.07 -27.07
CA VAL A 133 -5.35 10.43 -26.59
C VAL A 133 -6.54 10.96 -27.40
N GLY A 134 -7.44 10.05 -27.76
CA GLY A 134 -8.77 10.42 -28.22
C GLY A 134 -9.74 10.34 -27.06
N ALA A 135 -10.10 11.48 -26.50
CA ALA A 135 -10.88 11.54 -25.27
C ALA A 135 -12.35 11.81 -25.59
N ILE A 136 -13.20 10.85 -25.29
CA ILE A 136 -14.64 11.03 -25.42
C ILE A 136 -15.15 11.77 -24.19
N SER A 137 -15.91 12.86 -24.42
CA SER A 137 -16.33 13.73 -23.34
C SER A 137 -17.78 14.12 -23.54
N ASN A 138 -18.58 14.01 -22.46
CA ASN A 138 -19.96 14.45 -22.47
C ASN A 138 -20.16 15.82 -21.83
N HIS A 139 -19.27 16.24 -20.93
CA HIS A 139 -19.44 17.47 -20.19
C HIS A 139 -18.16 18.33 -20.12
N LEU A 140 -17.06 17.88 -20.72
CA LEU A 140 -15.80 18.63 -20.76
C LEU A 140 -15.18 18.80 -19.37
N ILE A 141 -15.49 17.88 -18.44
CA ILE A 141 -14.94 17.98 -17.10
C ILE A 141 -13.46 17.62 -17.06
N GLU A 142 -12.98 16.85 -18.03
CA GLU A 142 -11.58 16.44 -18.07
C GLU A 142 -10.71 17.36 -18.90
N VAL A 143 -11.29 18.33 -19.62
CA VAL A 143 -10.54 19.11 -20.60
C VAL A 143 -9.45 19.94 -19.92
N ASN A 144 -9.77 20.56 -18.78
CA ASN A 144 -8.81 21.43 -18.11
C ASN A 144 -7.53 20.69 -17.76
N LEU A 145 -7.66 19.52 -17.14
CA LEU A 145 -6.48 18.74 -16.77
C LEU A 145 -5.72 18.28 -18.01
N LEU A 146 -6.44 17.89 -19.06
CA LEU A 146 -5.79 17.51 -20.31
C LEU A 146 -4.94 18.64 -20.88
N LYS A 147 -5.48 19.87 -20.88
CA LYS A 147 -4.75 20.99 -21.48
C LYS A 147 -3.43 21.26 -20.78
N GLU A 148 -3.39 21.22 -19.45
CA GLU A 148 -2.12 21.44 -18.77
C GLU A 148 -1.31 20.17 -18.61
N SER A 149 -1.73 19.07 -19.23
N SER A 149 -1.74 19.07 -19.22
CA SER A 149 -0.90 17.89 -19.35
CA SER A 149 -0.88 17.91 -19.35
C SER A 149 -0.12 17.95 -20.66
C SER A 149 -0.08 18.00 -20.64
N PRO A 150 1.05 17.30 -20.74
CA PRO A 150 1.81 17.29 -22.00
C PRO A 150 1.20 16.43 -23.09
N LEU A 151 0.06 15.78 -22.82
CA LEU A 151 -0.57 14.90 -23.80
C LEU A 151 -1.12 15.69 -24.98
N ASN A 152 -0.97 15.12 -26.19
CA ASN A 152 -1.77 15.55 -27.32
C ASN A 152 -3.19 15.03 -27.14
N ALA A 153 -4.18 15.92 -27.25
CA ALA A 153 -5.56 15.57 -26.96
C ALA A 153 -6.46 15.91 -28.13
N VAL A 154 -7.23 14.93 -28.59
CA VAL A 154 -8.37 15.14 -29.47
C VAL A 154 -9.62 14.84 -28.66
N VAL A 155 -10.35 15.87 -28.27
CA VAL A 155 -11.51 15.72 -27.41
C VAL A 155 -12.75 15.62 -28.28
N PHE A 156 -13.39 14.46 -28.25
CA PHE A 156 -14.65 14.22 -28.97
C PHE A 156 -15.79 14.56 -28.02
N LEU A 157 -16.43 15.71 -28.23
CA LEU A 157 -17.65 16.04 -27.50
C LEU A 157 -18.76 15.13 -28.00
N GLU A 158 -19.24 14.26 -27.12
CA GLU A 158 -20.14 13.18 -27.51
C GLU A 158 -21.59 13.57 -27.22
N PHE A 159 -22.44 13.43 -28.23
CA PHE A 159 -23.83 13.80 -28.11
C PHE A 159 -24.67 12.60 -27.70
N LEU A 160 -25.57 12.80 -26.73
CA LEU A 160 -26.55 11.82 -26.29
C LEU A 160 -27.94 12.42 -26.43
N GLY A 161 -28.88 11.63 -26.96
CA GLY A 161 -30.26 12.11 -27.06
C GLY A 161 -31.12 11.35 -28.03
N SER A 162 -32.10 10.61 -27.51
CA SER A 162 -32.96 9.76 -28.33
C SER A 162 -34.29 10.43 -28.69
N SER A 163 -34.51 11.67 -28.25
CA SER A 163 -35.72 12.41 -28.58
C SER A 163 -35.33 13.80 -29.07
N TYR A 164 -35.80 14.16 -30.26
CA TYR A 164 -35.36 15.39 -30.90
C TYR A 164 -35.76 16.61 -30.08
N SER A 165 -34.81 17.52 -29.89
CA SER A 165 -35.05 18.78 -29.19
C SER A 165 -34.13 19.84 -29.77
N LEU A 166 -34.70 20.88 -30.38
CA LEU A 166 -33.88 21.96 -30.91
C LEU A 166 -33.13 22.68 -29.79
N GLU A 167 -33.73 22.77 -28.60
CA GLU A 167 -33.03 23.37 -27.48
C GLU A 167 -31.80 22.56 -27.10
N LYS A 168 -31.93 21.23 -27.09
CA LYS A 168 -30.79 20.39 -26.75
C LYS A 168 -29.70 20.49 -27.80
N LEU A 169 -30.09 20.64 -29.07
CA LEU A 169 -29.11 20.87 -30.14
C LEU A 169 -28.35 22.16 -29.92
N LYS A 170 -29.08 23.24 -29.60
CA LYS A 170 -28.44 24.55 -29.44
C LYS A 170 -27.52 24.56 -28.23
N ALA A 171 -27.95 23.92 -27.13
CA ALA A 171 -27.06 23.81 -25.97
C ALA A 171 -25.84 22.96 -26.30
N PHE A 172 -26.02 21.93 -27.14
CA PHE A 172 -24.88 21.13 -27.56
C PHE A 172 -23.99 21.92 -28.52
N GLU A 173 -24.57 22.67 -29.47
CA GLU A 173 -23.75 23.54 -30.30
C GLU A 173 -22.97 24.53 -29.47
N ALA A 174 -23.56 24.98 -28.37
CA ALA A 174 -22.91 25.96 -27.54
C ALA A 174 -21.78 25.34 -26.73
N LYS A 175 -21.98 24.10 -26.28
CA LYS A 175 -20.90 23.42 -25.56
C LYS A 175 -19.72 23.16 -26.48
N PHE A 176 -19.97 22.84 -27.75
CA PHE A 176 -18.88 22.60 -28.69
C PHE A 176 -18.11 23.88 -28.98
N LYS A 177 -18.81 25.01 -29.09
CA LYS A 177 -18.13 26.30 -29.24
C LYS A 177 -17.21 26.57 -28.07
N GLU A 178 -17.63 26.17 -26.87
CA GLU A 178 -16.78 26.29 -25.69
C GLU A 178 -15.53 25.44 -25.83
N LEU A 179 -15.67 24.24 -26.40
CA LEU A 179 -14.51 23.39 -26.64
C LEU A 179 -13.63 23.96 -27.74
N LYS A 180 -14.24 24.49 -28.81
CA LYS A 180 -13.48 25.06 -29.91
C LYS A 180 -12.61 26.21 -29.44
N ASP A 181 -13.10 27.02 -28.50
CA ASP A 181 -12.34 28.16 -28.02
C ASP A 181 -11.15 27.76 -27.17
N LEU A 182 -11.02 26.49 -26.80
CA LEU A 182 -9.89 25.99 -26.04
C LEU A 182 -8.85 25.30 -26.92
N GLU A 183 -9.09 25.22 -28.23
CA GLU A 183 -8.15 24.55 -29.12
C GLU A 183 -6.80 25.27 -29.13
N ASP A 184 -5.73 24.48 -29.19
CA ASP A 184 -4.38 25.02 -29.36
C ASP A 184 -3.56 23.96 -30.11
N GLN A 185 -2.24 24.06 -30.00
CA GLN A 185 -1.37 23.10 -30.69
C GLN A 185 -1.46 21.71 -30.08
N LYS A 186 -1.97 21.58 -28.86
CA LYS A 186 -2.10 20.29 -28.20
C LYS A 186 -3.53 19.81 -28.06
N LEU A 187 -4.52 20.64 -28.39
CA LEU A 187 -5.93 20.28 -28.21
C LEU A 187 -6.66 20.48 -29.54
N LYS A 188 -7.23 19.40 -30.07
CA LYS A 188 -8.08 19.45 -31.24
C LYS A 188 -9.50 19.10 -30.82
N ALA A 189 -10.46 19.93 -31.23
CA ALA A 189 -11.87 19.69 -30.92
C ALA A 189 -12.49 18.78 -31.96
N ALA A 190 -13.28 17.82 -31.49
CA ALA A 190 -13.96 16.86 -32.36
C ALA A 190 -15.34 16.57 -31.77
N LEU A 191 -16.11 15.76 -32.48
CA LEU A 191 -17.49 15.48 -32.13
C LEU A 191 -17.76 13.99 -32.20
N ALA A 192 -18.76 13.54 -31.45
CA ALA A 192 -19.10 12.13 -31.42
C ALA A 192 -20.61 11.94 -31.34
N VAL A 193 -21.10 10.94 -32.06
CA VAL A 193 -22.45 10.42 -31.91
C VAL A 193 -22.34 9.16 -31.07
N HIS A 194 -23.11 9.09 -29.98
CA HIS A 194 -22.87 8.02 -29.01
C HIS A 194 -23.07 6.65 -29.65
N ALA A 195 -24.28 6.35 -30.10
CA ALA A 195 -24.61 5.00 -30.54
C ALA A 195 -25.92 5.06 -31.33
N PRO A 196 -26.21 4.03 -32.13
CA PRO A 196 -27.50 3.99 -32.85
C PRO A 196 -28.71 3.94 -31.93
N TYR A 197 -28.59 3.35 -30.73
CA TYR A 197 -29.73 3.22 -29.84
C TYR A 197 -29.97 4.44 -28.97
N SER A 198 -29.04 5.40 -28.95
CA SER A 198 -29.10 6.50 -28.01
C SER A 198 -29.21 7.88 -28.66
N VAL A 199 -29.08 7.98 -29.99
CA VAL A 199 -29.12 9.27 -30.67
C VAL A 199 -30.18 9.21 -31.77
N GLN A 200 -31.19 10.07 -31.66
CA GLN A 200 -32.20 10.17 -32.69
C GLN A 200 -31.57 10.63 -34.01
N LYS A 201 -32.15 10.18 -35.13
CA LYS A 201 -31.50 10.31 -36.42
C LYS A 201 -31.23 11.76 -36.79
N ASP A 202 -32.25 12.62 -36.66
CA ASP A 202 -32.07 14.01 -37.06
C ASP A 202 -31.13 14.76 -36.12
N MET A 203 -31.04 14.32 -34.86
CA MET A 203 -30.02 14.87 -33.97
C MET A 203 -28.63 14.47 -34.43
N ALA A 204 -28.45 13.23 -34.85
CA ALA A 204 -27.15 12.78 -35.34
C ALA A 204 -26.76 13.51 -36.61
N LEU A 205 -27.71 13.67 -37.54
CA LEU A 205 -27.44 14.41 -38.77
C LEU A 205 -26.97 15.83 -38.47
N SER A 206 -27.55 16.45 -37.43
CA SER A 206 -27.14 17.80 -37.06
C SER A 206 -25.71 17.82 -36.52
N VAL A 207 -25.37 16.82 -35.69
CA VAL A 207 -24.00 16.75 -35.18
C VAL A 207 -23.02 16.50 -36.32
N ILE A 208 -23.38 15.61 -37.24
CA ILE A 208 -22.51 15.31 -38.38
C ILE A 208 -22.31 16.55 -39.25
N GLN A 209 -23.38 17.32 -39.45
CA GLN A 209 -23.27 18.56 -40.21
C GLN A 209 -22.37 19.56 -39.50
N LEU A 210 -22.52 19.68 -38.18
CA LEU A 210 -21.67 20.58 -37.41
C LEU A 210 -20.20 20.19 -37.53
N ALA A 211 -19.92 18.89 -37.56
CA ALA A 211 -18.54 18.44 -37.75
C ALA A 211 -18.01 18.83 -39.12
N LYS A 212 -18.83 18.70 -40.16
CA LYS A 212 -18.41 19.11 -41.50
C LYS A 212 -18.17 20.61 -41.56
N ASP A 213 -19.07 21.40 -40.98
CA ASP A 213 -18.91 22.86 -41.00
C ASP A 213 -17.66 23.30 -40.26
N SER A 214 -17.26 22.56 -39.24
CA SER A 214 -16.09 22.91 -38.43
C SER A 214 -14.87 22.06 -38.78
N GLN A 215 -14.97 21.21 -39.80
CA GLN A 215 -13.88 20.33 -40.24
C GLN A 215 -13.36 19.48 -39.07
N SER A 216 -14.31 18.90 -38.33
CA SER A 216 -14.01 18.11 -37.14
C SER A 216 -14.06 16.62 -37.45
N LEU A 217 -13.27 15.86 -36.69
CA LEU A 217 -13.35 14.40 -36.77
C LEU A 217 -14.63 13.92 -36.09
N LEU A 218 -15.01 12.68 -36.41
N LEU A 218 -15.02 12.69 -36.41
CA LEU A 218 -16.19 12.05 -35.84
CA LEU A 218 -16.21 12.07 -35.82
C LEU A 218 -15.80 10.73 -35.18
C LEU A 218 -15.84 10.72 -35.22
N SER A 219 -16.63 10.30 -34.23
CA SER A 219 -16.45 9.02 -33.58
C SER A 219 -17.82 8.52 -33.15
N THR A 220 -17.97 7.20 -33.07
CA THR A 220 -19.24 6.61 -32.70
C THR A 220 -19.02 5.18 -32.23
N HIS A 221 -19.87 4.74 -31.31
CA HIS A 221 -19.94 3.34 -30.91
C HIS A 221 -20.87 2.60 -31.87
N PHE A 222 -20.42 1.46 -32.38
CA PHE A 222 -21.18 0.76 -33.42
C PHE A 222 -21.23 -0.72 -33.13
N LEU A 223 -22.45 -1.26 -33.02
CA LEU A 223 -22.72 -2.69 -32.94
C LEU A 223 -21.80 -3.37 -31.92
N GLU A 224 -21.89 -2.87 -30.68
CA GLU A 224 -21.09 -3.33 -29.56
C GLU A 224 -21.70 -4.54 -28.86
N SER A 225 -22.96 -4.87 -29.13
CA SER A 225 -23.63 -5.92 -28.40
C SER A 225 -24.64 -6.63 -29.30
N LEU A 226 -25.01 -7.84 -28.90
CA LEU A 226 -26.12 -8.52 -29.56
C LEU A 226 -27.43 -7.77 -29.35
N GLU A 227 -27.60 -7.17 -28.17
CA GLU A 227 -28.82 -6.41 -27.90
C GLU A 227 -28.98 -5.27 -28.89
N GLU A 228 -27.90 -4.54 -29.17
CA GLU A 228 -27.96 -3.47 -30.15
C GLU A 228 -28.25 -4.00 -31.56
N LEU A 229 -27.64 -5.14 -31.90
CA LEU A 229 -27.85 -5.71 -33.24
C LEU A 229 -29.31 -6.11 -33.43
N GLU A 230 -29.91 -6.76 -32.43
CA GLU A 230 -31.31 -7.16 -32.53
C GLU A 230 -32.23 -5.94 -32.59
N TRP A 231 -31.87 -4.88 -31.85
CA TRP A 231 -32.65 -3.65 -31.89
C TRP A 231 -32.53 -2.97 -33.25
N VAL A 232 -31.30 -2.79 -33.72
CA VAL A 232 -31.06 -2.06 -34.96
C VAL A 232 -31.70 -2.80 -36.15
N GLU A 233 -31.55 -4.12 -36.19
CA GLU A 233 -32.00 -4.87 -37.36
C GLU A 233 -33.49 -5.14 -37.33
N ASN A 234 -34.05 -5.49 -36.17
CA ASN A 234 -35.43 -5.99 -36.11
C ASN A 234 -36.29 -5.33 -35.05
N SER A 235 -35.78 -4.30 -34.36
CA SER A 235 -36.55 -3.61 -33.31
C SER A 235 -37.07 -4.59 -32.25
N LYS A 236 -36.24 -5.55 -31.89
CA LYS A 236 -36.60 -6.54 -30.88
C LYS A 236 -35.45 -6.68 -29.88
N GLY A 237 -35.74 -7.40 -28.80
CA GLY A 237 -34.75 -7.66 -27.78
C GLY A 237 -34.86 -6.74 -26.57
N TRP A 238 -33.73 -6.64 -25.87
CA TRP A 238 -33.69 -5.93 -24.60
C TRP A 238 -34.07 -4.45 -24.74
N PHE A 239 -33.71 -3.82 -25.86
CA PHE A 239 -33.96 -2.40 -26.04
C PHE A 239 -35.45 -2.07 -26.24
N GLU A 240 -36.33 -3.07 -26.25
CA GLU A 240 -37.77 -2.81 -26.38
C GLU A 240 -38.27 -1.88 -25.29
N ASN A 241 -37.82 -2.09 -24.06
CA ASN A 241 -38.28 -1.32 -22.91
C ASN A 241 -37.25 -0.29 -22.44
N PHE A 242 -36.14 -0.15 -23.18
CA PHE A 242 -35.04 0.70 -22.73
C PHE A 242 -35.47 2.16 -22.60
N TYR A 243 -36.27 2.63 -23.55
CA TYR A 243 -36.59 4.06 -23.60
C TYR A 243 -37.61 4.44 -22.53
N GLN A 244 -38.59 3.56 -22.28
CA GLN A 244 -39.54 3.82 -21.20
C GLN A 244 -38.89 3.64 -19.84
N ARG A 245 -38.15 2.53 -19.68
CA ARG A 245 -37.60 2.17 -18.38
C ARG A 245 -36.55 3.18 -17.91
N PHE A 246 -35.63 3.55 -18.80
CA PHE A 246 -34.47 4.34 -18.39
C PHE A 246 -34.58 5.81 -18.75
N LEU A 247 -35.25 6.16 -19.85
CA LEU A 247 -35.27 7.53 -20.32
C LEU A 247 -36.62 8.22 -20.21
N LYS A 248 -37.67 7.48 -19.82
CA LYS A 248 -39.03 8.02 -19.77
C LYS A 248 -39.44 8.61 -21.11
N GLU A 249 -39.15 7.87 -22.18
CA GLU A 249 -39.48 8.26 -23.54
C GLU A 249 -40.38 7.20 -24.17
N SER A 250 -41.39 7.65 -24.92
CA SER A 250 -42.33 6.75 -25.57
C SER A 250 -41.81 6.40 -26.95
N ASN A 251 -40.83 5.50 -26.98
CA ASN A 251 -40.25 5.00 -28.22
C ASN A 251 -40.10 3.48 -28.12
N PHE A 252 -40.66 2.76 -29.08
CA PHE A 252 -40.68 1.30 -29.06
C PHE A 252 -40.10 0.69 -30.33
N THR A 253 -39.65 1.51 -31.27
N THR A 253 -39.65 1.51 -31.27
CA THR A 253 -39.00 1.03 -32.48
CA THR A 253 -38.99 1.03 -32.47
C THR A 253 -37.60 1.65 -32.57
C THR A 253 -37.60 1.63 -32.57
N SER A 254 -36.76 1.01 -33.38
CA SER A 254 -35.39 1.47 -33.53
C SER A 254 -35.35 2.88 -34.10
N LEU A 255 -34.35 3.65 -33.68
CA LEU A 255 -34.12 4.97 -34.25
C LEU A 255 -33.58 4.90 -35.67
N TYR A 256 -33.16 3.71 -36.12
CA TYR A 256 -32.60 3.53 -37.45
C TYR A 256 -33.09 2.19 -37.99
N GLU A 257 -33.59 2.19 -39.21
CA GLU A 257 -34.09 0.96 -39.86
C GLU A 257 -32.90 0.27 -40.53
N GLY A 258 -32.20 -0.55 -39.76
CA GLY A 258 -31.08 -1.31 -40.26
C GLY A 258 -29.75 -0.62 -40.04
N ALA A 259 -28.68 -1.41 -40.07
CA ALA A 259 -27.34 -0.87 -39.85
C ALA A 259 -26.96 0.10 -40.95
N ASN A 260 -27.35 -0.17 -42.19
CA ASN A 260 -26.97 0.69 -43.31
C ASN A 260 -27.56 2.09 -43.15
N ASP A 261 -28.76 2.21 -42.59
CA ASP A 261 -29.34 3.53 -42.35
C ASP A 261 -28.45 4.36 -41.43
N TYR A 262 -27.85 3.72 -40.42
CA TYR A 262 -26.95 4.44 -39.52
C TYR A 262 -25.62 4.73 -40.19
N ILE A 263 -25.03 3.72 -40.84
CA ILE A 263 -23.72 3.89 -41.47
C ILE A 263 -23.75 5.01 -42.51
N ASP A 264 -24.81 5.04 -43.33
CA ASP A 264 -24.86 5.98 -44.44
C ASP A 264 -24.84 7.44 -43.98
N MET A 265 -25.24 7.73 -42.74
CA MET A 265 -25.16 9.09 -42.23
C MET A 265 -23.74 9.64 -42.28
N PHE A 266 -22.74 8.76 -42.11
CA PHE A 266 -21.34 9.15 -42.06
C PHE A 266 -20.66 9.06 -43.42
N LYS A 267 -21.44 8.98 -44.50
CA LYS A 267 -20.88 8.88 -45.84
C LYS A 267 -19.92 10.04 -46.12
N ASP A 268 -18.75 9.71 -46.66
CA ASP A 268 -17.71 10.67 -47.01
C ASP A 268 -17.33 11.55 -45.83
N THR A 269 -16.91 10.88 -44.75
CA THR A 269 -16.46 11.55 -43.54
C THR A 269 -15.20 10.86 -43.03
N HIS A 270 -14.56 11.51 -42.05
CA HIS A 270 -13.47 10.90 -41.27
C HIS A 270 -14.07 10.51 -39.93
N THR A 271 -14.51 9.26 -39.80
CA THR A 271 -15.25 8.80 -38.63
C THR A 271 -14.62 7.56 -38.04
N LEU A 272 -14.39 7.59 -36.72
CA LEU A 272 -13.94 6.42 -35.98
C LEU A 272 -15.15 5.57 -35.58
N PHE A 273 -15.10 4.29 -35.90
CA PHE A 273 -16.13 3.33 -35.51
C PHE A 273 -15.54 2.41 -34.44
N VAL A 274 -16.11 2.46 -33.24
CA VAL A 274 -15.56 1.77 -32.07
C VAL A 274 -16.32 0.47 -31.83
N HIS A 275 -15.59 -0.58 -31.44
CA HIS A 275 -16.09 -1.90 -31.04
C HIS A 275 -16.39 -2.78 -32.26
N ASN A 276 -17.61 -2.73 -32.78
CA ASN A 276 -18.00 -3.33 -34.06
C ASN A 276 -18.04 -4.86 -34.07
N GLN A 277 -17.99 -5.53 -32.91
CA GLN A 277 -17.86 -6.99 -32.93
C GLN A 277 -19.08 -7.67 -33.52
N PHE A 278 -20.25 -7.02 -33.51
CA PHE A 278 -21.46 -7.61 -34.06
C PHE A 278 -21.82 -7.04 -35.43
N ALA A 279 -20.89 -6.34 -36.07
CA ALA A 279 -21.06 -5.92 -37.45
C ALA A 279 -20.73 -7.07 -38.38
N SER A 280 -21.68 -7.41 -39.26
CA SER A 280 -21.44 -8.43 -40.26
C SER A 280 -20.38 -7.97 -41.26
N LEU A 281 -19.96 -8.90 -42.12
CA LEU A 281 -19.01 -8.55 -43.17
C LEU A 281 -19.60 -7.51 -44.12
N GLU A 282 -20.89 -7.64 -44.45
CA GLU A 282 -21.52 -6.64 -45.30
C GLU A 282 -21.52 -5.27 -44.63
N ALA A 283 -21.78 -5.23 -43.32
CA ALA A 283 -21.79 -3.95 -42.61
C ALA A 283 -20.40 -3.32 -42.59
N LEU A 284 -19.37 -4.11 -42.34
CA LEU A 284 -18.01 -3.58 -42.37
C LEU A 284 -17.64 -3.11 -43.77
N LYS A 285 -18.04 -3.85 -44.80
CA LYS A 285 -17.78 -3.41 -46.16
C LYS A 285 -18.58 -2.14 -46.49
N ARG A 286 -19.79 -2.03 -45.96
CA ARG A 286 -20.58 -0.82 -46.15
C ARG A 286 -19.90 0.37 -45.49
N ILE A 287 -19.35 0.17 -44.28
CA ILE A 287 -18.62 1.22 -43.60
C ILE A 287 -17.44 1.68 -44.46
N LYS A 288 -16.68 0.73 -44.99
CA LYS A 288 -15.51 1.05 -45.79
C LYS A 288 -15.89 1.83 -47.05
N SER A 289 -16.89 1.36 -47.78
CA SER A 289 -17.24 1.97 -49.06
C SER A 289 -17.97 3.29 -48.90
N GLN A 290 -18.79 3.43 -47.85
CA GLN A 290 -19.59 4.64 -47.69
C GLN A 290 -18.83 5.75 -46.98
N VAL A 291 -18.12 5.43 -45.89
CA VAL A 291 -17.45 6.46 -45.11
C VAL A 291 -16.18 6.95 -45.79
N LYS A 292 -15.54 6.09 -46.59
CA LYS A 292 -14.31 6.39 -47.33
C LYS A 292 -13.09 6.50 -46.41
N ASN A 293 -13.23 7.24 -45.30
CA ASN A 293 -12.13 7.37 -44.34
C ASN A 293 -12.56 6.90 -42.96
N ALA A 294 -12.99 5.63 -42.87
CA ALA A 294 -13.38 5.03 -41.60
C ALA A 294 -12.18 4.45 -40.88
N PHE A 295 -12.27 4.39 -39.55
CA PHE A 295 -11.19 3.86 -38.71
C PHE A 295 -11.81 3.01 -37.62
N LEU A 296 -11.60 1.69 -37.70
CA LEU A 296 -12.11 0.79 -36.68
C LEU A 296 -11.24 0.85 -35.43
N ILE A 297 -11.89 1.03 -34.28
CA ILE A 297 -11.23 1.04 -32.99
C ILE A 297 -11.71 -0.17 -32.20
N THR A 298 -10.77 -0.91 -31.63
CA THR A 298 -11.11 -2.12 -30.88
C THR A 298 -10.65 -1.98 -29.43
N CYS A 299 -11.50 -2.42 -28.51
CA CYS A 299 -11.23 -2.34 -27.07
C CYS A 299 -11.39 -3.72 -26.48
N PRO A 300 -10.33 -4.53 -26.45
CA PRO A 300 -10.48 -5.95 -26.07
C PRO A 300 -11.02 -6.18 -24.67
N PHE A 301 -10.53 -5.45 -23.66
CA PHE A 301 -10.98 -5.72 -22.30
C PHE A 301 -12.43 -5.29 -22.10
N SER A 302 -12.79 -4.12 -22.61
CA SER A 302 -14.18 -3.66 -22.53
C SER A 302 -15.11 -4.63 -23.24
N ASN A 303 -14.73 -5.12 -24.41
CA ASN A 303 -15.56 -6.08 -25.14
C ASN A 303 -15.77 -7.35 -24.33
N ARG A 304 -14.74 -7.80 -23.62
CA ARG A 304 -14.87 -9.01 -22.81
C ARG A 304 -15.79 -8.78 -21.61
N LEU A 305 -15.72 -7.59 -21.00
CA LEU A 305 -16.50 -7.32 -19.81
C LEU A 305 -17.98 -7.07 -20.12
N LEU A 306 -18.27 -6.57 -21.32
CA LEU A 306 -19.65 -6.20 -21.64
C LEU A 306 -20.33 -7.33 -22.41
N SER A 307 -20.29 -7.28 -23.74
CA SER A 307 -20.95 -8.30 -24.54
C SER A 307 -20.28 -9.66 -24.37
N GLY A 308 -18.98 -9.68 -24.08
CA GLY A 308 -18.25 -10.91 -23.99
C GLY A 308 -17.75 -11.48 -25.30
N LYS A 309 -17.95 -10.77 -26.41
CA LYS A 309 -17.53 -11.22 -27.73
C LYS A 309 -16.40 -10.32 -28.23
N ALA A 310 -15.33 -10.94 -28.74
CA ALA A 310 -14.20 -10.21 -29.29
C ALA A 310 -14.44 -9.86 -30.75
N LEU A 311 -13.81 -8.78 -31.19
CA LEU A 311 -13.84 -8.41 -32.60
C LEU A 311 -13.16 -9.48 -33.45
N ASP A 312 -13.84 -9.91 -34.50
CA ASP A 312 -13.29 -10.91 -35.42
C ASP A 312 -12.29 -10.22 -36.34
N LEU A 313 -11.00 -10.41 -36.05
CA LEU A 313 -9.96 -9.74 -36.84
C LEU A 313 -9.90 -10.26 -38.28
N GLU A 314 -10.20 -11.54 -38.48
CA GLU A 314 -10.28 -12.07 -39.84
C GLU A 314 -11.37 -11.37 -40.63
N ARG A 315 -12.54 -11.17 -40.02
CA ARG A 315 -13.62 -10.44 -40.67
C ARG A 315 -13.18 -9.02 -41.00
N VAL A 316 -12.48 -8.36 -40.08
CA VAL A 316 -11.99 -7.00 -40.33
C VAL A 316 -11.06 -7.00 -41.54
N ARG A 317 -10.18 -7.99 -41.62
CA ARG A 317 -9.28 -8.10 -42.77
C ARG A 317 -10.05 -8.37 -44.05
N GLU A 318 -11.05 -9.25 -43.98
CA GLU A 318 -11.85 -9.56 -45.17
C GLU A 318 -12.58 -8.33 -45.70
N ALA A 319 -12.96 -7.41 -44.83
CA ALA A 319 -13.61 -6.18 -45.24
C ALA A 319 -12.64 -5.14 -45.78
N GLY A 320 -11.34 -5.41 -45.73
CA GLY A 320 -10.36 -4.45 -46.20
C GLY A 320 -10.08 -3.32 -45.24
N LEU A 321 -10.21 -3.56 -43.94
CA LEU A 321 -10.00 -2.55 -42.93
C LEU A 321 -8.89 -2.99 -41.97
N SER A 322 -8.49 -2.05 -41.11
CA SER A 322 -7.49 -2.28 -40.08
C SER A 322 -8.01 -1.71 -38.76
N VAL A 323 -7.33 -2.05 -37.67
CA VAL A 323 -7.81 -1.66 -36.35
C VAL A 323 -6.74 -0.86 -35.61
N SER A 324 -7.22 0.04 -34.75
CA SER A 324 -6.44 0.65 -33.69
C SER A 324 -6.94 0.12 -32.35
N VAL A 325 -6.02 -0.06 -31.41
CA VAL A 325 -6.33 -0.64 -30.11
C VAL A 325 -6.40 0.46 -29.06
N ALA A 326 -7.48 0.50 -28.29
CA ALA A 326 -7.71 1.53 -27.29
C ALA A 326 -8.19 0.90 -25.99
N THR A 327 -8.00 1.64 -24.90
CA THR A 327 -8.30 1.15 -23.56
C THR A 327 -9.76 1.30 -23.18
N ASP A 328 -10.51 2.16 -23.86
CA ASP A 328 -11.81 2.64 -23.39
C ASP A 328 -11.60 3.33 -22.05
N GLY A 329 -12.65 3.46 -21.24
CA GLY A 329 -12.54 4.06 -19.94
C GLY A 329 -12.55 3.02 -18.83
N LEU A 330 -12.25 3.49 -17.61
CA LEU A 330 -12.38 2.65 -16.44
C LEU A 330 -13.83 2.29 -16.13
N SER A 331 -14.79 2.89 -16.85
CA SER A 331 -16.16 2.41 -16.80
C SER A 331 -16.31 1.01 -17.38
N SER A 332 -15.33 0.55 -18.16
CA SER A 332 -15.39 -0.78 -18.75
C SER A 332 -13.99 -1.38 -18.88
N ASN A 333 -13.15 -1.16 -17.87
CA ASN A 333 -11.79 -1.68 -17.87
C ASN A 333 -11.26 -1.61 -16.45
N ILE A 334 -10.16 -2.33 -16.21
CA ILE A 334 -9.48 -2.28 -14.91
C ILE A 334 -8.19 -1.49 -14.96
N SER A 335 -7.69 -1.16 -16.15
CA SER A 335 -6.44 -0.42 -16.28
C SER A 335 -6.51 0.47 -17.51
N LEU A 336 -5.87 1.63 -17.42
CA LEU A 336 -5.75 2.54 -18.55
C LEU A 336 -4.35 2.51 -19.16
N SER A 337 -3.49 1.62 -18.68
CA SER A 337 -2.22 1.36 -19.36
C SER A 337 -2.50 0.75 -20.72
N LEU A 338 -2.04 1.41 -21.79
CA LEU A 338 -2.23 0.84 -23.12
C LEU A 338 -1.45 -0.45 -23.27
N LEU A 339 -0.33 -0.58 -22.55
CA LEU A 339 0.44 -1.83 -22.59
C LEU A 339 -0.36 -2.98 -22.01
N ASP A 340 -1.09 -2.74 -20.93
CA ASP A 340 -2.00 -3.76 -20.40
C ASP A 340 -3.07 -4.12 -21.42
N GLU A 341 -3.61 -3.12 -22.12
CA GLU A 341 -4.63 -3.37 -23.13
C GLU A 341 -4.07 -4.19 -24.28
N LEU A 342 -2.82 -3.93 -24.67
CA LEU A 342 -2.21 -4.68 -25.76
C LEU A 342 -1.99 -6.14 -25.39
N ARG A 343 -1.61 -6.40 -24.13
CA ARG A 343 -1.48 -7.78 -23.69
C ARG A 343 -2.83 -8.48 -23.63
N ALA A 344 -3.87 -7.76 -23.21
CA ALA A 344 -5.21 -8.32 -23.28
C ALA A 344 -5.60 -8.62 -24.72
N PHE A 345 -5.20 -7.73 -25.64
CA PHE A 345 -5.44 -7.93 -27.07
C PHE A 345 -4.78 -9.23 -27.56
N LEU A 346 -3.55 -9.49 -27.12
CA LEU A 346 -2.88 -10.72 -27.52
C LEU A 346 -3.62 -11.95 -27.00
N LEU A 347 -4.22 -11.85 -25.81
CA LEU A 347 -4.94 -12.96 -25.23
C LEU A 347 -6.32 -13.16 -25.84
N SER A 348 -6.88 -12.14 -26.50
CA SER A 348 -8.26 -12.15 -26.96
C SER A 348 -8.43 -12.65 -28.38
N HIS A 349 -7.35 -12.97 -29.08
CA HIS A 349 -7.43 -13.41 -30.47
C HIS A 349 -6.48 -14.56 -30.71
N ASN A 350 -6.94 -15.55 -31.49
CA ASN A 350 -6.21 -16.79 -31.70
C ASN A 350 -5.31 -16.76 -32.94
N MET A 351 -5.12 -15.59 -33.54
CA MET A 351 -4.19 -15.42 -34.63
C MET A 351 -2.78 -15.80 -34.17
N PRO A 352 -1.93 -16.34 -35.09
CA PRO A 352 -0.52 -16.56 -34.76
C PRO A 352 0.12 -15.38 -34.04
N LEU A 353 0.77 -15.67 -32.91
CA LEU A 353 1.13 -14.63 -31.96
C LEU A 353 2.10 -13.61 -32.57
N LEU A 354 3.09 -14.08 -33.33
CA LEU A 354 4.03 -13.15 -33.95
C LEU A 354 3.33 -12.23 -34.93
N GLU A 355 2.37 -12.76 -35.70
CA GLU A 355 1.60 -11.93 -36.61
C GLU A 355 0.71 -10.97 -35.83
N LEU A 356 0.10 -11.44 -34.74
CA LEU A 356 -0.79 -10.60 -33.95
C LEU A 356 -0.03 -9.49 -33.23
N ALA A 357 1.24 -9.74 -32.87
CA ALA A 357 2.04 -8.73 -32.20
C ALA A 357 2.28 -7.53 -33.10
N LYS A 358 2.45 -7.77 -34.41
CA LYS A 358 2.60 -6.66 -35.35
C LYS A 358 1.32 -5.84 -35.44
N ILE A 359 0.17 -6.51 -35.48
CA ILE A 359 -1.11 -5.82 -35.51
C ILE A 359 -1.29 -5.00 -34.24
N ALA A 360 -0.92 -5.56 -33.09
CA ALA A 360 -1.08 -4.85 -31.82
C ALA A 360 -0.21 -3.61 -31.79
N LEU A 361 1.05 -3.72 -32.21
CA LEU A 361 1.96 -2.57 -32.18
C LEU A 361 1.49 -1.46 -33.12
N LEU A 362 1.17 -1.83 -34.37
CA LEU A 362 0.66 -0.83 -35.31
C LEU A 362 -0.69 -0.30 -34.86
N GLY A 363 -1.50 -1.13 -34.21
CA GLY A 363 -2.75 -0.66 -33.64
C GLY A 363 -2.59 0.37 -32.55
N ALA A 364 -1.43 0.40 -31.89
CA ALA A 364 -1.15 1.35 -30.83
C ALA A 364 -0.33 2.55 -31.30
N THR A 365 0.13 2.56 -32.55
CA THR A 365 0.97 3.64 -33.02
C THR A 365 0.43 4.25 -34.31
N ARG A 366 0.88 3.73 -35.46
CA ARG A 366 0.59 4.38 -36.73
C ARG A 366 -0.90 4.45 -37.02
N HIS A 367 -1.64 3.37 -36.75
CA HIS A 367 -3.05 3.34 -37.08
C HIS A 367 -3.84 4.34 -36.25
N GLY A 368 -3.55 4.42 -34.95
CA GLY A 368 -4.23 5.40 -34.12
C GLY A 368 -3.90 6.83 -34.51
N ALA A 369 -2.66 7.07 -34.93
CA ALA A 369 -2.28 8.39 -35.42
C ALA A 369 -3.08 8.75 -36.65
N LYS A 370 -3.26 7.80 -37.58
CA LYS A 370 -4.08 8.05 -38.76
C LYS A 370 -5.54 8.29 -38.38
N ALA A 371 -6.05 7.56 -37.40
CA ALA A 371 -7.43 7.75 -36.99
C ALA A 371 -7.66 9.14 -36.41
N LEU A 372 -6.71 9.65 -35.65
CA LEU A 372 -6.84 10.95 -35.03
C LEU A 372 -6.29 12.09 -35.90
N ALA A 373 -5.82 11.79 -37.11
CA ALA A 373 -5.25 12.81 -38.02
C ALA A 373 -4.13 13.58 -37.33
N LEU A 374 -3.25 12.83 -36.68
CA LEU A 374 -2.11 13.31 -35.91
C LEU A 374 -0.84 13.05 -36.70
N ASN A 375 0.18 13.92 -36.57
CA ASN A 375 1.42 13.77 -37.36
C ASN A 375 2.49 13.03 -36.54
N ASN A 376 2.13 11.83 -36.12
CA ASN A 376 3.00 11.04 -35.28
C ASN A 376 2.69 9.58 -35.49
N GLY A 377 3.00 8.75 -34.49
CA GLY A 377 2.76 7.33 -34.55
C GLY A 377 3.75 6.54 -35.37
N GLU A 378 4.81 7.18 -35.87
CA GLU A 378 5.76 6.50 -36.74
C GLU A 378 7.08 7.26 -36.69
N ILE A 379 8.18 6.52 -36.68
CA ILE A 379 9.52 7.11 -36.68
C ILE A 379 9.88 7.37 -38.14
N GLU A 380 9.63 8.59 -38.60
CA GLU A 380 9.86 8.99 -39.98
C GLU A 380 10.12 10.49 -40.00
N THR A 381 11.02 10.91 -40.90
CA THR A 381 11.36 12.32 -40.98
C THR A 381 10.12 13.17 -41.23
N ASN A 382 10.06 14.31 -40.54
CA ASN A 382 9.01 15.33 -40.58
C ASN A 382 7.83 14.96 -39.67
N LYS A 383 7.80 13.76 -39.09
CA LYS A 383 6.79 13.47 -38.09
C LYS A 383 7.15 14.13 -36.77
N ARG A 384 6.16 14.25 -35.89
CA ARG A 384 6.40 14.81 -34.57
C ARG A 384 7.40 13.93 -33.81
N ALA A 385 8.22 14.58 -32.98
CA ALA A 385 9.17 13.89 -32.12
C ALA A 385 8.47 13.40 -30.83
N ASP A 386 7.50 12.52 -31.03
CA ASP A 386 6.80 11.86 -29.93
C ASP A 386 7.41 10.47 -29.79
N LEU A 387 8.32 10.31 -28.83
CA LEU A 387 9.18 9.14 -28.77
C LEU A 387 9.21 8.55 -27.37
N SER A 388 9.16 7.22 -27.30
CA SER A 388 9.26 6.48 -26.04
C SER A 388 10.51 5.63 -26.06
N VAL A 389 11.14 5.49 -24.89
CA VAL A 389 12.24 4.57 -24.67
C VAL A 389 11.87 3.66 -23.50
N PHE A 390 11.92 2.34 -23.72
CA PHE A 390 11.65 1.35 -22.70
C PHE A 390 12.90 0.52 -22.47
N GLY A 391 13.33 0.42 -21.22
CA GLY A 391 14.56 -0.29 -20.87
C GLY A 391 14.27 -1.69 -20.38
N PHE A 392 15.15 -2.62 -20.73
CA PHE A 392 15.02 -4.02 -20.36
C PHE A 392 16.37 -4.54 -19.87
N ASN A 393 16.37 -5.79 -19.39
CA ASN A 393 17.57 -6.44 -18.86
C ASN A 393 18.27 -7.30 -19.90
N GLU A 394 17.73 -7.40 -21.11
CA GLU A 394 18.34 -8.22 -22.15
C GLU A 394 18.00 -7.60 -23.50
N LYS A 395 18.71 -8.05 -24.54
CA LYS A 395 18.48 -7.61 -25.91
C LYS A 395 17.65 -8.68 -26.61
N PHE A 396 16.49 -8.29 -27.13
CA PHE A 396 15.64 -9.24 -27.83
C PHE A 396 16.20 -9.54 -29.21
N THR A 397 15.96 -10.76 -29.68
CA THR A 397 16.25 -11.07 -31.08
C THR A 397 15.34 -10.24 -31.98
N LYS A 398 15.80 -10.04 -33.22
CA LYS A 398 15.06 -9.20 -34.17
C LYS A 398 13.64 -9.72 -34.37
N GLU A 399 13.48 -11.02 -34.56
CA GLU A 399 12.16 -11.57 -34.87
C GLU A 399 11.27 -11.69 -33.64
N GLN A 400 11.84 -11.68 -32.43
CA GLN A 400 11.06 -11.73 -31.20
C GLN A 400 10.87 -10.36 -30.58
N ALA A 401 11.50 -9.31 -31.13
CA ALA A 401 11.59 -8.03 -30.44
C ALA A 401 10.22 -7.44 -30.15
N ILE A 402 9.33 -7.44 -31.15
CA ILE A 402 8.02 -6.80 -30.99
C ILE A 402 7.18 -7.54 -29.96
N LEU A 403 7.16 -8.87 -30.03
CA LEU A 403 6.36 -9.66 -29.08
C LEU A 403 6.92 -9.55 -27.67
N GLN A 404 8.25 -9.71 -27.52
CA GLN A 404 8.86 -9.61 -26.19
C GLN A 404 8.66 -8.21 -25.60
N PHE A 405 8.72 -7.18 -26.44
CA PHE A 405 8.44 -5.82 -25.98
C PHE A 405 7.02 -5.73 -25.41
N LEU A 406 6.03 -6.20 -26.16
CA LEU A 406 4.65 -6.14 -25.70
C LEU A 406 4.44 -6.94 -24.43
N LEU A 407 5.18 -8.04 -24.25
CA LEU A 407 5.01 -8.87 -23.07
C LEU A 407 5.65 -8.24 -21.83
N HIS A 408 6.77 -7.55 -21.99
CA HIS A 408 7.56 -7.10 -20.85
C HIS A 408 7.50 -5.60 -20.59
N ALA A 409 7.06 -4.79 -21.55
CA ALA A 409 7.01 -3.35 -21.34
C ALA A 409 5.94 -2.99 -20.32
N LYS A 410 6.33 -2.29 -19.26
CA LYS A 410 5.40 -1.85 -18.24
C LYS A 410 5.42 -0.34 -18.04
N GLU A 411 6.59 0.25 -17.79
CA GLU A 411 6.69 1.69 -17.59
C GLU A 411 7.79 2.24 -18.51
N VAL A 412 7.52 3.42 -19.08
CA VAL A 412 8.48 4.02 -20.00
C VAL A 412 9.66 4.59 -19.23
N GLU A 413 10.85 4.51 -19.86
CA GLU A 413 12.06 5.04 -19.26
C GLU A 413 12.33 6.47 -19.70
N ARG A 414 12.03 6.79 -20.96
CA ARG A 414 12.07 8.15 -21.47
C ARG A 414 10.85 8.39 -22.33
N LEU A 415 10.22 9.54 -22.12
CA LEU A 415 9.10 9.97 -22.97
C LEU A 415 9.41 11.38 -23.46
N PHE A 416 9.47 11.54 -24.77
CA PHE A 416 9.63 12.85 -25.41
C PHE A 416 8.35 13.15 -26.18
N LEU A 417 7.80 14.34 -25.97
CA LEU A 417 6.60 14.79 -26.67
C LEU A 417 6.90 16.13 -27.29
N GLY A 418 6.76 16.21 -28.62
CA GLY A 418 7.20 17.40 -29.33
C GLY A 418 8.66 17.73 -29.10
N GLY A 419 9.49 16.71 -28.88
CA GLY A 419 10.91 16.92 -28.64
C GLY A 419 11.29 17.28 -27.23
N LYS A 420 10.33 17.56 -26.36
CA LYS A 420 10.60 17.91 -24.97
C LYS A 420 10.50 16.67 -24.09
N ARG A 421 11.45 16.51 -23.18
CA ARG A 421 11.43 15.37 -22.29
C ARG A 421 10.32 15.53 -21.26
N VAL A 422 9.41 14.56 -21.23
CA VAL A 422 8.32 14.54 -20.25
C VAL A 422 8.62 13.57 -19.11
N ILE A 423 9.13 12.39 -19.44
CA ILE A 423 9.52 11.42 -18.43
C ILE A 423 10.98 11.03 -18.65
N MET B 15 -4.33 -21.48 18.99
CA MET B 15 -5.67 -21.37 19.55
C MET B 15 -6.58 -20.55 18.63
N GLN B 16 -7.81 -20.30 19.07
CA GLN B 16 -8.89 -19.92 18.16
C GLN B 16 -9.09 -18.42 18.07
N GLU B 17 -9.56 -17.99 16.90
CA GLU B 17 -9.89 -16.60 16.61
C GLU B 17 -11.06 -16.57 15.64
N ILE B 18 -11.62 -15.39 15.43
CA ILE B 18 -12.74 -15.20 14.53
C ILE B 18 -12.37 -14.11 13.52
N ILE B 19 -12.61 -14.39 12.24
N ILE B 19 -12.62 -14.39 12.25
CA ILE B 19 -12.44 -13.38 11.19
CA ILE B 19 -12.44 -13.42 11.18
C ILE B 19 -13.67 -13.41 10.30
C ILE B 19 -13.70 -13.41 10.32
N GLY B 20 -14.07 -12.23 9.84
CA GLY B 20 -15.24 -12.10 8.99
C GLY B 20 -15.04 -10.97 7.99
N ALA B 21 -15.89 -10.98 6.97
CA ALA B 21 -15.82 -9.97 5.92
C ALA B 21 -17.20 -9.76 5.33
N SER B 22 -17.36 -8.67 4.60
CA SER B 22 -18.64 -8.36 3.96
C SER B 22 -19.06 -9.47 3.00
N LEU B 23 -18.09 -10.13 2.37
CA LEU B 23 -18.36 -11.23 1.45
C LEU B 23 -17.43 -12.38 1.77
N VAL B 24 -17.98 -13.60 1.81
CA VAL B 24 -17.21 -14.81 2.04
C VAL B 24 -17.48 -15.77 0.91
N PHE B 25 -16.41 -16.25 0.26
CA PHE B 25 -16.51 -17.25 -0.80
C PHE B 25 -16.17 -18.60 -0.18
N LEU B 26 -17.18 -19.49 -0.10
CA LEU B 26 -16.94 -20.81 0.49
C LEU B 26 -16.10 -21.69 -0.43
N CYS B 27 -16.20 -21.49 -1.75
CA CYS B 27 -15.51 -22.32 -2.73
C CYS B 27 -15.87 -23.79 -2.58
N ASN B 28 -17.12 -24.07 -2.25
CA ASN B 28 -17.67 -25.39 -2.50
C ASN B 28 -18.04 -25.49 -3.98
N GLU B 29 -18.44 -26.68 -4.42
CA GLU B 29 -18.75 -26.87 -5.83
C GLU B 29 -19.91 -25.98 -6.28
N LYS B 30 -20.80 -25.62 -5.35
CA LYS B 30 -21.84 -24.65 -5.63
C LYS B 30 -21.30 -23.23 -5.79
N CYS B 31 -20.08 -22.97 -5.29
CA CYS B 31 -19.49 -21.63 -5.29
C CYS B 31 -20.35 -20.66 -4.50
N GLU B 32 -20.68 -21.05 -3.26
CA GLU B 32 -21.56 -20.27 -2.41
C GLU B 32 -20.91 -18.95 -2.03
N VAL B 33 -21.71 -17.88 -2.08
CA VAL B 33 -21.30 -16.54 -1.65
C VAL B 33 -22.18 -16.12 -0.49
N LEU B 34 -21.54 -15.73 0.62
CA LEU B 34 -22.25 -15.39 1.85
C LEU B 34 -21.89 -13.98 2.28
N GLU B 35 -22.87 -13.27 2.82
CA GLU B 35 -22.70 -11.88 3.24
C GLU B 35 -22.53 -11.79 4.75
N ASP B 36 -21.59 -10.96 5.18
CA ASP B 36 -21.34 -10.68 6.60
C ASP B 36 -21.16 -11.96 7.40
N TYR B 37 -20.44 -12.92 6.83
CA TYR B 37 -20.21 -14.19 7.48
C TYR B 37 -18.82 -14.23 8.12
N GLY B 38 -18.62 -15.19 9.01
CA GLY B 38 -17.38 -15.28 9.76
C GLY B 38 -16.93 -16.71 9.91
N VAL B 39 -15.68 -16.86 10.35
CA VAL B 39 -15.03 -18.16 10.48
C VAL B 39 -14.27 -18.18 11.81
N VAL B 40 -14.52 -19.21 12.62
CA VAL B 40 -13.72 -19.50 13.80
C VAL B 40 -12.69 -20.55 13.41
N PHE B 41 -11.42 -20.32 13.77
CA PHE B 41 -10.38 -21.24 13.36
C PHE B 41 -9.20 -21.18 14.33
N ASP B 42 -8.57 -22.35 14.53
CA ASP B 42 -7.25 -22.43 15.12
C ASP B 42 -6.27 -22.81 14.01
N GLU B 43 -5.77 -24.04 14.02
CA GLU B 43 -5.04 -24.55 12.86
C GLU B 43 -6.00 -25.03 11.77
N LYS B 44 -7.22 -25.40 12.14
CA LYS B 44 -8.24 -25.82 11.20
C LYS B 44 -9.43 -24.88 11.31
N ILE B 45 -10.31 -24.95 10.32
CA ILE B 45 -11.58 -24.24 10.37
C ILE B 45 -12.48 -24.95 11.37
N VAL B 46 -12.94 -24.22 12.39
CA VAL B 46 -13.72 -24.80 13.47
C VAL B 46 -15.22 -24.61 13.27
N GLU B 47 -15.64 -23.41 12.88
CA GLU B 47 -17.07 -23.13 12.75
C GLU B 47 -17.27 -21.97 11.77
N ILE B 48 -18.37 -22.06 11.02
CA ILE B 48 -18.77 -21.03 10.07
C ILE B 48 -20.17 -20.55 10.43
N GLY B 49 -20.42 -19.26 10.25
CA GLY B 49 -21.72 -18.71 10.53
C GLY B 49 -21.71 -17.21 10.37
N ASP B 50 -22.88 -16.62 10.57
CA ASP B 50 -23.00 -15.16 10.60
C ASP B 50 -22.02 -14.59 11.62
N TYR B 51 -21.30 -13.54 11.21
CA TYR B 51 -20.21 -13.03 12.02
C TYR B 51 -20.69 -12.50 13.36
N HIS B 52 -21.73 -11.67 13.34
CA HIS B 52 -22.23 -11.11 14.59
C HIS B 52 -22.72 -12.21 15.53
N ASN B 53 -23.48 -13.18 15.01
CA ASN B 53 -23.91 -14.30 15.83
C ASN B 53 -22.73 -15.12 16.34
N LEU B 54 -21.66 -15.19 15.56
CA LEU B 54 -20.47 -15.91 15.99
C LEU B 54 -19.79 -15.22 17.17
N THR B 55 -19.76 -13.87 17.15
CA THR B 55 -19.14 -13.14 18.25
C THR B 55 -19.98 -13.21 19.51
N LEU B 56 -21.30 -13.35 19.37
CA LEU B 56 -22.13 -13.57 20.55
C LEU B 56 -21.96 -14.99 21.08
N LYS B 57 -21.86 -15.96 20.18
CA LYS B 57 -21.67 -17.36 20.59
C LYS B 57 -20.32 -17.57 21.26
N TYR B 58 -19.30 -16.83 20.84
CA TYR B 58 -17.95 -16.94 21.38
C TYR B 58 -17.45 -15.57 21.78
N PRO B 59 -17.99 -15.01 22.88
CA PRO B 59 -17.67 -13.62 23.23
C PRO B 59 -16.26 -13.40 23.74
N HIS B 60 -15.50 -14.46 24.05
CA HIS B 60 -14.18 -14.31 24.62
C HIS B 60 -13.06 -14.43 23.58
N LEU B 61 -13.38 -14.79 22.35
CA LEU B 61 -12.39 -14.91 21.30
C LEU B 61 -12.12 -13.58 20.58
N LYS B 62 -10.87 -13.43 20.11
CA LYS B 62 -10.47 -12.44 19.10
C LYS B 62 -11.30 -12.59 17.80
N ALA B 63 -11.87 -11.45 17.40
CA ALA B 63 -12.74 -11.34 16.26
C ALA B 63 -12.40 -10.04 15.52
N GLN B 64 -12.19 -10.16 14.21
CA GLN B 64 -11.96 -9.02 13.36
C GLN B 64 -12.91 -9.10 12.18
N PHE B 65 -13.52 -7.98 11.81
CA PHE B 65 -14.38 -7.94 10.63
C PHE B 65 -13.77 -6.99 9.62
N PHE B 66 -13.75 -7.41 8.36
CA PHE B 66 -13.16 -6.62 7.29
C PHE B 66 -14.30 -6.17 6.37
N GLU B 67 -14.75 -4.94 6.58
CA GLU B 67 -15.80 -4.38 5.73
C GLU B 67 -15.29 -4.18 4.32
N ASN B 68 -16.20 -4.33 3.35
CA ASN B 68 -15.89 -4.16 1.93
C ASN B 68 -14.74 -5.06 1.48
N SER B 69 -14.67 -6.25 2.07
CA SER B 69 -13.59 -7.19 1.79
C SER B 69 -14.18 -8.54 1.44
N VAL B 70 -13.34 -9.42 0.92
CA VAL B 70 -13.71 -10.77 0.55
C VAL B 70 -12.84 -11.74 1.35
N LEU B 71 -13.49 -12.67 2.04
CA LEU B 71 -12.81 -13.76 2.73
C LEU B 71 -12.98 -15.03 1.92
N LEU B 72 -11.88 -15.73 1.66
CA LEU B 72 -11.93 -16.92 0.81
C LEU B 72 -10.73 -17.79 1.16
N PRO B 73 -10.73 -19.05 0.71
CA PRO B 73 -9.56 -19.90 0.94
C PRO B 73 -8.33 -19.36 0.23
N ALA B 74 -7.17 -19.60 0.83
CA ALA B 74 -5.91 -19.36 0.13
C ALA B 74 -5.89 -20.15 -1.18
N PHE B 75 -5.25 -19.59 -2.19
CA PHE B 75 -5.23 -20.22 -3.49
C PHE B 75 -4.30 -21.42 -3.50
N ILE B 76 -4.53 -22.32 -4.46
CA ILE B 76 -3.64 -23.42 -4.76
C ILE B 76 -3.15 -23.25 -6.19
N ASN B 77 -1.84 -23.19 -6.37
CA ASN B 77 -1.21 -23.08 -7.68
C ASN B 77 -0.57 -24.44 -7.96
N ALA B 78 -1.28 -25.27 -8.72
CA ALA B 78 -0.96 -26.69 -8.80
C ALA B 78 0.19 -27.02 -9.75
N HIS B 79 0.71 -26.04 -10.49
CA HIS B 79 1.74 -26.34 -11.49
C HIS B 79 2.59 -25.09 -11.74
N THR B 80 3.82 -25.11 -11.24
CA THR B 80 4.77 -24.05 -11.53
C THR B 80 6.17 -24.65 -11.63
N HIS B 81 7.07 -23.92 -12.28
CA HIS B 81 8.47 -24.31 -12.43
C HIS B 81 9.33 -23.20 -11.82
N PHE B 82 9.59 -23.32 -10.51
CA PHE B 82 10.35 -22.27 -9.82
C PHE B 82 11.78 -22.14 -10.34
N GLU B 83 12.38 -23.26 -10.79
CA GLU B 83 13.77 -23.23 -11.21
C GLU B 83 14.02 -22.32 -12.41
N PHE B 84 12.99 -22.04 -13.20
CA PHE B 84 13.11 -21.16 -14.36
C PHE B 84 12.74 -19.71 -14.06
N SER B 85 12.80 -19.31 -12.79
CA SER B 85 12.31 -17.99 -12.40
C SER B 85 13.16 -16.84 -12.93
N ASN B 86 14.39 -17.12 -13.40
CA ASN B 86 15.22 -16.06 -13.97
C ASN B 86 14.70 -15.57 -15.32
N ASN B 87 13.86 -16.35 -15.99
CA ASN B 87 13.58 -16.09 -17.40
C ASN B 87 12.78 -14.81 -17.59
N LYS B 88 13.21 -14.00 -18.56
CA LYS B 88 12.40 -12.93 -19.12
C LYS B 88 12.25 -13.11 -20.62
N ALA B 89 13.34 -13.02 -21.39
CA ALA B 89 13.29 -13.17 -22.83
C ALA B 89 14.32 -14.20 -23.33
N SER B 90 14.69 -15.16 -22.48
CA SER B 90 15.64 -16.19 -22.92
C SER B 90 15.03 -17.17 -23.90
N PHE B 91 13.71 -17.33 -23.91
CA PHE B 91 13.04 -18.32 -24.72
C PHE B 91 12.13 -17.66 -25.75
N ASP B 92 12.05 -18.27 -26.94
CA ASP B 92 11.21 -17.76 -28.01
C ASP B 92 9.75 -18.11 -27.77
N TYR B 93 8.86 -17.20 -28.16
CA TYR B 93 7.43 -17.43 -28.07
C TYR B 93 6.81 -17.34 -29.46
N GLY B 94 5.58 -17.83 -29.57
CA GLY B 94 4.87 -17.86 -30.82
C GLY B 94 4.72 -19.25 -31.42
N SER B 95 5.46 -20.22 -30.90
CA SER B 95 5.33 -21.61 -31.32
C SER B 95 5.90 -22.47 -30.21
N PHE B 96 5.39 -23.70 -30.09
CA PHE B 96 5.95 -24.61 -29.10
C PHE B 96 7.32 -25.11 -29.54
N SER B 97 7.45 -25.48 -30.82
CA SER B 97 8.73 -25.94 -31.33
C SER B 97 9.80 -24.86 -31.20
N GLY B 98 9.46 -23.62 -31.50
CA GLY B 98 10.40 -22.54 -31.29
C GLY B 98 10.78 -22.36 -29.83
N TRP B 99 9.79 -22.49 -28.94
CA TRP B 99 10.06 -22.35 -27.51
C TRP B 99 10.95 -23.48 -27.01
N LEU B 100 10.56 -24.73 -27.30
CA LEU B 100 11.31 -25.88 -26.80
C LEU B 100 12.74 -25.87 -27.33
N GLY B 101 12.93 -25.56 -28.61
CA GLY B 101 14.27 -25.44 -29.16
C GLY B 101 15.10 -24.40 -28.45
N SER B 102 14.48 -23.27 -28.09
CA SER B 102 15.22 -22.22 -27.40
C SER B 102 15.57 -22.63 -25.97
N VAL B 103 14.68 -23.38 -25.31
CA VAL B 103 14.98 -23.86 -23.96
C VAL B 103 16.19 -24.79 -24.00
N LEU B 104 16.19 -25.72 -24.96
CA LEU B 104 17.30 -26.66 -25.07
C LEU B 104 18.58 -25.97 -25.49
N ASN B 105 18.51 -25.07 -26.48
CA ASN B 105 19.70 -24.34 -26.91
C ASN B 105 20.23 -23.43 -25.82
N ASN B 106 19.39 -23.06 -24.85
CA ASN B 106 19.87 -22.29 -23.71
C ASN B 106 20.85 -23.10 -22.86
N GLY B 107 20.70 -24.42 -22.85
CA GLY B 107 21.65 -25.29 -22.16
C GLY B 107 21.72 -25.09 -20.67
N GLY B 108 20.61 -24.72 -20.02
CA GLY B 108 20.58 -24.57 -18.59
C GLY B 108 21.22 -23.30 -18.06
N ALA B 109 21.67 -22.41 -18.94
CA ALA B 109 22.32 -21.18 -18.48
C ALA B 109 21.38 -20.33 -17.63
N ILE B 110 20.08 -20.34 -17.94
CA ILE B 110 19.12 -19.54 -17.19
C ILE B 110 18.93 -20.07 -15.78
N LEU B 111 19.30 -21.33 -15.52
CA LEU B 111 19.13 -21.91 -14.19
C LEU B 111 20.18 -21.43 -13.20
N GLU B 112 21.27 -20.82 -13.67
CA GLU B 112 22.35 -20.40 -12.80
C GLU B 112 22.01 -19.08 -12.12
N ASN B 113 22.53 -18.90 -10.91
CA ASN B 113 22.20 -17.76 -10.06
C ASN B 113 20.68 -17.60 -9.94
N CYS B 114 20.09 -18.58 -9.25
CA CYS B 114 18.66 -18.81 -9.26
C CYS B 114 17.92 -18.29 -8.04
N GLN B 115 18.61 -18.16 -6.89
CA GLN B 115 17.91 -18.05 -5.61
C GLN B 115 17.13 -16.74 -5.50
N GLY B 116 17.68 -15.65 -6.03
CA GLY B 116 16.98 -14.38 -5.94
C GLY B 116 15.63 -14.40 -6.64
N ALA B 117 15.61 -14.93 -7.86
CA ALA B 117 14.35 -14.99 -8.61
C ALA B 117 13.38 -15.98 -7.99
N ILE B 118 13.87 -17.05 -7.36
CA ILE B 118 12.98 -18.03 -6.75
C ILE B 118 12.30 -17.42 -5.53
N GLN B 119 13.06 -16.68 -4.71
CA GLN B 119 12.46 -16.00 -3.56
C GLN B 119 11.45 -14.94 -4.00
N ASN B 120 11.79 -14.17 -5.03
CA ASN B 120 10.83 -13.24 -5.60
C ASN B 120 9.59 -13.97 -6.12
N ALA B 121 9.79 -15.16 -6.70
CA ALA B 121 8.68 -15.96 -7.17
C ALA B 121 7.81 -16.44 -6.02
N ILE B 122 8.44 -16.82 -4.90
CA ILE B 122 7.69 -17.31 -3.74
C ILE B 122 6.81 -16.20 -3.18
N MET B 123 7.36 -14.99 -3.06
CA MET B 123 6.60 -13.88 -2.51
C MET B 123 5.49 -13.43 -3.44
N ALA B 124 5.70 -13.54 -4.75
CA ALA B 124 4.62 -13.24 -5.70
C ALA B 124 3.44 -14.16 -5.47
N GLN B 125 3.70 -15.44 -5.18
CA GLN B 125 2.62 -16.37 -4.84
C GLN B 125 1.88 -15.90 -3.59
N LEU B 126 2.61 -15.70 -2.49
CA LEU B 126 1.99 -15.37 -1.21
C LEU B 126 1.21 -14.07 -1.29
N LYS B 127 1.77 -13.04 -1.92
CA LYS B 127 1.06 -11.77 -2.03
C LYS B 127 -0.15 -11.85 -2.94
N SER B 128 -0.18 -12.82 -3.85
CA SER B 128 -1.34 -13.09 -4.69
C SER B 128 -2.39 -13.92 -3.97
N GLY B 129 -2.15 -14.31 -2.72
CA GLY B 129 -3.06 -15.16 -1.99
C GLY B 129 -2.82 -16.65 -2.12
N VAL B 130 -1.70 -17.07 -2.70
CA VAL B 130 -1.40 -18.48 -2.89
C VAL B 130 -0.83 -19.05 -1.60
N GLY B 131 -1.45 -20.11 -1.10
CA GLY B 131 -0.98 -20.75 0.11
C GLY B 131 -0.32 -22.10 -0.13
N SER B 132 -0.61 -22.70 -1.28
CA SER B 132 -0.12 -24.03 -1.63
C SER B 132 0.34 -24.03 -3.08
N VAL B 133 1.44 -24.73 -3.35
CA VAL B 133 2.04 -24.75 -4.68
C VAL B 133 2.34 -26.19 -5.08
N GLY B 134 2.05 -26.51 -6.35
CA GLY B 134 2.60 -27.71 -6.97
C GLY B 134 3.82 -27.34 -7.77
N ALA B 135 5.01 -27.58 -7.20
CA ALA B 135 6.26 -27.12 -7.79
C ALA B 135 6.91 -28.26 -8.57
N ILE B 136 7.02 -28.09 -9.88
CA ILE B 136 7.75 -29.03 -10.72
C ILE B 136 9.24 -28.73 -10.60
N SER B 137 10.04 -29.76 -10.32
CA SER B 137 11.45 -29.58 -10.05
C SER B 137 12.24 -30.68 -10.74
N ASN B 138 13.31 -30.29 -11.43
CA ASN B 138 14.23 -31.24 -12.04
C ASN B 138 15.49 -31.50 -11.21
N HIS B 139 15.88 -30.55 -10.37
CA HIS B 139 17.13 -30.65 -9.61
C HIS B 139 17.00 -30.28 -8.14
N LEU B 140 15.81 -29.93 -7.66
CA LEU B 140 15.57 -29.59 -6.26
C LEU B 140 16.30 -28.32 -5.83
N ILE B 141 16.60 -27.43 -6.77
CA ILE B 141 17.31 -26.19 -6.45
C ILE B 141 16.41 -25.21 -5.71
N GLU B 142 15.09 -25.33 -5.86
CA GLU B 142 14.15 -24.43 -5.20
C GLU B 142 13.66 -24.96 -3.87
N VAL B 143 14.01 -26.20 -3.51
CA VAL B 143 13.41 -26.86 -2.35
C VAL B 143 13.74 -26.11 -1.06
N ASN B 144 15.00 -25.68 -0.90
CA ASN B 144 15.42 -25.03 0.33
C ASN B 144 14.58 -23.77 0.61
N LEU B 145 14.43 -22.92 -0.39
CA LEU B 145 13.66 -21.69 -0.20
C LEU B 145 12.19 -22.00 0.07
N LEU B 146 11.63 -23.00 -0.61
CA LEU B 146 10.26 -23.42 -0.33
C LEU B 146 10.09 -23.85 1.12
N LYS B 147 11.03 -24.67 1.62
CA LYS B 147 10.98 -25.13 3.00
C LYS B 147 11.03 -23.96 3.98
N GLU B 148 11.79 -22.91 3.65
CA GLU B 148 11.91 -21.75 4.50
C GLU B 148 10.74 -20.78 4.37
N SER B 149 9.88 -20.97 3.37
N SER B 149 9.88 -20.97 3.37
CA SER B 149 8.70 -20.15 3.18
CA SER B 149 8.69 -20.15 3.17
C SER B 149 7.50 -20.77 3.88
C SER B 149 7.53 -20.75 3.94
N PRO B 150 6.47 -19.97 4.19
CA PRO B 150 5.26 -20.53 4.79
C PRO B 150 4.37 -21.30 3.83
N LEU B 151 4.77 -21.41 2.56
CA LEU B 151 3.94 -22.09 1.57
C LEU B 151 3.83 -23.59 1.86
N ASN B 152 2.63 -24.13 1.65
CA ASN B 152 2.48 -25.57 1.52
C ASN B 152 3.01 -25.99 0.16
N ALA B 153 3.92 -26.97 0.15
CA ALA B 153 4.62 -27.34 -1.07
C ALA B 153 4.45 -28.82 -1.35
N VAL B 154 4.00 -29.14 -2.57
CA VAL B 154 4.07 -30.47 -3.13
C VAL B 154 5.09 -30.40 -4.26
N VAL B 155 6.27 -30.95 -4.04
CA VAL B 155 7.37 -30.87 -4.99
C VAL B 155 7.33 -32.11 -5.86
N PHE B 156 7.05 -31.92 -7.16
CA PHE B 156 7.04 -33.01 -8.13
C PHE B 156 8.44 -33.11 -8.73
N LEU B 157 9.21 -34.10 -8.30
CA LEU B 157 10.49 -34.37 -8.93
C LEU B 157 10.24 -34.94 -10.31
N GLU B 158 10.60 -34.19 -11.34
CA GLU B 158 10.21 -34.49 -12.72
C GLU B 158 11.35 -35.20 -13.43
N PHE B 159 11.04 -36.34 -14.06
CA PHE B 159 12.03 -37.11 -14.77
C PHE B 159 12.09 -36.74 -16.24
N LEU B 160 13.31 -36.60 -16.75
CA LEU B 160 13.58 -36.41 -18.17
C LEU B 160 14.50 -37.50 -18.67
N GLY B 161 14.21 -38.05 -19.84
CA GLY B 161 15.08 -39.06 -20.43
C GLY B 161 14.45 -39.91 -21.51
N SER B 162 14.87 -39.72 -22.76
CA SER B 162 14.29 -40.42 -23.90
C SER B 162 15.10 -41.65 -24.31
N SER B 163 16.17 -41.98 -23.60
CA SER B 163 16.94 -43.18 -23.88
C SER B 163 17.16 -43.92 -22.57
N TYR B 164 16.77 -45.20 -22.54
CA TYR B 164 16.78 -45.97 -21.29
C TYR B 164 18.20 -46.08 -20.74
N SER B 165 18.32 -45.83 -19.44
CA SER B 165 19.60 -45.97 -18.74
C SER B 165 19.31 -46.37 -17.30
N LEU B 166 19.77 -47.56 -16.92
CA LEU B 166 19.59 -48.00 -15.54
C LEU B 166 20.35 -47.11 -14.57
N GLU B 167 21.48 -46.55 -14.98
CA GLU B 167 22.22 -45.61 -14.13
C GLU B 167 21.41 -44.36 -13.86
N LYS B 168 20.74 -43.83 -14.89
CA LYS B 168 19.94 -42.62 -14.70
C LYS B 168 18.74 -42.90 -13.80
N LEU B 169 18.17 -44.10 -13.89
CA LEU B 169 17.08 -44.47 -12.99
C LEU B 169 17.56 -44.45 -11.54
N LYS B 170 18.73 -45.05 -11.29
CA LYS B 170 19.24 -45.12 -9.93
C LYS B 170 19.61 -43.73 -9.40
N ALA B 171 20.19 -42.89 -10.25
CA ALA B 171 20.48 -41.52 -9.85
C ALA B 171 19.20 -40.74 -9.58
N PHE B 172 18.14 -41.01 -10.35
CA PHE B 172 16.86 -40.35 -10.13
C PHE B 172 16.21 -40.84 -8.83
N GLU B 173 16.22 -42.14 -8.61
CA GLU B 173 15.69 -42.68 -7.36
C GLU B 173 16.50 -42.21 -6.15
N ALA B 174 17.79 -41.95 -6.36
CA ALA B 174 18.61 -41.37 -5.29
C ALA B 174 18.25 -39.92 -5.05
N LYS B 175 17.91 -39.18 -6.11
CA LYS B 175 17.46 -37.81 -5.94
C LYS B 175 16.10 -37.76 -5.24
N PHE B 176 15.21 -38.69 -5.56
CA PHE B 176 13.90 -38.72 -4.93
C PHE B 176 14.00 -39.09 -3.44
N LYS B 177 14.91 -40.00 -3.10
CA LYS B 177 15.15 -40.32 -1.71
C LYS B 177 15.59 -39.10 -0.92
N GLU B 178 16.41 -38.23 -1.54
CA GLU B 178 16.82 -37.00 -0.88
C GLU B 178 15.62 -36.09 -0.66
N LEU B 179 14.70 -36.03 -1.63
CA LEU B 179 13.49 -35.24 -1.46
C LEU B 179 12.57 -35.83 -0.41
N LYS B 180 12.44 -37.16 -0.38
CA LYS B 180 11.58 -37.82 0.61
C LYS B 180 12.05 -37.53 2.03
N ASP B 181 13.37 -37.47 2.24
CA ASP B 181 13.91 -37.22 3.58
C ASP B 181 13.70 -35.79 4.04
N LEU B 182 13.21 -34.90 3.19
CA LEU B 182 12.90 -33.53 3.56
C LEU B 182 11.42 -33.29 3.82
N GLU B 183 10.59 -34.32 3.67
CA GLU B 183 9.16 -34.18 3.88
C GLU B 183 8.85 -33.79 5.33
N ASP B 184 7.86 -32.91 5.49
CA ASP B 184 7.30 -32.59 6.80
C ASP B 184 5.86 -32.15 6.58
N GLN B 185 5.30 -31.42 7.56
CA GLN B 185 3.92 -30.98 7.45
C GLN B 185 3.70 -29.97 6.34
N LYS B 186 4.76 -29.34 5.84
CA LYS B 186 4.64 -28.35 4.77
C LYS B 186 5.18 -28.83 3.44
N LEU B 187 5.85 -29.98 3.39
CA LEU B 187 6.46 -30.46 2.15
C LEU B 187 6.05 -31.90 1.91
N LYS B 188 5.39 -32.14 0.77
CA LYS B 188 5.06 -33.48 0.31
C LYS B 188 5.87 -33.78 -0.94
N ALA B 189 6.54 -34.93 -0.96
CA ALA B 189 7.34 -35.32 -2.11
C ALA B 189 6.46 -36.06 -3.13
N ALA B 190 6.65 -35.71 -4.40
CA ALA B 190 5.87 -36.29 -5.48
C ALA B 190 6.78 -36.47 -6.70
N LEU B 191 6.22 -37.06 -7.76
CA LEU B 191 6.99 -37.45 -8.93
C LEU B 191 6.28 -36.98 -10.18
N ALA B 192 7.06 -36.79 -11.25
CA ALA B 192 6.50 -36.33 -12.51
C ALA B 192 7.21 -37.00 -13.68
N VAL B 193 6.45 -37.36 -14.70
CA VAL B 193 6.97 -37.74 -16.01
C VAL B 193 6.81 -36.53 -16.91
N HIS B 194 7.90 -36.10 -17.55
CA HIS B 194 7.87 -34.81 -18.23
C HIS B 194 6.80 -34.77 -19.31
N ALA B 195 6.93 -35.61 -20.33
CA ALA B 195 6.07 -35.52 -21.50
C ALA B 195 6.21 -36.80 -22.32
N PRO B 196 5.25 -37.07 -23.21
CA PRO B 196 5.39 -38.25 -24.08
C PRO B 196 6.60 -38.21 -25.00
N TYR B 197 7.07 -37.03 -25.40
CA TYR B 197 8.19 -36.93 -26.33
C TYR B 197 9.56 -36.97 -25.65
N SER B 198 9.61 -36.89 -24.32
CA SER B 198 10.88 -36.74 -23.63
C SER B 198 11.22 -37.86 -22.66
N VAL B 199 10.32 -38.81 -22.42
CA VAL B 199 10.57 -39.89 -21.46
C VAL B 199 10.31 -41.22 -22.15
N GLN B 200 11.36 -42.05 -22.24
CA GLN B 200 11.21 -43.37 -22.80
C GLN B 200 10.26 -44.20 -21.95
N LYS B 201 9.54 -45.12 -22.61
CA LYS B 201 8.40 -45.78 -21.98
C LYS B 201 8.79 -46.54 -20.72
N ASP B 202 9.86 -47.35 -20.81
CA ASP B 202 10.24 -48.14 -19.65
C ASP B 202 10.80 -47.29 -18.52
N MET B 203 11.38 -46.14 -18.84
CA MET B 203 11.77 -45.20 -17.79
C MET B 203 10.53 -44.61 -17.12
N ALA B 204 9.50 -44.28 -17.90
CA ALA B 204 8.27 -43.75 -17.31
C ALA B 204 7.58 -44.79 -16.44
N LEU B 205 7.51 -46.05 -16.92
CA LEU B 205 6.93 -47.12 -16.12
C LEU B 205 7.65 -47.25 -14.79
N SER B 206 8.97 -47.08 -14.80
CA SER B 206 9.73 -47.18 -13.55
C SER B 206 9.41 -46.01 -12.62
N VAL B 207 9.27 -44.80 -13.15
CA VAL B 207 8.90 -43.66 -12.33
C VAL B 207 7.51 -43.87 -11.74
N ILE B 208 6.58 -44.37 -12.54
CA ILE B 208 5.22 -44.60 -12.06
C ILE B 208 5.20 -45.67 -10.98
N GLN B 209 6.01 -46.72 -11.15
CA GLN B 209 6.09 -47.76 -10.11
C GLN B 209 6.65 -47.20 -8.82
N LEU B 210 7.68 -46.36 -8.90
CA LEU B 210 8.22 -45.73 -7.71
C LEU B 210 7.17 -44.86 -7.02
N ALA B 211 6.31 -44.20 -7.79
CA ALA B 211 5.24 -43.42 -7.20
C ALA B 211 4.26 -44.31 -6.44
N LYS B 212 3.90 -45.46 -7.01
CA LYS B 212 3.02 -46.39 -6.32
C LYS B 212 3.68 -46.93 -5.04
N ASP B 213 4.96 -47.29 -5.13
CA ASP B 213 5.65 -47.82 -3.96
C ASP B 213 5.77 -46.78 -2.85
N SER B 214 5.84 -45.50 -3.20
CA SER B 214 5.99 -44.43 -2.22
C SER B 214 4.69 -43.68 -1.97
N GLN B 215 3.57 -44.14 -2.54
CA GLN B 215 2.27 -43.50 -2.38
C GLN B 215 2.34 -42.01 -2.72
N SER B 216 2.99 -41.72 -3.83
CA SER B 216 3.24 -40.37 -4.30
C SER B 216 2.27 -39.98 -5.40
N LEU B 217 1.99 -38.68 -5.48
CA LEU B 217 1.21 -38.15 -6.59
C LEU B 217 2.06 -38.13 -7.87
N LEU B 218 1.38 -38.04 -9.01
CA LEU B 218 2.04 -37.99 -10.31
C LEU B 218 1.56 -36.78 -11.10
N SER B 219 2.42 -36.27 -11.99
N SER B 219 2.42 -36.30 -12.00
CA SER B 219 2.06 -35.20 -12.89
CA SER B 219 2.09 -35.18 -12.89
C SER B 219 2.76 -35.41 -14.22
C SER B 219 2.78 -35.41 -14.23
N THR B 220 2.18 -34.86 -15.28
CA THR B 220 2.76 -34.96 -16.61
C THR B 220 2.18 -33.88 -17.51
N HIS B 221 3.01 -33.41 -18.46
CA HIS B 221 2.54 -32.54 -19.53
C HIS B 221 2.00 -33.42 -20.65
N PHE B 222 0.80 -33.10 -21.14
CA PHE B 222 0.13 -33.97 -22.10
C PHE B 222 -0.45 -33.15 -23.24
N LEU B 223 -0.05 -33.50 -24.46
CA LEU B 223 -0.63 -32.95 -25.69
C LEU B 223 -0.75 -31.43 -25.63
N GLU B 224 0.40 -30.80 -25.41
CA GLU B 224 0.51 -29.36 -25.27
C GLU B 224 0.66 -28.65 -26.62
N SER B 225 0.93 -29.38 -27.70
CA SER B 225 1.20 -28.74 -28.98
C SER B 225 0.72 -29.65 -30.11
N LEU B 226 0.55 -29.03 -31.28
CA LEU B 226 0.29 -29.80 -32.50
C LEU B 226 1.49 -30.67 -32.86
N GLU B 227 2.71 -30.16 -32.61
CA GLU B 227 3.91 -30.94 -32.90
C GLU B 227 3.92 -32.24 -32.12
N GLU B 228 3.56 -32.18 -30.83
CA GLU B 228 3.49 -33.39 -30.02
C GLU B 228 2.38 -34.31 -30.51
N LEU B 229 1.24 -33.74 -30.92
CA LEU B 229 0.13 -34.56 -31.38
C LEU B 229 0.49 -35.31 -32.66
N GLU B 230 1.14 -34.63 -33.61
CA GLU B 230 1.54 -35.31 -34.84
C GLU B 230 2.62 -36.35 -34.58
N TRP B 231 3.51 -36.09 -33.62
CA TRP B 231 4.52 -37.07 -33.26
C TRP B 231 3.90 -38.29 -32.58
N VAL B 232 3.08 -38.06 -31.55
CA VAL B 232 2.52 -39.17 -30.79
C VAL B 232 1.62 -40.03 -31.67
N GLU B 233 0.86 -39.41 -32.56
CA GLU B 233 -0.13 -40.15 -33.34
C GLU B 233 0.45 -40.78 -34.60
N ASN B 234 1.37 -40.11 -35.28
CA ASN B 234 1.83 -40.58 -36.59
C ASN B 234 3.35 -40.56 -36.74
N SER B 235 4.09 -40.25 -35.68
CA SER B 235 5.56 -40.21 -35.72
C SER B 235 6.08 -39.33 -36.84
N LYS B 236 5.41 -38.21 -37.07
CA LYS B 236 5.82 -37.24 -38.09
C LYS B 236 5.78 -35.84 -37.50
N GLY B 237 6.29 -34.89 -38.27
CA GLY B 237 6.32 -33.50 -37.88
C GLY B 237 7.67 -33.06 -37.35
N TRP B 238 7.63 -31.99 -36.55
CA TRP B 238 8.85 -31.33 -36.09
C TRP B 238 9.74 -32.27 -35.29
N PHE B 239 9.14 -33.17 -34.51
CA PHE B 239 9.90 -34.06 -33.64
C PHE B 239 10.68 -35.12 -34.39
N GLU B 240 10.59 -35.19 -35.72
CA GLU B 240 11.35 -36.17 -36.49
C GLU B 240 12.84 -36.03 -36.25
N ASN B 241 13.35 -34.79 -36.20
CA ASN B 241 14.77 -34.54 -36.03
C ASN B 241 15.11 -34.07 -34.62
N PHE B 242 14.13 -34.06 -33.72
CA PHE B 242 14.33 -33.50 -32.39
C PHE B 242 15.38 -34.26 -31.61
N TYR B 243 15.39 -35.60 -31.73
CA TYR B 243 16.26 -36.40 -30.88
C TYR B 243 17.72 -36.34 -31.34
N GLN B 244 17.96 -36.29 -32.65
CA GLN B 244 19.32 -36.16 -33.15
C GLN B 244 19.86 -34.74 -32.94
N ARG B 245 19.05 -33.74 -33.28
CA ARG B 245 19.51 -32.35 -33.25
C ARG B 245 19.82 -31.90 -31.83
N PHE B 246 18.93 -32.20 -30.88
CA PHE B 246 19.04 -31.64 -29.54
C PHE B 246 19.62 -32.60 -28.52
N LEU B 247 19.39 -33.90 -28.66
CA LEU B 247 19.77 -34.86 -27.63
C LEU B 247 20.89 -35.80 -28.06
N LYS B 248 21.32 -35.77 -29.32
CA LYS B 248 22.31 -36.70 -29.84
C LYS B 248 21.88 -38.15 -29.64
N GLU B 249 20.60 -38.42 -29.91
CA GLU B 249 20.03 -39.75 -29.78
C GLU B 249 19.49 -40.19 -31.13
N SER B 250 19.74 -41.46 -31.48
CA SER B 250 19.28 -42.00 -32.75
C SER B 250 17.90 -42.62 -32.54
N ASN B 251 16.90 -41.75 -32.49
CA ASN B 251 15.50 -42.17 -32.38
C ASN B 251 14.67 -41.34 -33.35
N PHE B 252 13.95 -42.01 -34.24
CA PHE B 252 13.18 -41.34 -35.28
C PHE B 252 11.72 -41.78 -35.30
N THR B 253 11.26 -42.43 -34.23
CA THR B 253 9.87 -42.81 -34.10
C THR B 253 9.40 -42.48 -32.69
N SER B 254 8.10 -42.31 -32.54
CA SER B 254 7.55 -41.90 -31.25
C SER B 254 7.88 -42.92 -30.17
N LEU B 255 8.10 -42.43 -28.96
CA LEU B 255 8.31 -43.30 -27.81
C LEU B 255 7.03 -44.03 -27.40
N TYR B 256 5.88 -43.62 -27.93
CA TYR B 256 4.59 -44.21 -27.59
C TYR B 256 3.76 -44.29 -28.86
N GLU B 257 3.18 -45.46 -29.12
CA GLU B 257 2.32 -45.64 -30.28
C GLU B 257 0.91 -45.18 -29.92
N GLY B 258 0.67 -43.88 -30.07
CA GLY B 258 -0.64 -43.31 -29.82
C GLY B 258 -0.76 -42.77 -28.40
N ALA B 259 -1.74 -41.88 -28.23
CA ALA B 259 -1.97 -41.26 -26.92
C ALA B 259 -2.40 -42.30 -25.89
N ASN B 260 -3.19 -43.28 -26.31
CA ASN B 260 -3.70 -44.28 -25.37
C ASN B 260 -2.57 -45.08 -24.74
N ASP B 261 -1.50 -45.34 -25.49
CA ASP B 261 -0.34 -46.04 -24.95
C ASP B 261 0.26 -45.27 -23.78
N TYR B 262 0.32 -43.94 -23.89
CA TYR B 262 0.85 -43.12 -22.81
C TYR B 262 -0.13 -43.04 -21.65
N ILE B 263 -1.41 -42.77 -21.95
CA ILE B 263 -2.41 -42.62 -20.91
C ILE B 263 -2.51 -43.88 -20.05
N ASP B 264 -2.49 -45.06 -20.68
CA ASP B 264 -2.69 -46.31 -19.97
C ASP B 264 -1.60 -46.58 -18.93
N MET B 265 -0.41 -46.00 -19.09
CA MET B 265 0.63 -46.16 -18.07
C MET B 265 0.16 -45.66 -16.72
N PHE B 266 -0.69 -44.63 -16.70
CA PHE B 266 -1.16 -43.99 -15.47
C PHE B 266 -2.48 -44.58 -15.00
N LYS B 267 -2.84 -45.77 -15.48
CA LYS B 267 -4.08 -46.42 -15.08
C LYS B 267 -4.17 -46.56 -13.56
N ASP B 268 -5.31 -46.17 -13.01
CA ASP B 268 -5.60 -46.27 -11.57
C ASP B 268 -4.50 -45.58 -10.74
N THR B 269 -4.30 -44.30 -11.01
CA THR B 269 -3.35 -43.48 -10.29
C THR B 269 -3.99 -42.14 -9.98
N HIS B 270 -3.30 -41.36 -9.14
CA HIS B 270 -3.64 -39.96 -8.89
C HIS B 270 -2.62 -39.14 -9.69
N THR B 271 -3.00 -38.75 -10.91
CA THR B 271 -2.08 -38.10 -11.84
C THR B 271 -2.66 -36.79 -12.33
N LEU B 272 -1.86 -35.73 -12.26
CA LEU B 272 -2.21 -34.44 -12.84
C LEU B 272 -1.79 -34.43 -14.30
N PHE B 273 -2.73 -34.09 -15.18
CA PHE B 273 -2.45 -33.93 -16.61
C PHE B 273 -2.51 -32.46 -16.95
N VAL B 274 -1.38 -31.89 -17.37
CA VAL B 274 -1.23 -30.46 -17.57
C VAL B 274 -1.37 -30.14 -19.05
N HIS B 275 -2.03 -29.00 -19.34
CA HIS B 275 -2.22 -28.40 -20.66
C HIS B 275 -3.37 -29.05 -21.43
N ASN B 276 -3.09 -30.11 -22.18
CA ASN B 276 -4.08 -30.99 -22.81
C ASN B 276 -4.86 -30.34 -23.96
N GLN B 277 -4.45 -29.18 -24.48
CA GLN B 277 -5.31 -28.51 -25.47
C GLN B 277 -5.46 -29.29 -26.76
N PHE B 278 -4.52 -30.18 -27.08
CA PHE B 278 -4.61 -30.97 -28.30
C PHE B 278 -5.07 -32.39 -28.05
N ALA B 279 -5.59 -32.67 -26.85
CA ALA B 279 -6.22 -33.95 -26.58
C ALA B 279 -7.64 -33.93 -27.10
N SER B 280 -7.97 -34.89 -27.96
CA SER B 280 -9.32 -35.01 -28.47
C SER B 280 -10.27 -35.47 -27.36
N LEU B 281 -11.56 -35.47 -27.69
CA LEU B 281 -12.55 -35.96 -26.74
C LEU B 281 -12.31 -37.42 -26.39
N GLU B 282 -11.81 -38.21 -27.34
N GLU B 282 -11.82 -38.21 -27.35
CA GLU B 282 -11.51 -39.61 -27.05
CA GLU B 282 -11.49 -39.60 -27.09
C GLU B 282 -10.36 -39.73 -26.05
C GLU B 282 -10.38 -39.72 -26.06
N ALA B 283 -9.36 -38.85 -26.15
CA ALA B 283 -8.23 -38.94 -25.24
C ALA B 283 -8.62 -38.48 -23.84
N LEU B 284 -9.40 -37.41 -23.74
CA LEU B 284 -9.85 -36.93 -22.43
C LEU B 284 -10.74 -37.96 -21.74
N LYS B 285 -11.63 -38.62 -22.49
CA LYS B 285 -12.46 -39.65 -21.91
C LYS B 285 -11.63 -40.86 -21.48
N ARG B 286 -10.60 -41.18 -22.26
CA ARG B 286 -9.68 -42.26 -21.88
C ARG B 286 -8.94 -41.92 -20.58
N ILE B 287 -8.49 -40.68 -20.44
CA ILE B 287 -7.82 -40.25 -19.22
C ILE B 287 -8.74 -40.45 -18.01
N LYS B 288 -9.99 -40.01 -18.13
CA LYS B 288 -10.94 -40.14 -17.03
C LYS B 288 -11.20 -41.60 -16.70
N SER B 289 -11.46 -42.43 -17.70
CA SER B 289 -11.86 -43.80 -17.46
C SER B 289 -10.69 -44.68 -17.02
N GLN B 290 -9.48 -44.41 -17.52
CA GLN B 290 -8.34 -45.24 -17.19
C GLN B 290 -7.66 -44.82 -15.89
N VAL B 291 -7.44 -43.51 -15.70
CA VAL B 291 -6.70 -43.05 -14.54
C VAL B 291 -7.57 -43.06 -13.28
N LYS B 292 -8.89 -42.88 -13.42
CA LYS B 292 -9.86 -42.86 -12.33
C LYS B 292 -9.75 -41.61 -11.48
N ASN B 293 -8.53 -41.23 -11.08
CA ASN B 293 -8.33 -40.02 -10.30
C ASN B 293 -7.42 -39.04 -11.03
N ALA B 294 -7.82 -38.65 -12.24
CA ALA B 294 -7.08 -37.69 -13.04
C ALA B 294 -7.49 -36.25 -12.70
N PHE B 295 -6.56 -35.33 -12.91
CA PHE B 295 -6.79 -33.92 -12.61
C PHE B 295 -6.20 -33.08 -13.75
N LEU B 296 -7.05 -32.45 -14.54
CA LEU B 296 -6.60 -31.60 -15.62
C LEU B 296 -6.16 -30.24 -15.08
N ILE B 297 -4.97 -29.81 -15.46
CA ILE B 297 -4.43 -28.50 -15.09
C ILE B 297 -4.31 -27.66 -16.35
N THR B 298 -4.81 -26.42 -16.28
CA THR B 298 -4.78 -25.52 -17.43
C THR B 298 -3.94 -24.30 -17.11
N CYS B 299 -3.12 -23.90 -18.08
CA CYS B 299 -2.20 -22.77 -17.96
C CYS B 299 -2.48 -21.82 -19.11
N PRO B 300 -3.40 -20.87 -18.95
CA PRO B 300 -3.82 -20.06 -20.11
C PRO B 300 -2.71 -19.25 -20.75
N PHE B 301 -1.89 -18.56 -19.95
CA PHE B 301 -0.87 -17.70 -20.55
C PHE B 301 0.22 -18.51 -21.22
N SER B 302 0.65 -19.60 -20.59
CA SER B 302 1.64 -20.48 -21.21
C SER B 302 1.13 -21.04 -22.53
N ASN B 303 -0.14 -21.46 -22.57
CA ASN B 303 -0.72 -21.99 -23.80
C ASN B 303 -0.71 -20.95 -24.91
N ARG B 304 -0.99 -19.69 -24.58
CA ARG B 304 -1.01 -18.65 -25.61
C ARG B 304 0.40 -18.36 -26.14
N LEU B 305 1.41 -18.41 -25.27
CA LEU B 305 2.76 -18.08 -25.70
C LEU B 305 3.41 -19.21 -26.50
N LEU B 306 2.98 -20.46 -26.25
CA LEU B 306 3.64 -21.58 -26.89
C LEU B 306 2.86 -22.03 -28.13
N SER B 307 1.96 -23.01 -27.96
CA SER B 307 1.19 -23.48 -29.11
C SER B 307 0.27 -22.41 -29.64
N GLY B 308 -0.19 -21.50 -28.79
CA GLY B 308 -1.16 -20.49 -29.18
C GLY B 308 -2.60 -20.96 -29.17
N LYS B 309 -2.86 -22.18 -28.73
CA LYS B 309 -4.21 -22.74 -28.69
C LYS B 309 -4.65 -22.90 -27.26
N ALA B 310 -5.85 -22.44 -26.95
CA ALA B 310 -6.40 -22.54 -25.62
C ALA B 310 -7.09 -23.88 -25.41
N LEU B 311 -7.13 -24.32 -24.16
CA LEU B 311 -7.88 -25.52 -23.80
C LEU B 311 -9.36 -25.31 -24.07
N ASP B 312 -9.97 -26.24 -24.80
CA ASP B 312 -11.40 -26.19 -25.08
C ASP B 312 -12.16 -26.64 -23.84
N LEU B 313 -12.70 -25.68 -23.08
CA LEU B 313 -13.39 -26.03 -21.84
C LEU B 313 -14.67 -26.81 -22.09
N GLU B 314 -15.35 -26.54 -23.21
CA GLU B 314 -16.53 -27.32 -23.56
C GLU B 314 -16.19 -28.79 -23.74
N ARG B 315 -15.07 -29.07 -24.43
CA ARG B 315 -14.61 -30.44 -24.57
C ARG B 315 -14.32 -31.07 -23.21
N VAL B 316 -13.70 -30.31 -22.31
CA VAL B 316 -13.40 -30.80 -20.96
C VAL B 316 -14.70 -31.17 -20.25
N ARG B 317 -15.72 -30.33 -20.40
CA ARG B 317 -17.02 -30.63 -19.81
C ARG B 317 -17.65 -31.86 -20.47
N GLU B 318 -17.53 -31.97 -21.80
CA GLU B 318 -18.06 -33.12 -22.51
C GLU B 318 -17.40 -34.41 -22.07
N ALA B 319 -16.14 -34.36 -21.69
CA ALA B 319 -15.43 -35.54 -21.20
C ALA B 319 -15.75 -35.85 -19.74
N GLY B 320 -16.53 -35.02 -19.07
CA GLY B 320 -16.84 -35.26 -17.67
C GLY B 320 -15.73 -34.88 -16.72
N LEU B 321 -14.92 -33.90 -17.07
CA LEU B 321 -13.77 -33.49 -16.27
C LEU B 321 -13.91 -32.03 -15.86
N SER B 322 -13.01 -31.60 -14.98
CA SER B 322 -12.92 -30.23 -14.51
C SER B 322 -11.45 -29.81 -14.55
N VAL B 323 -11.21 -28.51 -14.38
CA VAL B 323 -9.87 -27.98 -14.50
C VAL B 323 -9.46 -27.22 -13.23
N SER B 324 -8.16 -27.25 -12.96
CA SER B 324 -7.52 -26.32 -12.03
C SER B 324 -6.66 -25.36 -12.85
N VAL B 325 -6.58 -24.11 -12.40
CA VAL B 325 -5.87 -23.06 -13.13
C VAL B 325 -4.54 -22.81 -12.43
N ALA B 326 -3.45 -22.86 -13.20
CA ALA B 326 -2.10 -22.71 -12.67
C ALA B 326 -1.30 -21.76 -13.56
N THR B 327 -0.25 -21.19 -12.97
CA THR B 327 0.54 -20.17 -13.62
C THR B 327 1.61 -20.72 -14.55
N ASP B 328 1.98 -21.99 -14.40
CA ASP B 328 3.21 -22.53 -14.98
C ASP B 328 4.40 -21.76 -14.41
N GLY B 329 5.54 -21.80 -15.09
CA GLY B 329 6.71 -21.06 -14.67
C GLY B 329 6.92 -19.81 -15.51
N LEU B 330 7.85 -18.97 -15.04
CA LEU B 330 8.26 -17.81 -15.83
C LEU B 330 9.00 -18.19 -17.09
N SER B 331 9.32 -19.49 -17.27
CA SER B 331 9.81 -19.98 -18.55
C SER B 331 8.75 -19.86 -19.64
N SER B 332 7.48 -19.70 -19.28
CA SER B 332 6.40 -19.56 -20.25
C SER B 332 5.31 -18.66 -19.70
N ASN B 333 5.69 -17.58 -19.03
CA ASN B 333 4.74 -16.63 -18.46
C ASN B 333 5.48 -15.35 -18.11
N ILE B 334 4.72 -14.29 -17.88
CA ILE B 334 5.27 -13.01 -17.45
C ILE B 334 5.02 -12.72 -15.98
N SER B 335 4.13 -13.46 -15.33
CA SER B 335 3.80 -13.21 -13.93
C SER B 335 3.46 -14.53 -13.26
N LEU B 336 3.83 -14.64 -11.98
CA LEU B 336 3.46 -15.78 -11.17
C LEU B 336 2.34 -15.46 -10.19
N SER B 337 1.78 -14.26 -10.27
CA SER B 337 0.54 -13.96 -9.55
C SER B 337 -0.58 -14.80 -10.13
N LEU B 338 -1.19 -15.65 -9.28
CA LEU B 338 -2.31 -16.45 -9.75
C LEU B 338 -3.50 -15.59 -10.14
N LEU B 339 -3.63 -14.43 -9.51
CA LEU B 339 -4.71 -13.50 -9.87
C LEU B 339 -4.53 -13.00 -11.30
N ASP B 340 -3.29 -12.72 -11.71
CA ASP B 340 -3.02 -12.39 -13.11
C ASP B 340 -3.38 -13.54 -14.02
N GLU B 341 -3.06 -14.77 -13.62
CA GLU B 341 -3.39 -15.93 -14.42
C GLU B 341 -4.90 -16.11 -14.54
N LEU B 342 -5.64 -15.83 -13.46
CA LEU B 342 -7.09 -15.99 -13.50
C LEU B 342 -7.72 -14.96 -14.44
N ARG B 343 -7.19 -13.74 -14.48
CA ARG B 343 -7.67 -12.75 -15.43
C ARG B 343 -7.32 -13.12 -16.86
N ALA B 344 -6.12 -13.67 -17.09
CA ALA B 344 -5.79 -14.19 -18.42
C ALA B 344 -6.73 -15.32 -18.79
N PHE B 345 -7.08 -16.17 -17.83
CA PHE B 345 -8.04 -17.24 -18.05
C PHE B 345 -9.39 -16.70 -18.51
N LEU B 346 -9.86 -15.63 -17.86
CA LEU B 346 -11.12 -15.02 -18.27
C LEU B 346 -11.05 -14.51 -19.70
N LEU B 347 -9.88 -14.00 -20.12
CA LEU B 347 -9.72 -13.48 -21.47
C LEU B 347 -9.53 -14.57 -22.51
N SER B 348 -9.14 -15.78 -22.09
CA SER B 348 -8.75 -16.83 -23.02
C SER B 348 -9.91 -17.75 -23.42
N HIS B 349 -11.10 -17.56 -22.86
CA HIS B 349 -12.24 -18.41 -23.17
C HIS B 349 -13.49 -17.56 -23.34
N ASN B 350 -14.31 -17.91 -24.32
CA ASN B 350 -15.46 -17.11 -24.70
C ASN B 350 -16.75 -17.54 -23.99
N MET B 351 -16.65 -18.42 -23.00
CA MET B 351 -17.81 -18.75 -22.18
C MET B 351 -18.36 -17.51 -21.51
N PRO B 352 -19.69 -17.45 -21.28
CA PRO B 352 -20.25 -16.35 -20.48
C PRO B 352 -19.45 -16.04 -19.23
N LEU B 353 -19.13 -14.75 -19.04
CA LEU B 353 -18.10 -14.36 -18.08
C LEU B 353 -18.49 -14.72 -16.65
N LEU B 354 -19.76 -14.51 -16.28
CA LEU B 354 -20.19 -14.84 -14.93
C LEU B 354 -20.07 -16.34 -14.66
N GLU B 355 -20.39 -17.16 -15.66
CA GLU B 355 -20.20 -18.60 -15.53
C GLU B 355 -18.71 -18.95 -15.49
N LEU B 356 -17.91 -18.27 -16.31
CA LEU B 356 -16.48 -18.56 -16.34
C LEU B 356 -15.78 -18.11 -15.07
N ALA B 357 -16.30 -17.08 -14.40
CA ALA B 357 -15.68 -16.62 -13.16
C ALA B 357 -15.77 -17.67 -12.07
N LYS B 358 -16.89 -18.40 -12.02
CA LYS B 358 -17.03 -19.48 -11.04
C LYS B 358 -16.04 -20.61 -11.32
N ILE B 359 -15.86 -20.96 -12.60
CA ILE B 359 -14.89 -21.97 -12.97
C ILE B 359 -13.49 -21.52 -12.59
N ALA B 360 -13.18 -20.24 -12.80
CA ALA B 360 -11.85 -19.72 -12.47
C ALA B 360 -11.59 -19.78 -10.97
N LEU B 361 -12.58 -19.38 -10.17
CA LEU B 361 -12.40 -19.38 -8.71
C LEU B 361 -12.22 -20.80 -8.19
N LEU B 362 -13.08 -21.72 -8.61
CA LEU B 362 -12.93 -23.11 -8.19
C LEU B 362 -11.65 -23.72 -8.74
N GLY B 363 -11.23 -23.30 -9.94
CA GLY B 363 -9.97 -23.76 -10.49
C GLY B 363 -8.77 -23.31 -9.68
N ALA B 364 -8.92 -22.23 -8.91
CA ALA B 364 -7.84 -21.69 -8.09
C ALA B 364 -7.94 -22.11 -6.63
N THR B 365 -9.01 -22.80 -6.23
CA THR B 365 -9.19 -23.19 -4.84
C THR B 365 -9.45 -24.67 -4.69
N ARG B 366 -10.73 -25.06 -4.68
CA ARG B 366 -11.11 -26.43 -4.32
C ARG B 366 -10.52 -27.46 -5.27
N HIS B 367 -10.53 -27.17 -6.58
CA HIS B 367 -10.05 -28.14 -7.55
C HIS B 367 -8.55 -28.38 -7.43
N GLY B 368 -7.78 -27.30 -7.25
CA GLY B 368 -6.34 -27.46 -7.06
C GLY B 368 -6.00 -28.19 -5.78
N ALA B 369 -6.78 -27.95 -4.71
CA ALA B 369 -6.57 -28.68 -3.46
C ALA B 369 -6.79 -30.18 -3.65
N LYS B 370 -7.86 -30.55 -4.39
CA LYS B 370 -8.09 -31.96 -4.66
C LYS B 370 -6.98 -32.55 -5.53
N ALA B 371 -6.47 -31.77 -6.48
CA ALA B 371 -5.39 -32.25 -7.35
C ALA B 371 -4.13 -32.53 -6.54
N LEU B 372 -3.82 -31.68 -5.57
CA LEU B 372 -2.64 -31.85 -4.74
C LEU B 372 -2.91 -32.69 -3.49
N ALA B 373 -4.14 -33.18 -3.33
CA ALA B 373 -4.52 -34.01 -2.17
C ALA B 373 -4.20 -33.27 -0.87
N LEU B 374 -4.58 -32.00 -0.81
CA LEU B 374 -4.40 -31.18 0.36
C LEU B 374 -5.75 -30.92 1.03
N ASN B 375 -5.71 -30.69 2.33
CA ASN B 375 -6.91 -30.51 3.14
C ASN B 375 -7.26 -29.02 3.26
N ASN B 376 -7.43 -28.38 2.10
CA ASN B 376 -7.73 -26.96 2.07
C ASN B 376 -8.51 -26.65 0.79
N GLY B 377 -8.44 -25.40 0.33
CA GLY B 377 -9.13 -24.98 -0.85
C GLY B 377 -10.62 -24.72 -0.69
N GLU B 378 -11.15 -24.80 0.53
CA GLU B 378 -12.57 -24.62 0.75
C GLU B 378 -12.81 -24.20 2.19
N ILE B 379 -13.76 -23.29 2.39
CA ILE B 379 -14.12 -22.84 3.73
C ILE B 379 -15.16 -23.82 4.27
N GLU B 380 -14.67 -24.84 4.99
N GLU B 380 -14.67 -24.81 5.01
CA GLU B 380 -15.54 -25.85 5.58
CA GLU B 380 -15.51 -25.88 5.55
C GLU B 380 -14.85 -26.38 6.82
C GLU B 380 -14.85 -26.39 6.83
N THR B 381 -15.66 -26.73 7.82
CA THR B 381 -15.14 -27.21 9.09
C THR B 381 -14.25 -28.42 8.89
N ASN B 382 -13.13 -28.45 9.62
CA ASN B 382 -12.07 -29.45 9.65
C ASN B 382 -11.05 -29.28 8.53
N LYS B 383 -11.26 -28.37 7.58
CA LYS B 383 -10.22 -28.05 6.61
C LYS B 383 -9.16 -27.17 7.25
N ARG B 384 -8.00 -27.09 6.60
CA ARG B 384 -6.94 -26.23 7.08
C ARG B 384 -7.40 -24.77 7.10
N ALA B 385 -6.90 -24.02 8.06
CA ALA B 385 -7.18 -22.58 8.15
C ALA B 385 -6.24 -21.81 7.23
N ASP B 386 -6.34 -22.12 5.94
CA ASP B 386 -5.61 -21.41 4.88
C ASP B 386 -6.57 -20.42 4.28
N LEU B 387 -6.46 -19.15 4.71
CA LEU B 387 -7.49 -18.15 4.44
C LEU B 387 -6.85 -16.87 3.93
N SER B 388 -7.49 -16.26 2.94
CA SER B 388 -7.08 -14.97 2.39
C SER B 388 -8.19 -13.93 2.61
N VAL B 389 -7.78 -12.70 2.87
CA VAL B 389 -8.69 -11.55 2.91
C VAL B 389 -8.18 -10.51 1.93
N PHE B 390 -9.05 -10.08 1.01
CA PHE B 390 -8.75 -9.05 0.04
C PHE B 390 -9.65 -7.85 0.29
N GLY B 391 -9.06 -6.67 0.42
CA GLY B 391 -9.81 -5.46 0.73
C GLY B 391 -10.08 -4.62 -0.50
N PHE B 392 -11.25 -4.01 -0.55
CA PHE B 392 -11.68 -3.19 -1.68
C PHE B 392 -12.28 -1.89 -1.18
N ASN B 393 -12.60 -1.01 -2.13
CA ASN B 393 -13.18 0.29 -1.82
C ASN B 393 -14.70 0.29 -1.88
N GLU B 394 -15.31 -0.83 -2.22
CA GLU B 394 -16.76 -0.95 -2.29
C GLU B 394 -17.16 -2.39 -2.00
N LYS B 395 -18.44 -2.59 -1.71
CA LYS B 395 -18.98 -3.93 -1.49
C LYS B 395 -19.70 -4.38 -2.75
N PHE B 396 -19.28 -5.51 -3.30
CA PHE B 396 -19.87 -6.04 -4.52
C PHE B 396 -21.24 -6.63 -4.24
N THR B 397 -22.12 -6.57 -5.25
CA THR B 397 -23.36 -7.31 -5.18
C THR B 397 -23.08 -8.81 -5.18
N LYS B 398 -24.04 -9.57 -4.63
CA LYS B 398 -23.89 -11.01 -4.52
C LYS B 398 -23.61 -11.65 -5.87
N GLU B 399 -24.37 -11.25 -6.89
CA GLU B 399 -24.24 -11.89 -8.20
C GLU B 399 -22.99 -11.45 -8.95
N GLN B 400 -22.42 -10.30 -8.60
CA GLN B 400 -21.21 -9.80 -9.23
C GLN B 400 -19.95 -10.07 -8.41
N ALA B 401 -20.10 -10.60 -7.19
CA ALA B 401 -18.99 -10.63 -6.24
C ALA B 401 -17.79 -11.39 -6.79
N ILE B 402 -18.03 -12.58 -7.35
CA ILE B 402 -16.92 -13.43 -7.79
C ILE B 402 -16.17 -12.79 -8.95
N LEU B 403 -16.90 -12.30 -9.95
CA LEU B 403 -16.26 -11.69 -11.12
C LEU B 403 -15.52 -10.42 -10.74
N GLN B 404 -16.17 -9.54 -9.97
CA GLN B 404 -15.53 -8.29 -9.56
C GLN B 404 -14.29 -8.57 -8.71
N PHE B 405 -14.35 -9.60 -7.87
CA PHE B 405 -13.17 -9.99 -7.10
C PHE B 405 -12.01 -10.35 -8.03
N LEU B 406 -12.26 -11.22 -9.01
CA LEU B 406 -11.20 -11.62 -9.94
C LEU B 406 -10.67 -10.43 -10.73
N LEU B 407 -11.51 -9.45 -11.04
CA LEU B 407 -11.07 -8.32 -11.85
C LEU B 407 -10.21 -7.36 -11.05
N HIS B 408 -10.50 -7.17 -9.76
CA HIS B 408 -9.87 -6.11 -8.99
C HIS B 408 -8.86 -6.59 -7.96
N ALA B 409 -8.88 -7.86 -7.57
CA ALA B 409 -7.95 -8.34 -6.56
C ALA B 409 -6.53 -8.33 -7.12
N LYS B 410 -5.62 -7.65 -6.43
CA LYS B 410 -4.22 -7.56 -6.82
C LYS B 410 -3.30 -8.11 -5.74
N GLU B 411 -3.40 -7.60 -4.52
CA GLU B 411 -2.55 -8.03 -3.41
C GLU B 411 -3.43 -8.38 -2.21
N VAL B 412 -3.04 -9.43 -1.49
CA VAL B 412 -3.83 -9.89 -0.34
C VAL B 412 -3.66 -8.93 0.83
N GLU B 413 -4.73 -8.75 1.61
CA GLU B 413 -4.69 -7.90 2.79
C GLU B 413 -4.36 -8.69 4.04
N ARG B 414 -4.88 -9.91 4.16
CA ARG B 414 -4.52 -10.83 5.22
C ARG B 414 -4.35 -12.22 4.62
N LEU B 415 -3.28 -12.90 5.01
CA LEU B 415 -3.06 -14.29 4.62
C LEU B 415 -2.81 -15.10 5.88
N PHE B 416 -3.65 -16.11 6.11
CA PHE B 416 -3.46 -17.06 7.20
C PHE B 416 -3.18 -18.43 6.61
N LEU B 417 -2.11 -19.07 7.08
CA LEU B 417 -1.73 -20.41 6.65
C LEU B 417 -1.57 -21.27 7.89
N GLY B 418 -2.34 -22.35 7.95
CA GLY B 418 -2.41 -23.14 9.16
C GLY B 418 -2.83 -22.35 10.39
N GLY B 419 -3.66 -21.32 10.20
CA GLY B 419 -4.12 -20.49 11.29
C GLY B 419 -3.16 -19.40 11.72
N LYS B 420 -1.94 -19.38 11.21
CA LYS B 420 -0.94 -18.37 11.55
C LYS B 420 -0.94 -17.27 10.49
N ARG B 421 -0.89 -16.02 10.95
CA ARG B 421 -0.87 -14.89 10.03
C ARG B 421 0.48 -14.81 9.31
N VAL B 422 0.44 -14.85 7.98
CA VAL B 422 1.64 -14.70 7.17
C VAL B 422 1.75 -13.30 6.60
N ILE B 423 0.65 -12.73 6.12
CA ILE B 423 0.63 -11.37 5.61
C ILE B 423 -0.44 -10.57 6.35
N GLN C 16 24.96 -12.79 -6.01
CA GLN C 16 25.16 -11.39 -5.67
C GLN C 16 24.22 -10.48 -6.47
N GLU C 17 23.86 -9.35 -5.89
CA GLU C 17 23.04 -8.35 -6.56
C GLU C 17 23.45 -6.97 -6.08
N ILE C 18 22.92 -5.95 -6.74
CA ILE C 18 23.19 -4.56 -6.42
C ILE C 18 21.89 -3.84 -6.16
N ILE C 19 21.82 -3.10 -5.06
N ILE C 19 21.83 -3.08 -5.06
CA ILE C 19 20.68 -2.25 -4.75
CA ILE C 19 20.68 -2.26 -4.71
C ILE C 19 21.20 -0.86 -4.42
C ILE C 19 21.19 -0.85 -4.39
N GLY C 20 20.53 0.16 -4.94
CA GLY C 20 20.91 1.53 -4.68
C GLY C 20 19.67 2.38 -4.40
N ALA C 21 19.94 3.56 -3.85
CA ALA C 21 18.87 4.49 -3.52
C ALA C 21 19.42 5.91 -3.58
N SER C 22 18.49 6.86 -3.65
CA SER C 22 18.87 8.27 -3.68
C SER C 22 19.65 8.66 -2.43
N LEU C 23 19.35 8.04 -1.30
CA LEU C 23 20.03 8.30 -0.04
C LEU C 23 20.40 6.97 0.60
N VAL C 24 21.63 6.88 1.08
CA VAL C 24 22.10 5.69 1.78
C VAL C 24 22.64 6.13 3.13
N PHE C 25 22.12 5.54 4.20
CA PHE C 25 22.60 5.78 5.55
C PHE C 25 23.57 4.65 5.91
N LEU C 26 24.85 4.98 6.03
CA LEU C 26 25.83 3.95 6.38
C LEU C 26 25.68 3.51 7.84
N CYS C 27 25.21 4.41 8.70
CA CYS C 27 25.06 4.14 10.13
C CYS C 27 26.39 3.72 10.77
N ASN C 28 27.47 4.34 10.31
CA ASN C 28 28.69 4.37 11.10
C ASN C 28 28.56 5.43 12.18
N GLU C 29 29.54 5.49 13.10
CA GLU C 29 29.45 6.45 14.17
C GLU C 29 29.44 7.89 13.66
N LYS C 30 29.99 8.13 12.48
CA LYS C 30 29.87 9.42 11.82
C LYS C 30 28.45 9.70 11.35
N CYS C 31 27.63 8.67 11.21
CA CYS C 31 26.27 8.78 10.66
C CYS C 31 26.31 9.35 9.25
N GLU C 32 27.16 8.74 8.41
CA GLU C 32 27.38 9.22 7.06
C GLU C 32 26.13 9.05 6.21
N VAL C 33 25.83 10.08 5.43
CA VAL C 33 24.73 10.06 4.47
C VAL C 33 25.32 10.21 3.08
N LEU C 34 24.98 9.28 2.18
CA LEU C 34 25.54 9.26 0.84
C LEU C 34 24.41 9.32 -0.18
N GLU C 35 24.64 10.03 -1.27
CA GLU C 35 23.64 10.23 -2.31
C GLU C 35 23.92 9.33 -3.50
N ASP C 36 22.86 8.72 -4.03
CA ASP C 36 22.93 7.87 -5.22
C ASP C 36 24.00 6.78 -5.07
N TYR C 37 24.06 6.18 -3.89
CA TYR C 37 25.03 5.13 -3.62
C TYR C 37 24.37 3.76 -3.70
N GLY C 38 25.22 2.73 -3.79
CA GLY C 38 24.75 1.37 -3.97
C GLY C 38 25.58 0.38 -3.17
N VAL C 39 25.06 -0.83 -3.06
CA VAL C 39 25.66 -1.90 -2.28
C VAL C 39 25.61 -3.19 -3.08
N VAL C 40 26.75 -3.86 -3.21
CA VAL C 40 26.82 -5.22 -3.73
C VAL C 40 26.83 -6.18 -2.55
N PHE C 41 25.98 -7.20 -2.61
CA PHE C 41 25.87 -8.12 -1.47
C PHE C 41 25.43 -9.49 -1.93
N ASP C 42 25.94 -10.52 -1.24
CA ASP C 42 25.35 -11.85 -1.28
C ASP C 42 24.67 -12.11 0.07
N GLU C 43 25.25 -12.96 0.90
CA GLU C 43 24.78 -13.04 2.29
C GLU C 43 25.39 -11.92 3.13
N LYS C 44 26.53 -11.40 2.74
CA LYS C 44 27.20 -10.30 3.41
C LYS C 44 27.31 -9.11 2.48
N ILE C 45 27.59 -7.94 3.05
CA ILE C 45 27.89 -6.75 2.26
C ILE C 45 29.27 -6.94 1.62
N VAL C 46 29.31 -6.87 0.29
CA VAL C 46 30.54 -7.14 -0.47
C VAL C 46 31.26 -5.86 -0.85
N GLU C 47 30.53 -4.87 -1.35
CA GLU C 47 31.15 -3.64 -1.82
C GLU C 47 30.15 -2.50 -1.74
N ILE C 48 30.67 -1.30 -1.45
CA ILE C 48 29.88 -0.08 -1.39
C ILE C 48 30.50 0.93 -2.36
N GLY C 49 29.65 1.72 -3.00
CA GLY C 49 30.13 2.74 -3.92
C GLY C 49 28.98 3.42 -4.63
N ASP C 50 29.35 4.37 -5.49
CA ASP C 50 28.40 5.03 -6.36
C ASP C 50 27.64 3.99 -7.18
N TYR C 51 26.31 4.14 -7.25
CA TYR C 51 25.48 3.10 -7.85
C TYR C 51 25.79 2.93 -9.33
N HIS C 52 25.84 4.03 -10.08
CA HIS C 52 26.11 3.92 -11.51
C HIS C 52 27.48 3.31 -11.76
N ASN C 53 28.49 3.75 -11.01
CA ASN C 53 29.81 3.17 -11.14
C ASN C 53 29.81 1.70 -10.75
N LEU C 54 28.94 1.32 -9.80
CA LEU C 54 28.86 -0.08 -9.39
C LEU C 54 28.28 -0.94 -10.51
N THR C 55 27.30 -0.42 -11.25
CA THR C 55 26.71 -1.18 -12.34
C THR C 55 27.67 -1.32 -13.52
N LEU C 56 28.56 -0.33 -13.71
CA LEU C 56 29.58 -0.46 -14.74
C LEU C 56 30.66 -1.44 -14.31
N LYS C 57 31.04 -1.42 -13.03
CA LYS C 57 32.05 -2.34 -12.52
C LYS C 57 31.56 -3.78 -12.55
N TYR C 58 30.27 -3.99 -12.31
CA TYR C 58 29.68 -5.33 -12.27
C TYR C 58 28.47 -5.38 -13.20
N PRO C 59 28.69 -5.36 -14.51
CA PRO C 59 27.57 -5.24 -15.45
C PRO C 59 26.70 -6.48 -15.57
N HIS C 60 27.14 -7.62 -15.04
CA HIS C 60 26.36 -8.86 -15.16
C HIS C 60 25.53 -9.17 -13.94
N LEU C 61 25.70 -8.42 -12.85
CA LEU C 61 24.88 -8.63 -11.66
C LEU C 61 23.54 -7.93 -11.80
N LYS C 62 22.51 -8.51 -11.18
CA LYS C 62 21.22 -7.86 -11.12
C LYS C 62 21.31 -6.60 -10.27
N ALA C 63 20.68 -5.53 -10.74
CA ALA C 63 20.82 -4.23 -10.12
C ALA C 63 19.48 -3.50 -10.12
N GLN C 64 19.09 -2.98 -8.95
CA GLN C 64 17.88 -2.19 -8.80
C GLN C 64 18.22 -0.88 -8.10
N PHE C 65 17.65 0.22 -8.60
CA PHE C 65 17.81 1.52 -7.98
C PHE C 65 16.45 2.02 -7.52
N PHE C 66 16.39 2.55 -6.31
CA PHE C 66 15.14 3.03 -5.71
C PHE C 66 15.23 4.55 -5.57
N GLU C 67 14.66 5.26 -6.54
CA GLU C 67 14.62 6.71 -6.49
C GLU C 67 13.74 7.18 -5.35
N ASN C 68 14.11 8.33 -4.78
CA ASN C 68 13.36 8.96 -3.69
C ASN C 68 13.21 8.02 -2.50
N SER C 69 14.21 7.18 -2.28
CA SER C 69 14.16 6.18 -1.22
C SER C 69 15.42 6.27 -0.35
N VAL C 70 15.37 5.60 0.79
CA VAL C 70 16.48 5.55 1.72
C VAL C 70 16.89 4.09 1.89
N LEU C 71 18.18 3.82 1.69
CA LEU C 71 18.76 2.51 1.95
C LEU C 71 19.58 2.59 3.24
N LEU C 72 19.35 1.66 4.15
CA LEU C 72 20.00 1.69 5.45
C LEU C 72 19.98 0.28 6.03
N PRO C 73 20.78 0.02 7.07
CA PRO C 73 20.74 -1.30 7.71
C PRO C 73 19.38 -1.56 8.33
N ALA C 74 18.98 -2.83 8.32
CA ALA C 74 17.81 -3.24 9.09
C ALA C 74 18.00 -2.87 10.54
N PHE C 75 16.90 -2.54 11.21
CA PHE C 75 16.98 -2.09 12.59
C PHE C 75 17.26 -3.28 13.52
N ILE C 76 17.79 -2.95 14.69
CA ILE C 76 17.96 -3.92 15.78
C ILE C 76 17.13 -3.40 16.96
N ASN C 77 16.21 -4.22 17.44
CA ASN C 77 15.37 -3.89 18.59
C ASN C 77 15.86 -4.76 19.75
N ALA C 78 16.70 -4.17 20.61
CA ALA C 78 17.49 -4.94 21.55
C ALA C 78 16.72 -5.36 22.81
N HIS C 79 15.47 -4.93 22.98
CA HIS C 79 14.75 -5.22 24.22
C HIS C 79 13.25 -5.22 23.95
N THR C 80 12.64 -6.41 23.93
CA THR C 80 11.20 -6.58 23.83
C THR C 80 10.77 -7.76 24.69
N HIS C 81 9.49 -7.77 25.03
CA HIS C 81 8.86 -8.87 25.78
C HIS C 81 7.71 -9.40 24.94
N PHE C 82 8.01 -10.37 24.06
CA PHE C 82 6.98 -10.89 23.16
C PHE C 82 5.86 -11.59 23.91
N GLU C 83 6.17 -12.21 25.05
CA GLU C 83 5.16 -12.97 25.78
C GLU C 83 4.00 -12.11 26.28
N PHE C 84 4.20 -10.80 26.41
CA PHE C 84 3.16 -9.89 26.86
C PHE C 84 2.42 -9.22 25.71
N SER C 85 2.44 -9.82 24.52
CA SER C 85 1.89 -9.14 23.34
C SER C 85 0.36 -9.01 23.37
N ASN C 86 -0.32 -9.74 24.25
CA ASN C 86 -1.77 -9.62 24.35
C ASN C 86 -2.22 -8.29 24.97
N ASN C 87 -1.32 -7.60 25.67
CA ASN C 87 -1.74 -6.50 26.54
C ASN C 87 -2.24 -5.30 25.75
N LYS C 88 -3.36 -4.74 26.22
CA LYS C 88 -3.79 -3.40 25.82
C LYS C 88 -3.96 -2.53 27.06
N ALA C 89 -4.94 -2.84 27.93
CA ALA C 89 -5.18 -2.06 29.13
C ALA C 89 -5.23 -2.94 30.38
N SER C 90 -4.56 -4.11 30.35
CA SER C 90 -4.56 -4.98 31.52
C SER C 90 -3.71 -4.43 32.65
N PHE C 91 -2.76 -3.55 32.36
CA PHE C 91 -1.85 -3.02 33.37
C PHE C 91 -2.07 -1.52 33.51
N ASP C 92 -1.92 -1.02 34.74
CA ASP C 92 -2.10 0.39 35.03
C ASP C 92 -0.87 1.18 34.62
N TYR C 93 -1.11 2.41 34.15
CA TYR C 93 -0.03 3.33 33.80
C TYR C 93 -0.15 4.60 34.64
N GLY C 94 0.93 5.37 34.65
CA GLY C 94 1.02 6.59 35.44
C GLY C 94 1.93 6.49 36.63
N SER C 95 2.34 5.28 37.01
CA SER C 95 3.30 5.06 38.08
C SER C 95 3.90 3.68 37.88
N PHE C 96 5.14 3.51 38.34
CA PHE C 96 5.76 2.20 38.25
C PHE C 96 5.16 1.24 39.27
N SER C 97 4.96 1.70 40.51
CA SER C 97 4.35 0.85 41.53
C SER C 97 2.94 0.44 41.11
N GLY C 98 2.17 1.36 40.54
CA GLY C 98 0.86 1.00 40.01
C GLY C 98 0.94 0.00 38.88
N TRP C 99 1.93 0.15 38.01
CA TRP C 99 2.11 -0.79 36.90
C TRP C 99 2.53 -2.17 37.42
N LEU C 100 3.56 -2.21 38.27
CA LEU C 100 4.07 -3.49 38.75
C LEU C 100 3.01 -4.22 39.56
N GLY C 101 2.30 -3.51 40.44
CA GLY C 101 1.22 -4.14 41.19
C GLY C 101 0.15 -4.75 40.29
N SER C 102 -0.18 -4.05 39.20
CA SER C 102 -1.19 -4.58 38.28
C SER C 102 -0.68 -5.78 37.50
N VAL C 103 0.61 -5.81 37.17
CA VAL C 103 1.17 -6.96 36.47
C VAL C 103 1.09 -8.20 37.35
N LEU C 104 1.47 -8.05 38.63
CA LEU C 104 1.44 -9.17 39.55
C LEU C 104 0.01 -9.61 39.85
N ASN C 105 -0.89 -8.65 40.09
CA ASN C 105 -2.28 -8.99 40.35
C ASN C 105 -2.94 -9.63 39.13
N ASN C 106 -2.39 -9.41 37.93
CA ASN C 106 -2.91 -10.07 36.74
C ASN C 106 -2.71 -11.58 36.81
N GLY C 107 -1.69 -12.03 37.53
CA GLY C 107 -1.48 -13.44 37.76
C GLY C 107 -1.20 -14.25 36.50
N GLY C 108 -0.56 -13.66 35.51
CA GLY C 108 -0.21 -14.37 34.30
C GLY C 108 -1.34 -14.62 33.33
N ALA C 109 -2.55 -14.12 33.63
CA ALA C 109 -3.68 -14.35 32.75
C ALA C 109 -3.48 -13.73 31.37
N ILE C 110 -2.81 -12.57 31.31
CA ILE C 110 -2.60 -11.91 30.03
C ILE C 110 -1.65 -12.70 29.16
N LEU C 111 -0.86 -13.57 29.78
CA LEU C 111 0.07 -14.32 28.97
C LEU C 111 -0.60 -15.43 28.18
N GLU C 112 -1.85 -15.82 28.43
CA GLU C 112 -2.16 -17.01 27.67
C GLU C 112 -2.96 -16.72 26.43
N ASN C 113 -3.03 -17.76 25.61
CA ASN C 113 -3.46 -17.69 24.23
C ASN C 113 -2.70 -16.56 23.57
N CYS C 114 -1.41 -16.84 23.47
CA CYS C 114 -0.38 -15.84 23.20
C CYS C 114 0.03 -15.81 21.74
N GLN C 115 -0.15 -16.90 21.01
CA GLN C 115 0.53 -17.07 19.74
C GLN C 115 0.06 -16.08 18.69
N GLY C 116 -1.24 -15.76 18.69
CA GLY C 116 -1.74 -14.81 17.71
C GLY C 116 -1.12 -13.44 17.85
N ALA C 117 -1.07 -12.93 19.09
CA ALA C 117 -0.49 -11.61 19.33
C ALA C 117 1.01 -11.59 19.08
N ILE C 118 1.69 -12.70 19.34
CA ILE C 118 3.14 -12.74 19.13
C ILE C 118 3.48 -12.68 17.65
N GLN C 119 2.72 -13.40 16.82
CA GLN C 119 2.95 -13.33 15.38
C GLN C 119 2.68 -11.93 14.85
N ASN C 120 1.60 -11.29 15.32
CA ASN C 120 1.35 -9.90 14.96
C ASN C 120 2.49 -9.00 15.42
N ALA C 121 3.05 -9.28 16.60
CA ALA C 121 4.19 -8.53 17.10
C ALA C 121 5.41 -8.75 16.22
N ILE C 122 5.63 -9.98 15.78
CA ILE C 122 6.79 -10.29 14.94
C ILE C 122 6.68 -9.56 13.61
N MET C 123 5.49 -9.56 13.00
CA MET C 123 5.31 -8.90 11.72
C MET C 123 5.39 -7.38 11.85
N ALA C 124 4.95 -6.84 12.99
CA ALA C 124 5.09 -5.40 13.23
C ALA C 124 6.55 -4.99 13.23
N GLN C 125 7.43 -5.82 13.81
CA GLN C 125 8.86 -5.57 13.75
C GLN C 125 9.36 -5.57 12.31
N LEU C 126 9.08 -6.66 11.58
CA LEU C 126 9.61 -6.81 10.23
C LEU C 126 9.15 -5.68 9.31
N LYS C 127 7.86 -5.33 9.39
CA LYS C 127 7.35 -4.25 8.55
C LYS C 127 7.90 -2.89 8.98
N SER C 128 8.35 -2.77 10.22
CA SER C 128 9.01 -1.56 10.71
C SER C 128 10.48 -1.47 10.31
N GLY C 129 11.00 -2.47 9.61
CA GLY C 129 12.40 -2.50 9.25
C GLY C 129 13.31 -3.20 10.24
N VAL C 130 12.76 -3.87 11.25
CA VAL C 130 13.55 -4.53 12.27
C VAL C 130 13.99 -5.89 11.75
N GLY C 131 15.31 -6.14 11.77
CA GLY C 131 15.83 -7.41 11.32
C GLY C 131 16.32 -8.31 12.43
N SER C 132 16.61 -7.73 13.59
CA SER C 132 17.16 -8.46 14.73
C SER C 132 16.48 -7.98 16.00
N VAL C 133 16.20 -8.90 16.92
CA VAL C 133 15.46 -8.58 18.14
C VAL C 133 16.17 -9.19 19.34
N GLY C 134 16.24 -8.42 20.43
CA GLY C 134 16.58 -8.95 21.72
C GLY C 134 15.32 -9.26 22.51
N ALA C 135 14.94 -10.53 22.55
CA ALA C 135 13.67 -10.95 23.12
C ALA C 135 13.87 -11.43 24.55
N ILE C 136 13.28 -10.72 25.50
CA ILE C 136 13.27 -11.14 26.89
C ILE C 136 12.16 -12.17 27.08
N SER C 137 12.51 -13.31 27.66
CA SER C 137 11.58 -14.43 27.78
C SER C 137 11.69 -15.06 29.16
N ASN C 138 10.54 -15.31 29.78
CA ASN C 138 10.49 -16.01 31.06
C ASN C 138 10.14 -17.49 30.91
N HIS C 139 9.45 -17.86 29.83
CA HIS C 139 8.97 -19.22 29.66
C HIS C 139 9.21 -19.81 28.28
N LEU C 140 9.85 -19.06 27.37
CA LEU C 140 10.15 -19.51 26.01
C LEU C 140 8.88 -19.73 25.18
N ILE C 141 7.81 -19.01 25.51
CA ILE C 141 6.54 -19.18 24.79
C ILE C 141 6.61 -18.59 23.39
N GLU C 142 7.51 -17.63 23.15
CA GLU C 142 7.64 -16.98 21.86
C GLU C 142 8.70 -17.60 20.97
N VAL C 143 9.52 -18.53 21.49
CA VAL C 143 10.71 -18.97 20.73
C VAL C 143 10.29 -19.69 19.45
N ASN C 144 9.25 -20.51 19.51
CA ASN C 144 8.83 -21.27 18.33
C ASN C 144 8.48 -20.33 17.17
N LEU C 145 7.66 -19.31 17.44
CA LEU C 145 7.29 -18.37 16.39
C LEU C 145 8.50 -17.58 15.90
N LEU C 146 9.38 -17.19 16.82
CA LEU C 146 10.62 -16.51 16.43
C LEU C 146 11.45 -17.38 15.50
N LYS C 147 11.63 -18.66 15.86
CA LYS C 147 12.40 -19.58 15.04
C LYS C 147 11.81 -19.72 13.64
N GLU C 148 10.48 -19.68 13.53
CA GLU C 148 9.82 -19.80 12.24
C GLU C 148 9.81 -18.49 11.46
N SER C 149 10.26 -17.39 12.07
CA SER C 149 10.32 -16.09 11.42
C SER C 149 11.72 -15.84 10.86
N PRO C 150 11.86 -14.93 9.89
CA PRO C 150 13.19 -14.58 9.39
C PRO C 150 13.98 -13.67 10.31
N LEU C 151 13.45 -13.31 11.47
CA LEU C 151 14.15 -12.41 12.37
C LEU C 151 15.39 -13.07 12.95
N ASN C 152 16.46 -12.28 13.08
CA ASN C 152 17.56 -12.66 13.96
C ASN C 152 17.11 -12.48 15.40
N ALA C 153 17.27 -13.52 16.21
CA ALA C 153 16.74 -13.50 17.57
C ALA C 153 17.85 -13.81 18.57
N VAL C 154 18.00 -12.93 19.55
CA VAL C 154 18.77 -13.20 20.76
C VAL C 154 17.77 -13.29 21.90
N VAL C 155 17.52 -14.51 22.36
CA VAL C 155 16.51 -14.76 23.38
C VAL C 155 17.18 -14.73 24.74
N PHE C 156 16.83 -13.75 25.57
CA PHE C 156 17.33 -13.63 26.93
C PHE C 156 16.37 -14.36 27.85
N LEU C 157 16.75 -15.55 28.30
CA LEU C 157 15.97 -16.26 29.31
C LEU C 157 16.14 -15.52 30.64
N GLU C 158 15.07 -14.92 31.13
CA GLU C 158 15.11 -14.00 32.25
C GLU C 158 14.71 -14.70 33.55
N PHE C 159 15.55 -14.55 34.58
CA PHE C 159 15.32 -15.20 35.85
C PHE C 159 14.55 -14.29 36.80
N LEU C 160 13.56 -14.87 37.48
CA LEU C 160 12.81 -14.21 38.53
C LEU C 160 12.90 -15.05 39.80
N GLY C 161 13.14 -14.41 40.94
CA GLY C 161 13.18 -15.11 42.21
C GLY C 161 13.88 -14.36 43.32
N SER C 162 13.11 -13.89 44.31
CA SER C 162 13.65 -13.10 45.41
C SER C 162 13.96 -13.92 46.65
N SER C 163 13.76 -15.23 46.61
CA SER C 163 14.07 -16.10 47.73
C SER C 163 14.86 -17.29 47.19
N TYR C 164 16.04 -17.54 47.77
CA TYR C 164 16.95 -18.54 47.24
C TYR C 164 16.33 -19.93 47.29
N SER C 165 16.47 -20.64 46.17
CA SER C 165 16.01 -22.01 46.10
C SER C 165 16.88 -22.78 45.12
N LEU C 166 17.62 -23.78 45.62
CA LEU C 166 18.38 -24.65 44.74
C LEU C 166 17.44 -25.37 43.78
N GLU C 167 16.22 -25.66 44.25
CA GLU C 167 15.11 -26.13 43.43
C GLU C 167 14.80 -25.25 42.24
N LYS C 168 14.72 -23.95 42.45
CA LYS C 168 14.37 -23.07 41.35
C LYS C 168 15.54 -22.90 40.38
N LEU C 169 16.76 -22.89 40.91
CA LEU C 169 17.95 -22.76 40.07
C LEU C 169 18.07 -23.90 39.07
N LYS C 170 17.88 -25.14 39.52
CA LYS C 170 18.04 -26.28 38.63
C LYS C 170 16.97 -26.29 37.54
N ALA C 171 15.74 -25.93 37.88
CA ALA C 171 14.69 -25.83 36.87
C ALA C 171 15.02 -24.74 35.85
N PHE C 172 15.63 -23.65 36.31
CA PHE C 172 16.02 -22.59 35.39
C PHE C 172 17.16 -23.04 34.48
N GLU C 173 18.16 -23.70 35.04
CA GLU C 173 19.26 -24.23 34.23
C GLU C 173 18.77 -25.28 33.25
N ALA C 174 17.72 -26.02 33.60
CA ALA C 174 17.14 -26.98 32.67
C ALA C 174 16.38 -26.27 31.56
N LYS C 175 15.70 -25.16 31.87
CA LYS C 175 15.05 -24.38 30.83
C LYS C 175 16.05 -23.75 29.89
N PHE C 176 17.19 -23.29 30.43
CA PHE C 176 18.21 -22.70 29.57
C PHE C 176 18.85 -23.73 28.66
N LYS C 177 19.04 -24.96 29.17
CA LYS C 177 19.52 -26.04 28.32
C LYS C 177 18.55 -26.30 27.17
N GLU C 178 17.26 -26.18 27.44
CA GLU C 178 16.26 -26.30 26.40
C GLU C 178 16.41 -25.21 25.34
N LEU C 179 16.72 -23.99 25.78
CA LEU C 179 16.96 -22.90 24.84
C LEU C 179 18.27 -23.09 24.07
N LYS C 180 19.31 -23.54 24.76
CA LYS C 180 20.61 -23.75 24.10
C LYS C 180 20.50 -24.76 22.96
N ASP C 181 19.71 -25.82 23.15
CA ASP C 181 19.58 -26.84 22.13
C ASP C 181 18.78 -26.38 20.92
N LEU C 182 18.19 -25.19 20.97
CA LEU C 182 17.48 -24.62 19.85
C LEU C 182 18.30 -23.58 19.10
N GLU C 183 19.53 -23.30 19.56
CA GLU C 183 20.37 -22.32 18.91
C GLU C 183 20.71 -22.74 17.48
N ASP C 184 20.74 -21.76 16.58
CA ASP C 184 21.23 -21.97 15.21
C ASP C 184 21.77 -20.63 14.71
N GLN C 185 21.88 -20.49 13.39
CA GLN C 185 22.41 -19.27 12.81
C GLN C 185 21.47 -18.08 12.99
N LYS C 186 20.21 -18.33 13.32
CA LYS C 186 19.23 -17.27 13.52
C LYS C 186 18.83 -17.10 14.98
N LEU C 187 19.23 -18.01 15.87
CA LEU C 187 18.82 -17.99 17.27
C LEU C 187 20.05 -18.07 18.15
N LYS C 188 20.27 -17.05 18.97
CA LYS C 188 21.32 -17.03 19.98
C LYS C 188 20.68 -17.06 21.36
N ALA C 189 21.17 -17.97 22.21
CA ALA C 189 20.67 -18.08 23.57
C ALA C 189 21.43 -17.14 24.49
N ALA C 190 20.69 -16.46 25.37
CA ALA C 190 21.27 -15.52 26.32
C ALA C 190 20.51 -15.61 27.62
N LEU C 191 20.97 -14.86 28.63
CA LEU C 191 20.44 -14.93 29.97
C LEU C 191 20.17 -13.53 30.50
N ALA C 192 19.23 -13.43 31.45
CA ALA C 192 18.87 -12.14 32.01
C ALA C 192 18.55 -12.26 33.49
N VAL C 193 18.99 -11.26 34.25
CA VAL C 193 18.55 -11.05 35.62
C VAL C 193 17.50 -9.95 35.60
N HIS C 194 16.32 -10.22 36.17
CA HIS C 194 15.21 -9.30 35.98
C HIS C 194 15.52 -7.90 36.50
N ALA C 195 15.74 -7.77 37.80
CA ALA C 195 15.86 -6.47 38.42
C ALA C 195 16.47 -6.65 39.82
N PRO C 196 17.01 -5.56 40.39
CA PRO C 196 17.56 -5.66 41.76
C PRO C 196 16.52 -6.02 42.81
N TYR C 197 15.25 -5.65 42.62
CA TYR C 197 14.23 -5.90 43.62
C TYR C 197 13.60 -7.28 43.52
N SER C 198 13.87 -8.02 42.44
CA SER C 198 13.16 -9.27 42.18
C SER C 198 14.04 -10.51 42.15
N VAL C 199 15.37 -10.36 42.20
CA VAL C 199 16.28 -11.51 42.12
C VAL C 199 17.22 -11.46 43.31
N GLN C 200 17.15 -12.50 44.15
CA GLN C 200 18.07 -12.62 45.29
C GLN C 200 19.51 -12.72 44.80
N LYS C 201 20.44 -12.20 45.61
CA LYS C 201 21.81 -11.99 45.14
C LYS C 201 22.47 -13.29 44.71
N ASP C 202 22.38 -14.33 45.54
CA ASP C 202 23.05 -15.58 45.20
C ASP C 202 22.38 -16.27 44.02
N MET C 203 21.08 -16.02 43.82
CA MET C 203 20.43 -16.49 42.60
C MET C 203 20.96 -15.74 41.37
N ALA C 204 21.15 -14.43 41.49
CA ALA C 204 21.72 -13.66 40.38
C ALA C 204 23.14 -14.09 40.08
N LEU C 205 23.95 -14.27 41.12
CA LEU C 205 25.33 -14.74 40.92
C LEU C 205 25.36 -16.06 40.18
N SER C 206 24.40 -16.94 40.46
CA SER C 206 24.34 -18.23 39.77
C SER C 206 24.02 -18.04 38.28
N VAL C 207 23.08 -17.14 37.98
CA VAL C 207 22.75 -16.87 36.58
C VAL C 207 23.94 -16.24 35.86
N ILE C 208 24.63 -15.31 36.53
CA ILE C 208 25.78 -14.66 35.91
C ILE C 208 26.89 -15.67 35.65
N GLN C 209 27.11 -16.59 36.59
CA GLN C 209 28.11 -17.63 36.38
C GLN C 209 27.73 -18.54 35.22
N LEU C 210 26.45 -18.91 35.14
CA LEU C 210 25.99 -19.73 34.02
C LEU C 210 26.21 -19.02 32.69
N ALA C 211 26.03 -17.70 32.67
CA ALA C 211 26.30 -16.94 31.45
C ALA C 211 27.78 -17.01 31.07
N LYS C 212 28.67 -16.89 32.05
CA LYS C 212 30.11 -17.01 31.78
C LYS C 212 30.47 -18.41 31.29
N ASP C 213 29.92 -19.44 31.93
CA ASP C 213 30.22 -20.81 31.53
C ASP C 213 29.76 -21.11 30.11
N SER C 214 28.67 -20.47 29.66
CA SER C 214 28.12 -20.70 28.34
C SER C 214 28.46 -19.58 27.36
N GLN C 215 29.28 -18.61 27.78
CA GLN C 215 29.67 -17.48 26.95
C GLN C 215 28.44 -16.76 26.39
N SER C 216 27.47 -16.53 27.27
CA SER C 216 26.20 -15.92 26.90
C SER C 216 26.19 -14.44 27.27
N LEU C 217 25.43 -13.67 26.52
CA LEU C 217 25.21 -12.27 26.86
C LEU C 217 24.27 -12.16 28.06
N LEU C 218 24.33 -11.01 28.72
CA LEU C 218 23.48 -10.72 29.87
C LEU C 218 22.64 -9.48 29.63
N SER C 219 21.53 -9.38 30.36
CA SER C 219 20.66 -8.21 30.32
C SER C 219 20.00 -8.05 31.67
N THR C 220 19.67 -6.81 32.02
CA THR C 220 18.99 -6.56 33.29
C THR C 220 18.30 -5.20 33.25
N HIS C 221 17.18 -5.11 33.98
CA HIS C 221 16.53 -3.83 34.23
C HIS C 221 17.18 -3.15 35.41
N PHE C 222 17.52 -1.88 35.27
CA PHE C 222 18.29 -1.18 36.30
C PHE C 222 17.68 0.19 36.57
N LEU C 223 17.33 0.43 37.83
CA LEU C 223 16.91 1.75 38.33
C LEU C 223 15.90 2.40 37.39
N GLU C 224 14.79 1.69 37.18
CA GLU C 224 13.72 2.13 36.30
C GLU C 224 12.73 3.06 37.00
N SER C 225 12.76 3.15 38.32
CA SER C 225 11.78 3.92 39.05
C SER C 225 12.40 4.54 40.29
N LEU C 226 11.73 5.56 40.82
CA LEU C 226 12.11 6.09 42.12
C LEU C 226 11.89 5.07 43.22
N GLU C 227 10.84 4.25 43.09
CA GLU C 227 10.56 3.22 44.09
C GLU C 227 11.73 2.24 44.19
N GLU C 228 12.29 1.83 43.05
CA GLU C 228 13.45 0.96 43.07
C GLU C 228 14.67 1.67 43.66
N LEU C 229 14.84 2.96 43.35
CA LEU C 229 15.98 3.70 43.86
C LEU C 229 15.92 3.83 45.38
N GLU C 230 14.74 4.16 45.92
CA GLU C 230 14.61 4.26 47.38
C GLU C 230 14.78 2.91 48.06
N TRP C 231 14.35 1.84 47.40
CA TRP C 231 14.56 0.50 47.94
C TRP C 231 16.03 0.12 47.92
N VAL C 232 16.69 0.30 46.76
CA VAL C 232 18.08 -0.13 46.61
C VAL C 232 18.99 0.65 47.55
N GLU C 233 18.76 1.96 47.68
CA GLU C 233 19.68 2.81 48.42
C GLU C 233 19.40 2.84 49.93
N ASN C 234 18.12 2.78 50.34
CA ASN C 234 17.80 2.96 51.75
C ASN C 234 16.78 1.96 52.30
N SER C 235 16.37 0.96 51.51
CA SER C 235 15.40 -0.05 51.97
C SER C 235 14.12 0.60 52.49
N LYS C 236 13.66 1.65 51.81
CA LYS C 236 12.43 2.32 52.19
C LYS C 236 11.58 2.56 50.94
N GLY C 237 10.35 2.97 51.17
CA GLY C 237 9.43 3.26 50.09
C GLY C 237 8.46 2.14 49.81
N TRP C 238 7.93 2.14 48.59
CA TRP C 238 6.85 1.24 48.21
C TRP C 238 7.25 -0.23 48.35
N PHE C 239 8.52 -0.55 48.07
CA PHE C 239 8.94 -1.94 48.10
C PHE C 239 9.03 -2.52 49.51
N GLU C 240 8.75 -1.72 50.55
CA GLU C 240 8.76 -2.23 51.91
C GLU C 240 7.78 -3.39 52.07
N ASN C 241 6.61 -3.28 51.45
CA ASN C 241 5.56 -4.27 51.57
C ASN C 241 5.42 -5.15 50.34
N PHE C 242 6.30 -4.97 49.35
CA PHE C 242 6.17 -5.67 48.08
C PHE C 242 6.28 -7.18 48.24
N TYR C 243 7.22 -7.64 49.07
CA TYR C 243 7.50 -9.07 49.15
C TYR C 243 6.44 -9.82 49.93
N GLN C 244 5.89 -9.20 50.99
CA GLN C 244 4.82 -9.84 51.74
C GLN C 244 3.51 -9.80 50.97
N ARG C 245 3.15 -8.64 50.42
CA ARG C 245 1.86 -8.47 49.77
C ARG C 245 1.75 -9.33 48.52
N PHE C 246 2.78 -9.32 47.67
CA PHE C 246 2.68 -9.94 46.35
C PHE C 246 3.31 -11.32 46.27
N LEU C 247 4.37 -11.58 47.03
CA LEU C 247 5.10 -12.83 46.90
C LEU C 247 4.96 -13.76 48.10
N LYS C 248 4.32 -13.30 49.18
CA LYS C 248 4.21 -14.08 50.41
C LYS C 248 5.60 -14.52 50.91
N GLU C 249 6.52 -13.57 50.89
CA GLU C 249 7.89 -13.78 51.32
C GLU C 249 8.21 -12.84 52.48
N SER C 250 8.92 -13.36 53.48
CA SER C 250 9.29 -12.57 54.66
C SER C 250 10.62 -11.87 54.39
N ASN C 251 10.56 -10.81 53.59
CA ASN C 251 11.73 -10.00 53.29
C ASN C 251 11.31 -8.53 53.36
N PHE C 252 11.98 -7.75 54.20
CA PHE C 252 11.63 -6.35 54.40
C PHE C 252 12.85 -5.43 54.25
N THR C 253 13.92 -5.95 53.65
CA THR C 253 15.11 -5.16 53.39
C THR C 253 15.59 -5.45 51.98
N SER C 254 16.38 -4.52 51.43
CA SER C 254 16.83 -4.65 50.05
C SER C 254 17.63 -5.92 49.86
N LEU C 255 17.48 -6.53 48.68
CA LEU C 255 18.30 -7.68 48.31
C LEU C 255 19.75 -7.30 48.04
N TYR C 256 20.03 -5.99 47.92
CA TYR C 256 21.36 -5.50 47.60
C TYR C 256 21.62 -4.23 48.39
N GLU C 257 22.78 -4.15 49.03
CA GLU C 257 23.14 -2.96 49.80
C GLU C 257 23.76 -1.93 48.85
N GLY C 258 22.90 -1.14 48.23
CA GLY C 258 23.35 -0.09 47.34
C GLY C 258 23.43 -0.53 45.89
N ALA C 259 23.41 0.46 44.99
CA ALA C 259 23.48 0.18 43.56
C ALA C 259 24.80 -0.48 43.18
N ASN C 260 25.89 -0.07 43.83
CA ASN C 260 27.20 -0.64 43.51
C ASN C 260 27.25 -2.13 43.80
N ASP C 261 26.56 -2.57 44.86
CA ASP C 261 26.50 -4.00 45.18
C ASP C 261 25.90 -4.78 44.03
N TYR C 262 24.87 -4.24 43.39
CA TYR C 262 24.24 -4.91 42.25
C TYR C 262 25.12 -4.81 41.01
N ILE C 263 25.63 -3.62 40.71
CA ILE C 263 26.44 -3.41 39.51
C ILE C 263 27.66 -4.30 39.51
N ASP C 264 28.33 -4.42 40.67
CA ASP C 264 29.58 -5.16 40.74
C ASP C 264 29.42 -6.63 40.39
N MET C 265 28.21 -7.18 40.53
CA MET C 265 27.97 -8.56 40.12
C MET C 265 28.30 -8.77 38.65
N PHE C 266 28.09 -7.75 37.82
CA PHE C 266 28.29 -7.85 36.38
C PHE C 266 29.69 -7.41 35.94
N LYS C 267 30.64 -7.35 36.87
CA LYS C 267 32.00 -6.95 36.56
C LYS C 267 32.58 -7.82 35.45
N ASP C 268 33.19 -7.16 34.46
CA ASP C 268 33.84 -7.82 33.33
C ASP C 268 32.88 -8.79 32.62
N THR C 269 31.76 -8.25 32.17
CA THR C 269 30.76 -9.01 31.44
C THR C 269 30.27 -8.18 30.26
N HIS C 270 29.50 -8.84 29.38
CA HIS C 270 28.75 -8.16 28.32
C HIS C 270 27.30 -8.11 28.77
N THR C 271 26.91 -6.99 29.38
CA THR C 271 25.61 -6.87 30.00
C THR C 271 24.87 -5.65 29.49
N LEU C 272 23.63 -5.85 29.06
CA LEU C 272 22.74 -4.76 28.69
C LEU C 272 22.03 -4.24 29.93
N PHE C 273 22.10 -2.94 30.15
CA PHE C 273 21.40 -2.28 31.25
C PHE C 273 20.25 -1.46 30.68
N VAL C 274 19.03 -1.83 31.04
CA VAL C 274 17.82 -1.27 30.45
C VAL C 274 17.24 -0.22 31.38
N HIS C 275 16.72 0.86 30.78
CA HIS C 275 16.02 1.96 31.44
C HIS C 275 17.00 2.97 32.03
N ASN C 276 17.40 2.78 33.29
CA ASN C 276 18.47 3.51 33.96
C ASN C 276 18.15 4.97 34.29
N GLN C 277 16.90 5.42 34.18
CA GLN C 277 16.64 6.85 34.35
C GLN C 277 16.94 7.35 35.76
N PHE C 278 16.93 6.48 36.76
CA PHE C 278 17.19 6.87 38.14
C PHE C 278 18.61 6.49 38.59
N ALA C 279 19.47 6.13 37.65
CA ALA C 279 20.88 5.92 37.95
C ALA C 279 21.60 7.26 37.98
N SER C 280 22.29 7.54 39.08
CA SER C 280 23.07 8.77 39.18
C SER C 280 24.26 8.72 38.22
N LEU C 281 24.95 9.85 38.11
CA LEU C 281 26.16 9.90 37.29
C LEU C 281 27.23 8.97 37.83
N GLU C 282 27.38 8.93 39.16
CA GLU C 282 28.31 7.98 39.75
C GLU C 282 27.91 6.54 39.44
N ALA C 283 26.61 6.25 39.45
CA ALA C 283 26.15 4.90 39.16
C ALA C 283 26.42 4.54 37.69
N LEU C 284 26.15 5.47 36.77
CA LEU C 284 26.44 5.22 35.37
C LEU C 284 27.93 5.05 35.13
N LYS C 285 28.75 5.85 35.81
CA LYS C 285 30.20 5.71 35.69
C LYS C 285 30.68 4.39 36.27
N ARG C 286 30.05 3.93 37.36
CA ARG C 286 30.38 2.62 37.92
C ARG C 286 30.06 1.50 36.94
N ILE C 287 28.92 1.60 36.26
CA ILE C 287 28.54 0.60 35.27
C ILE C 287 29.61 0.50 34.18
N LYS C 288 30.05 1.64 33.66
CA LYS C 288 31.05 1.63 32.58
C LYS C 288 32.37 1.06 33.05
N SER C 289 32.84 1.49 34.23
CA SER C 289 34.18 1.10 34.67
C SER C 289 34.22 -0.34 35.17
N GLN C 290 33.14 -0.84 35.76
CA GLN C 290 33.12 -2.18 36.31
C GLN C 290 32.76 -3.24 35.28
N VAL C 291 31.73 -2.99 34.47
CA VAL C 291 31.26 -4.00 33.53
C VAL C 291 32.18 -4.08 32.30
N LYS C 292 32.83 -2.96 31.94
CA LYS C 292 33.73 -2.86 30.80
C LYS C 292 32.98 -2.92 29.47
N ASN C 293 32.06 -3.88 29.33
CA ASN C 293 31.27 -3.99 28.11
C ASN C 293 29.78 -3.85 28.41
N ALA C 294 29.40 -2.74 29.02
CA ALA C 294 28.01 -2.45 29.31
C ALA C 294 27.35 -1.75 28.12
N PHE C 295 26.04 -1.94 28.00
CA PHE C 295 25.27 -1.35 26.91
C PHE C 295 23.95 -0.83 27.47
N LEU C 296 23.81 0.50 27.52
CA LEU C 296 22.58 1.10 28.00
C LEU C 296 21.49 1.01 26.95
N ILE C 297 20.33 0.51 27.36
CA ILE C 297 19.15 0.41 26.50
C ILE C 297 18.09 1.35 27.05
N THR C 298 17.50 2.15 26.17
CA THR C 298 16.49 3.12 26.57
C THR C 298 15.16 2.81 25.88
N CYS C 299 14.08 2.90 26.64
CA CYS C 299 12.73 2.61 26.15
C CYS C 299 11.85 3.82 26.46
N PRO C 300 11.80 4.79 25.55
CA PRO C 300 11.15 6.07 25.88
C PRO C 300 9.67 5.94 26.21
N PHE C 301 8.90 5.16 25.45
CA PHE C 301 7.46 5.09 25.70
C PHE C 301 7.17 4.34 27.00
N SER C 302 7.88 3.24 27.25
CA SER C 302 7.72 2.53 28.51
C SER C 302 8.06 3.42 29.70
N ASN C 303 9.14 4.20 29.58
CA ASN C 303 9.53 5.10 30.66
C ASN C 303 8.44 6.11 30.97
N ARG C 304 7.77 6.61 29.93
CA ARG C 304 6.71 7.60 30.13
C ARG C 304 5.49 6.98 30.82
N LEU C 305 5.16 5.73 30.48
CA LEU C 305 3.97 5.10 31.04
C LEU C 305 4.18 4.63 32.47
N LEU C 306 5.42 4.33 32.86
CA LEU C 306 5.66 3.78 34.18
C LEU C 306 6.10 4.87 35.15
N SER C 307 7.42 5.06 35.30
CA SER C 307 7.90 6.08 36.23
C SER C 307 7.53 7.48 35.77
N GLY C 308 7.40 7.70 34.47
CA GLY C 308 7.15 9.02 33.93
C GLY C 308 8.38 9.88 33.76
N LYS C 309 9.57 9.35 34.00
CA LYS C 309 10.82 10.10 33.90
C LYS C 309 11.61 9.58 32.71
N ALA C 310 12.11 10.50 31.89
CA ALA C 310 12.91 10.15 30.73
C ALA C 310 14.37 10.01 31.12
N LEU C 311 15.09 9.17 30.37
CA LEU C 311 16.53 9.04 30.56
C LEU C 311 17.20 10.36 30.25
N ASP C 312 18.06 10.82 31.15
CA ASP C 312 18.82 12.05 30.94
C ASP C 312 19.97 11.72 30.00
N LEU C 313 19.82 12.10 28.72
CA LEU C 313 20.82 11.77 27.72
C LEU C 313 22.12 12.52 27.97
N GLU C 314 22.05 13.75 28.50
CA GLU C 314 23.26 14.47 28.86
C GLU C 314 24.04 13.72 29.94
N ARG C 315 23.32 13.19 30.95
CA ARG C 315 23.97 12.39 31.98
C ARG C 315 24.65 11.17 31.37
N VAL C 316 23.99 10.50 30.43
CA VAL C 316 24.57 9.34 29.77
C VAL C 316 25.86 9.73 29.05
N ARG C 317 25.84 10.87 28.35
CA ARG C 317 27.02 11.35 27.66
C ARG C 317 28.13 11.71 28.65
N GLU C 318 27.76 12.36 29.76
CA GLU C 318 28.75 12.72 30.78
C GLU C 318 29.45 11.51 31.37
N ALA C 319 28.73 10.38 31.45
CA ALA C 319 29.32 9.14 31.95
C ALA C 319 30.17 8.42 30.91
N GLY C 320 30.21 8.92 29.68
CA GLY C 320 30.98 8.27 28.64
C GLY C 320 30.31 7.06 28.03
N LEU C 321 28.99 7.03 27.99
CA LEU C 321 28.23 5.90 27.46
C LEU C 321 27.34 6.36 26.31
N SER C 322 26.76 5.38 25.62
CA SER C 322 25.83 5.60 24.52
C SER C 322 24.60 4.72 24.74
N VAL C 323 23.55 4.97 23.95
CA VAL C 323 22.28 4.28 24.13
C VAL C 323 21.87 3.61 22.84
N SER C 324 21.15 2.50 23.00
CA SER C 324 20.35 1.89 21.95
C SER C 324 18.87 2.08 22.32
N VAL C 325 18.03 2.25 21.30
CA VAL C 325 16.61 2.54 21.50
C VAL C 325 15.82 1.27 21.22
N ALA C 326 14.95 0.91 22.17
CA ALA C 326 14.15 -0.31 22.07
C ALA C 326 12.71 -0.03 22.48
N THR C 327 11.81 -0.89 22.01
CA THR C 327 10.38 -0.69 22.19
C THR C 327 9.85 -1.18 23.53
N ASP C 328 10.60 -2.05 24.22
CA ASP C 328 10.07 -2.85 25.32
C ASP C 328 8.94 -3.71 24.79
N GLY C 329 8.05 -4.18 25.68
CA GLY C 329 6.92 -4.98 25.25
C GLY C 329 5.62 -4.17 25.26
N LEU C 330 4.58 -4.78 24.69
CA LEU C 330 3.25 -4.19 24.75
C LEU C 330 2.69 -4.16 26.16
N SER C 331 3.38 -4.80 27.11
CA SER C 331 3.06 -4.64 28.52
C SER C 331 3.31 -3.22 29.01
N SER C 332 4.09 -2.44 28.26
CA SER C 332 4.38 -1.05 28.63
C SER C 332 4.58 -0.20 27.38
N ASN C 333 3.76 -0.45 26.35
CA ASN C 333 3.83 0.30 25.12
C ASN C 333 2.55 0.06 24.34
N ILE C 334 2.31 0.91 23.35
CA ILE C 334 1.15 0.77 22.47
C ILE C 334 1.50 0.29 21.08
N SER C 335 2.78 0.30 20.71
CA SER C 335 3.21 -0.14 19.38
C SER C 335 4.58 -0.79 19.49
N LEU C 336 4.80 -1.82 18.68
CA LEU C 336 6.10 -2.47 18.59
C LEU C 336 6.86 -2.08 17.34
N SER C 337 6.33 -1.16 16.55
CA SER C 337 7.09 -0.55 15.47
C SER C 337 8.25 0.25 16.05
N LEU C 338 9.48 -0.10 15.68
CA LEU C 338 10.63 0.66 16.16
C LEU C 338 10.60 2.10 15.65
N LEU C 339 10.02 2.32 14.47
CA LEU C 339 9.88 3.68 13.94
C LEU C 339 8.97 4.53 14.83
N ASP C 340 7.89 3.93 15.33
CA ASP C 340 7.05 4.64 16.31
C ASP C 340 7.84 4.97 17.56
N GLU C 341 8.67 4.03 18.03
CA GLU C 341 9.48 4.28 19.22
C GLU C 341 10.51 5.38 18.98
N LEU C 342 11.10 5.43 17.78
CA LEU C 342 12.09 6.46 17.49
C LEU C 342 11.44 7.85 17.47
N ARG C 343 10.22 7.96 16.96
CA ARG C 343 9.50 9.22 17.00
C ARG C 343 9.14 9.60 18.44
N ALA C 344 8.76 8.61 19.26
CA ALA C 344 8.56 8.89 20.68
C ALA C 344 9.85 9.36 21.33
N PHE C 345 10.97 8.76 20.92
CA PHE C 345 12.29 9.17 21.42
C PHE C 345 12.57 10.63 21.10
N LEU C 346 12.27 11.06 19.87
CA LEU C 346 12.50 12.46 19.50
C LEU C 346 11.66 13.41 20.36
N LEU C 347 10.45 13.00 20.71
CA LEU C 347 9.58 13.84 21.52
C LEU C 347 9.95 13.84 23.00
N SER C 348 10.71 12.86 23.45
CA SER C 348 10.97 12.66 24.88
C SER C 348 12.22 13.35 25.38
N HIS C 349 13.00 13.99 24.49
CA HIS C 349 14.23 14.65 24.87
C HIS C 349 14.32 15.99 24.17
N ASN C 350 14.79 17.01 24.89
CA ASN C 350 14.80 18.37 24.38
C ASN C 350 16.12 18.77 23.72
N MET C 351 16.99 17.79 23.47
CA MET C 351 18.21 18.05 22.70
C MET C 351 17.85 18.58 21.31
N PRO C 352 18.69 19.46 20.73
CA PRO C 352 18.49 19.88 19.34
C PRO C 352 18.13 18.73 18.40
N LEU C 353 17.05 18.92 17.65
CA LEU C 353 16.41 17.81 16.95
C LEU C 353 17.34 17.16 15.93
N LEU C 354 18.10 17.96 15.19
CA LEU C 354 19.00 17.39 14.20
C LEU C 354 20.08 16.54 14.85
N GLU C 355 20.60 16.98 16.00
CA GLU C 355 21.58 16.18 16.74
C GLU C 355 20.92 14.93 17.32
N LEU C 356 19.69 15.06 17.82
CA LEU C 356 19.00 13.93 18.43
C LEU C 356 18.63 12.88 17.39
N ALA C 357 18.37 13.29 16.14
CA ALA C 357 18.01 12.34 15.10
C ALA C 357 19.16 11.38 14.82
N LYS C 358 20.40 11.87 14.89
CA LYS C 358 21.56 10.99 14.71
C LYS C 358 21.66 9.98 15.84
N ILE C 359 21.44 10.41 17.08
CA ILE C 359 21.45 9.50 18.21
C ILE C 359 20.35 8.45 18.06
N ALA C 360 19.17 8.87 17.60
CA ALA C 360 18.07 7.93 17.42
C ALA C 360 18.40 6.88 16.36
N LEU C 361 18.96 7.32 15.23
CA LEU C 361 19.29 6.40 14.15
C LEU C 361 20.36 5.40 14.57
N LEU C 362 21.45 5.89 15.16
CA LEU C 362 22.48 4.98 15.64
C LEU C 362 21.97 4.10 16.78
N GLY C 363 21.06 4.63 17.61
CA GLY C 363 20.44 3.82 18.63
C GLY C 363 19.60 2.67 18.09
N ALA C 364 19.13 2.79 16.85
CA ALA C 364 18.31 1.76 16.24
C ALA C 364 19.10 0.85 15.30
N THR C 365 20.37 1.14 15.05
CA THR C 365 21.17 0.34 14.12
C THR C 365 22.47 -0.13 14.77
N ARG C 366 23.53 0.64 14.60
CA ARG C 366 24.87 0.17 14.97
C ARG C 366 24.98 -0.12 16.47
N HIS C 367 24.40 0.73 17.31
CA HIS C 367 24.54 0.56 18.75
C HIS C 367 23.83 -0.70 19.23
N GLY C 368 22.61 -0.95 18.74
CA GLY C 368 21.91 -2.16 19.12
C GLY C 368 22.60 -3.42 18.62
N ALA C 369 23.18 -3.36 17.43
CA ALA C 369 23.95 -4.50 16.91
C ALA C 369 25.13 -4.83 17.80
N LYS C 370 25.86 -3.80 18.27
CA LYS C 370 26.97 -4.06 19.18
C LYS C 370 26.47 -4.62 20.52
N ALA C 371 25.30 -4.14 20.98
CA ALA C 371 24.75 -4.63 22.23
C ALA C 371 24.40 -6.11 22.14
N LEU C 372 23.85 -6.54 21.00
CA LEU C 372 23.48 -7.94 20.80
C LEU C 372 24.61 -8.77 20.21
N ALA C 373 25.80 -8.17 20.02
CA ALA C 373 26.96 -8.86 19.48
C ALA C 373 26.64 -9.52 18.14
N LEU C 374 25.98 -8.77 17.28
CA LEU C 374 25.60 -9.22 15.94
C LEU C 374 26.45 -8.50 14.90
N ASN C 375 26.63 -9.17 13.76
CA ASN C 375 27.48 -8.66 12.68
C ASN C 375 26.66 -7.88 11.66
N ASN C 376 25.97 -6.85 12.16
CA ASN C 376 25.13 -6.03 11.30
C ASN C 376 24.97 -4.64 11.88
N GLY C 377 23.87 -3.97 11.54
CA GLY C 377 23.62 -2.63 12.04
C GLY C 377 24.40 -1.53 11.35
N GLU C 378 25.15 -1.85 10.30
CA GLU C 378 25.98 -0.86 9.62
C GLU C 378 26.23 -1.34 8.20
N ILE C 379 26.22 -0.41 7.24
CA ILE C 379 26.51 -0.73 5.84
C ILE C 379 28.02 -0.66 5.70
N GLU C 380 28.68 -1.80 5.91
CA GLU C 380 30.13 -1.91 5.81
C GLU C 380 30.46 -3.29 5.25
N THR C 381 31.51 -3.34 4.43
CA THR C 381 31.91 -4.62 3.86
C THR C 381 32.16 -5.64 4.96
N ASN C 382 31.70 -6.87 4.72
CA ASN C 382 31.77 -8.06 5.57
C ASN C 382 30.67 -8.10 6.63
N LYS C 383 29.87 -7.06 6.79
CA LYS C 383 28.70 -7.14 7.66
C LYS C 383 27.59 -7.94 6.98
N ARG C 384 26.64 -8.41 7.78
CA ARG C 384 25.51 -9.14 7.23
C ARG C 384 24.72 -8.24 6.29
N ALA C 385 24.16 -8.83 5.25
CA ALA C 385 23.31 -8.11 4.31
C ALA C 385 21.88 -7.99 4.86
N ASP C 386 21.79 -7.32 6.00
CA ASP C 386 20.51 -6.99 6.64
C ASP C 386 20.20 -5.55 6.26
N LEU C 387 19.34 -5.38 5.26
CA LEU C 387 19.15 -4.09 4.62
C LEU C 387 17.67 -3.76 4.49
N SER C 388 17.34 -2.50 4.73
CA SER C 388 15.98 -1.98 4.56
C SER C 388 15.98 -0.92 3.46
N VAL C 389 14.90 -0.88 2.70
CA VAL C 389 14.65 0.19 1.75
C VAL C 389 13.29 0.80 2.09
N PHE C 390 13.27 2.11 2.31
CA PHE C 390 12.05 2.85 2.59
C PHE C 390 11.83 3.84 1.46
N GLY C 391 10.65 3.80 0.84
CA GLY C 391 10.32 4.65 -0.29
C GLY C 391 9.53 5.86 0.14
N PHE C 392 9.80 6.99 -0.51
CA PHE C 392 9.15 8.25 -0.21
C PHE C 392 8.73 8.91 -1.52
N ASN C 393 8.01 10.02 -1.41
CA ASN C 393 7.52 10.76 -2.56
C ASN C 393 8.43 11.92 -2.94
N GLU C 394 9.51 12.14 -2.21
CA GLU C 394 10.45 13.23 -2.50
C GLU C 394 11.84 12.82 -2.03
N LYS C 395 12.83 13.57 -2.49
CA LYS C 395 14.22 13.37 -2.11
C LYS C 395 14.60 14.38 -1.03
N PHE C 396 15.05 13.88 0.12
CA PHE C 396 15.42 14.73 1.23
C PHE C 396 16.77 15.39 0.98
N THR C 397 16.94 16.59 1.55
CA THR C 397 18.25 17.21 1.57
C THR C 397 19.21 16.37 2.40
N LYS C 398 20.50 16.49 2.09
CA LYS C 398 21.51 15.72 2.81
C LYS C 398 21.44 15.98 4.32
N GLU C 399 21.30 17.25 4.71
CA GLU C 399 21.32 17.60 6.13
C GLU C 399 19.99 17.31 6.83
N GLN C 400 18.89 17.18 6.07
CA GLN C 400 17.60 16.86 6.66
C GLN C 400 17.22 15.39 6.53
N ALA C 401 18.03 14.59 5.83
CA ALA C 401 17.62 13.26 5.42
C ALA C 401 17.30 12.38 6.63
N ILE C 402 18.16 12.38 7.64
CA ILE C 402 17.98 11.48 8.77
C ILE C 402 16.72 11.86 9.56
N LEU C 403 16.53 13.15 9.81
CA LEU C 403 15.35 13.58 10.56
C LEU C 403 14.07 13.34 9.76
N GLN C 404 14.07 13.71 8.48
CA GLN C 404 12.88 13.50 7.65
C GLN C 404 12.57 12.01 7.52
N PHE C 405 13.60 11.18 7.42
CA PHE C 405 13.38 9.73 7.38
C PHE C 405 12.67 9.25 8.64
N LEU C 406 13.19 9.63 9.81
CA LEU C 406 12.59 9.20 11.07
C LEU C 406 11.15 9.69 11.20
N LEU C 407 10.86 10.88 10.65
CA LEU C 407 9.52 11.45 10.80
C LEU C 407 8.51 10.75 9.91
N HIS C 408 8.91 10.33 8.71
CA HIS C 408 7.96 9.86 7.71
C HIS C 408 7.98 8.35 7.47
N ALA C 409 9.01 7.65 7.90
CA ALA C 409 9.08 6.21 7.65
C ALA C 409 8.03 5.48 8.48
N LYS C 410 7.18 4.70 7.80
CA LYS C 410 6.13 3.93 8.46
C LYS C 410 6.27 2.45 8.17
N GLU C 411 6.31 2.04 6.90
CA GLU C 411 6.43 0.64 6.52
C GLU C 411 7.57 0.48 5.53
N VAL C 412 8.31 -0.62 5.68
CA VAL C 412 9.46 -0.85 4.82
C VAL C 412 8.99 -1.27 3.43
N GLU C 413 9.74 -0.86 2.40
CA GLU C 413 9.43 -1.22 1.03
C GLU C 413 10.17 -2.48 0.59
N ARG C 414 11.42 -2.63 1.03
CA ARG C 414 12.19 -3.85 0.83
C ARG C 414 12.93 -4.17 2.12
N LEU C 415 12.90 -5.44 2.50
CA LEU C 415 13.68 -5.92 3.64
C LEU C 415 14.48 -7.12 3.19
N PHE C 416 15.81 -7.04 3.31
CA PHE C 416 16.70 -8.15 3.03
C PHE C 416 17.36 -8.58 4.33
N LEU C 417 17.31 -9.88 4.62
CA LEU C 417 17.94 -10.43 5.82
C LEU C 417 18.84 -11.57 5.39
N GLY C 418 20.13 -11.47 5.71
CA GLY C 418 21.11 -12.40 5.19
C GLY C 418 21.13 -12.47 3.68
N GLY C 419 20.84 -11.36 3.01
CA GLY C 419 20.82 -11.30 1.57
C GLY C 419 19.56 -11.81 0.92
N LYS C 420 18.65 -12.43 1.67
CA LYS C 420 17.40 -12.93 1.12
C LYS C 420 16.29 -11.91 1.34
N ARG C 421 15.50 -11.69 0.29
CA ARG C 421 14.40 -10.75 0.37
C ARG C 421 13.28 -11.31 1.25
N VAL C 422 12.93 -10.58 2.30
CA VAL C 422 11.83 -10.96 3.18
C VAL C 422 10.56 -10.18 2.86
N ILE C 423 10.69 -8.87 2.63
CA ILE C 423 9.57 -8.04 2.25
C ILE C 423 9.90 -7.34 0.94
N MET D 15 -35.65 13.94 15.46
CA MET D 15 -36.17 12.95 16.38
C MET D 15 -35.09 12.48 17.36
N GLN D 16 -35.50 12.18 18.59
CA GLN D 16 -34.57 11.87 19.67
C GLN D 16 -34.21 10.39 19.68
N GLU D 17 -33.00 10.11 20.17
CA GLU D 17 -32.52 8.75 20.34
C GLU D 17 -31.64 8.70 21.59
N ILE D 18 -31.28 7.49 21.98
CA ILE D 18 -30.48 7.27 23.18
C ILE D 18 -29.22 6.51 22.80
N ILE D 19 -28.09 6.93 23.35
CA ILE D 19 -26.81 6.26 23.14
C ILE D 19 -26.09 6.17 24.47
N GLY D 20 -25.59 4.97 24.80
CA GLY D 20 -24.85 4.77 26.02
C GLY D 20 -23.60 3.95 25.75
N ALA D 21 -22.70 3.97 26.73
CA ALA D 21 -21.45 3.23 26.63
C ALA D 21 -20.98 2.87 28.02
N SER D 22 -20.06 1.90 28.09
CA SER D 22 -19.52 1.48 29.38
C SER D 22 -18.85 2.62 30.12
N LEU D 23 -18.26 3.57 29.40
CA LEU D 23 -17.63 4.73 29.99
C LEU D 23 -18.08 5.97 29.24
N VAL D 24 -18.43 7.02 29.99
CA VAL D 24 -18.83 8.29 29.42
C VAL D 24 -17.96 9.38 30.03
N PHE D 25 -17.30 10.16 29.18
CA PHE D 25 -16.49 11.30 29.61
C PHE D 25 -17.33 12.56 29.41
N LEU D 26 -17.72 13.19 30.52
CA LEU D 26 -18.52 14.41 30.43
C LEU D 26 -17.70 15.59 29.92
N CYS D 27 -16.40 15.61 30.20
CA CYS D 27 -15.51 16.71 29.83
C CYS D 27 -15.97 18.03 30.42
N ASN D 28 -16.51 17.99 31.63
CA ASN D 28 -16.57 19.19 32.45
C ASN D 28 -15.19 19.47 33.04
N GLU D 29 -15.04 20.61 33.69
CA GLU D 29 -13.73 20.98 34.25
C GLU D 29 -13.30 19.98 35.31
N LYS D 30 -14.25 19.31 35.99
CA LYS D 30 -13.93 18.21 36.89
C LYS D 30 -13.44 16.98 36.15
N CYS D 31 -13.71 16.90 34.84
CA CYS D 31 -13.37 15.74 34.02
C CYS D 31 -14.03 14.46 34.55
N GLU D 32 -15.34 14.53 34.77
CA GLU D 32 -16.09 13.43 35.34
C GLU D 32 -16.11 12.23 34.40
N VAL D 33 -15.93 11.04 34.97
CA VAL D 33 -16.02 9.78 34.25
C VAL D 33 -17.17 8.98 34.84
N LEU D 34 -18.09 8.54 33.99
CA LEU D 34 -19.30 7.84 34.42
C LEU D 34 -19.39 6.48 33.73
N GLU D 35 -19.88 5.49 34.47
CA GLU D 35 -19.98 4.13 33.98
C GLU D 35 -21.42 3.80 33.59
N ASP D 36 -21.57 3.11 32.45
CA ASP D 36 -22.87 2.64 31.97
C ASP D 36 -23.89 3.76 31.89
N TYR D 37 -23.46 4.93 31.44
CA TYR D 37 -24.34 6.09 31.32
C TYR D 37 -24.79 6.26 29.87
N GLY D 38 -25.82 7.08 29.69
CA GLY D 38 -26.41 7.27 28.38
C GLY D 38 -26.80 8.72 28.17
N VAL D 39 -27.09 9.05 26.91
CA VAL D 39 -27.43 10.41 26.50
C VAL D 39 -28.62 10.36 25.57
N VAL D 40 -29.65 11.15 25.87
CA VAL D 40 -30.76 11.39 24.97
C VAL D 40 -30.47 12.68 24.21
N PHE D 41 -30.63 12.64 22.89
CA PHE D 41 -30.28 13.81 22.07
C PHE D 41 -31.08 13.84 20.79
N ASP D 42 -31.44 15.04 20.35
CA ASP D 42 -31.87 15.29 18.99
C ASP D 42 -30.77 16.06 18.27
N GLU D 43 -30.99 17.34 18.01
CA GLU D 43 -29.89 18.19 17.57
C GLU D 43 -29.03 18.66 18.73
N LYS D 44 -29.59 18.71 19.94
CA LYS D 44 -28.87 19.07 21.15
C LYS D 44 -28.92 17.91 22.14
N ILE D 45 -28.06 17.98 23.16
CA ILE D 45 -28.13 17.03 24.25
C ILE D 45 -29.36 17.36 25.09
N VAL D 46 -30.25 16.38 25.23
CA VAL D 46 -31.52 16.58 25.91
C VAL D 46 -31.48 16.12 27.36
N GLU D 47 -30.91 14.95 27.62
CA GLU D 47 -30.89 14.40 28.96
C GLU D 47 -29.72 13.44 29.10
N ILE D 48 -29.14 13.42 30.30
CA ILE D 48 -28.05 12.53 30.65
C ILE D 48 -28.48 11.70 31.85
N GLY D 49 -28.05 10.44 31.89
CA GLY D 49 -28.38 9.58 33.01
C GLY D 49 -27.91 8.17 32.77
N ASP D 50 -28.17 7.34 33.78
CA ASP D 50 -27.91 5.91 33.65
C ASP D 50 -28.63 5.35 32.42
N TYR D 51 -27.91 4.54 31.64
CA TYR D 51 -28.44 4.11 30.36
C TYR D 51 -29.69 3.27 30.53
N HIS D 52 -29.65 2.28 31.43
CA HIS D 52 -30.81 1.42 31.65
C HIS D 52 -32.00 2.23 32.11
N ASN D 53 -31.79 3.14 33.07
CA ASN D 53 -32.88 3.98 33.54
C ASN D 53 -33.43 4.89 32.45
N LEU D 54 -32.57 5.32 31.52
CA LEU D 54 -33.03 6.16 30.42
C LEU D 54 -33.93 5.38 29.47
N THR D 55 -33.61 4.11 29.23
CA THR D 55 -34.44 3.31 28.32
C THR D 55 -35.79 2.97 28.94
N LEU D 56 -35.86 2.87 30.28
CA LEU D 56 -37.15 2.69 30.93
C LEU D 56 -37.95 3.99 30.92
N LYS D 57 -37.28 5.12 31.13
CA LYS D 57 -37.95 6.41 31.10
C LYS D 57 -38.44 6.76 29.70
N TYR D 58 -37.72 6.33 28.66
CA TYR D 58 -38.06 6.62 27.28
C TYR D 58 -38.09 5.32 26.48
N PRO D 59 -39.10 4.48 26.71
CA PRO D 59 -39.10 3.14 26.09
C PRO D 59 -39.38 3.13 24.60
N HIS D 60 -39.84 4.24 24.01
CA HIS D 60 -40.17 4.28 22.60
C HIS D 60 -39.08 4.90 21.74
N LEU D 61 -38.05 5.46 22.35
CA LEU D 61 -36.93 6.02 21.58
C LEU D 61 -35.97 4.92 21.17
N LYS D 62 -35.32 5.11 20.02
CA LYS D 62 -34.26 4.21 19.61
C LYS D 62 -33.09 4.32 20.56
N ALA D 63 -32.53 3.18 20.97
CA ALA D 63 -31.49 3.15 21.98
C ALA D 63 -30.46 2.09 21.63
N GLN D 64 -29.19 2.49 21.66
CA GLN D 64 -28.08 1.57 21.43
C GLN D 64 -27.05 1.76 22.54
N PHE D 65 -26.52 0.64 23.03
CA PHE D 65 -25.47 0.64 24.03
C PHE D 65 -24.21 0.03 23.43
N PHE D 66 -23.08 0.67 23.67
CA PHE D 66 -21.79 0.23 23.13
C PHE D 66 -20.94 -0.26 24.29
N GLU D 67 -20.95 -1.57 24.51
CA GLU D 67 -20.14 -2.16 25.56
C GLU D 67 -18.65 -2.02 25.26
N ASN D 68 -17.86 -1.87 26.32
CA ASN D 68 -16.41 -1.74 26.22
C ASN D 68 -16.00 -0.59 25.32
N SER D 69 -16.79 0.48 25.34
CA SER D 69 -16.58 1.64 24.50
C SER D 69 -16.59 2.90 25.36
N VAL D 70 -16.15 4.01 24.77
CA VAL D 70 -16.12 5.31 25.43
C VAL D 70 -16.99 6.28 24.66
N LEU D 71 -17.91 6.93 25.37
CA LEU D 71 -18.73 8.00 24.82
C LEU D 71 -18.21 9.33 25.35
N LEU D 72 -17.99 10.27 24.45
CA LEU D 72 -17.40 11.56 24.83
C LEU D 72 -17.77 12.58 23.76
N PRO D 73 -17.61 13.87 24.05
CA PRO D 73 -17.89 14.89 23.03
C PRO D 73 -16.93 14.76 21.86
N ALA D 74 -17.43 15.12 20.68
CA ALA D 74 -16.54 15.29 19.53
C ALA D 74 -15.45 16.29 19.87
N PHE D 75 -14.27 16.08 19.29
CA PHE D 75 -13.12 16.91 19.59
C PHE D 75 -13.24 18.25 18.87
N ILE D 76 -12.51 19.24 19.39
CA ILE D 76 -12.33 20.53 18.73
C ILE D 76 -10.85 20.71 18.44
N ASN D 77 -10.51 20.91 17.18
CA ASN D 77 -9.15 21.16 16.75
C ASN D 77 -9.07 22.63 16.36
N ALA D 78 -8.61 23.45 17.30
CA ALA D 78 -8.78 24.91 17.21
C ALA D 78 -7.77 25.60 16.31
N HIS D 79 -6.79 24.88 15.76
CA HIS D 79 -5.74 25.52 14.98
C HIS D 79 -5.16 24.52 13.99
N THR D 80 -5.48 24.70 12.71
CA THR D 80 -4.92 23.92 11.62
C THR D 80 -4.74 24.82 10.41
N HIS D 81 -3.86 24.39 9.50
CA HIS D 81 -3.63 25.06 8.23
C HIS D 81 -3.92 24.06 7.12
N PHE D 82 -5.17 24.01 6.68
CA PHE D 82 -5.58 23.05 5.66
C PHE D 82 -4.90 23.31 4.32
N GLU D 83 -4.61 24.58 4.00
CA GLU D 83 -4.03 24.90 2.71
C GLU D 83 -2.66 24.28 2.50
N PHE D 84 -1.95 23.94 3.58
CA PHE D 84 -0.63 23.33 3.49
C PHE D 84 -0.67 21.81 3.56
N SER D 85 -1.80 21.19 3.23
CA SER D 85 -1.97 19.76 3.42
C SER D 85 -1.12 18.92 2.46
N ASN D 86 -0.57 19.51 1.40
CA ASN D 86 0.29 18.75 0.50
C ASN D 86 1.64 18.41 1.12
N ASN D 87 2.07 19.13 2.15
CA ASN D 87 3.45 19.06 2.60
C ASN D 87 3.77 17.72 3.24
N LYS D 88 4.94 17.17 2.87
CA LYS D 88 5.56 16.09 3.63
C LYS D 88 6.96 16.49 4.05
N ALA D 89 7.89 16.69 3.10
CA ALA D 89 9.27 17.07 3.41
C ALA D 89 9.70 18.31 2.64
N SER D 90 8.75 19.16 2.25
CA SER D 90 9.10 20.38 1.52
C SER D 90 9.75 21.42 2.43
N PHE D 91 9.54 21.35 3.74
CA PHE D 91 10.03 22.34 4.68
C PHE D 91 11.06 21.71 5.63
N ASP D 92 12.06 22.52 6.01
CA ASP D 92 13.10 22.06 6.91
C ASP D 92 12.62 22.06 8.37
N TYR D 93 13.12 21.10 9.13
CA TYR D 93 12.84 21.00 10.56
C TYR D 93 14.14 21.06 11.34
N GLY D 94 14.01 21.30 12.64
CA GLY D 94 15.16 21.41 13.53
C GLY D 94 15.45 22.81 14.00
N SER D 95 14.85 23.82 13.37
CA SER D 95 14.96 25.20 13.80
C SER D 95 13.79 25.96 13.22
N PHE D 96 13.36 27.02 13.90
CA PHE D 96 12.28 27.83 13.37
C PHE D 96 12.75 28.66 12.18
N SER D 97 13.93 29.27 12.30
CA SER D 97 14.48 30.05 11.20
C SER D 97 14.71 29.19 9.97
N GLY D 98 15.23 27.97 10.16
CA GLY D 98 15.36 27.05 9.04
C GLY D 98 14.03 26.69 8.43
N TRP D 99 13.01 26.49 9.27
CA TRP D 99 11.68 26.16 8.77
C TRP D 99 11.08 27.33 8.01
N LEU D 100 11.07 28.52 8.62
CA LEU D 100 10.47 29.69 7.99
C LEU D 100 11.17 30.02 6.68
N GLY D 101 12.51 29.97 6.68
CA GLY D 101 13.25 30.20 5.45
C GLY D 101 12.86 29.24 4.35
N SER D 102 12.61 27.97 4.70
CA SER D 102 12.22 26.99 3.71
C SER D 102 10.80 27.23 3.21
N VAL D 103 9.90 27.70 4.09
CA VAL D 103 8.54 27.98 3.66
C VAL D 103 8.52 29.12 2.65
N LEU D 104 9.28 30.19 2.93
CA LEU D 104 9.33 31.32 2.02
C LEU D 104 10.02 30.95 0.71
N ASN D 105 11.14 30.23 0.79
CA ASN D 105 11.85 29.81 -0.41
C ASN D 105 11.03 28.83 -1.25
N ASN D 106 10.05 28.15 -0.66
CA ASN D 106 9.18 27.27 -1.42
C ASN D 106 8.35 28.05 -2.44
N GLY D 107 8.06 29.31 -2.15
CA GLY D 107 7.38 30.18 -3.09
C GLY D 107 5.98 29.74 -3.46
N GLY D 108 5.27 29.12 -2.53
CA GLY D 108 3.89 28.73 -2.78
C GLY D 108 3.70 27.51 -3.64
N ALA D 109 4.77 26.84 -4.07
CA ALA D 109 4.62 25.67 -4.93
C ALA D 109 3.83 24.56 -4.26
N ILE D 110 3.98 24.41 -2.94
CA ILE D 110 3.27 23.35 -2.22
C ILE D 110 1.77 23.61 -2.17
N LEU D 111 1.34 24.85 -2.41
CA LEU D 111 -0.07 25.21 -2.35
C LEU D 111 -0.86 24.78 -3.58
N GLU D 112 -0.19 24.44 -4.67
CA GLU D 112 -0.87 24.10 -5.90
C GLU D 112 -1.36 22.66 -5.89
N ASN D 113 -2.48 22.44 -6.59
CA ASN D 113 -3.20 21.16 -6.58
C ASN D 113 -3.48 20.71 -5.15
N CYS D 114 -4.41 21.43 -4.53
CA CYS D 114 -4.60 21.41 -3.09
C CYS D 114 -5.76 20.52 -2.63
N GLN D 115 -6.76 20.30 -3.49
CA GLN D 115 -8.04 19.79 -3.02
C GLN D 115 -7.96 18.35 -2.54
N GLY D 116 -7.16 17.53 -3.21
CA GLY D 116 -7.05 16.14 -2.80
C GLY D 116 -6.52 15.98 -1.38
N ALA D 117 -5.45 16.73 -1.04
CA ALA D 117 -4.85 16.64 0.28
C ALA D 117 -5.75 17.23 1.37
N ILE D 118 -6.51 18.28 1.05
CA ILE D 118 -7.42 18.90 2.02
C ILE D 118 -8.50 17.92 2.41
N GLN D 119 -8.99 17.19 1.41
CA GLN D 119 -10.00 16.15 1.54
C GLN D 119 -9.49 15.01 2.42
N ASN D 120 -8.24 14.58 2.16
CA ASN D 120 -7.59 13.61 3.03
C ASN D 120 -7.43 14.18 4.44
N ALA D 121 -7.14 15.48 4.53
CA ALA D 121 -7.02 16.14 5.83
C ALA D 121 -8.37 16.19 6.54
N ILE D 122 -9.45 16.49 5.80
CA ILE D 122 -10.78 16.58 6.41
C ILE D 122 -11.22 15.23 6.95
N MET D 123 -11.00 14.18 6.18
CA MET D 123 -11.41 12.84 6.63
C MET D 123 -10.56 12.36 7.80
N ALA D 124 -9.29 12.75 7.85
CA ALA D 124 -8.45 12.42 8.99
C ALA D 124 -9.01 13.04 10.28
N GLN D 125 -9.52 14.27 10.19
CA GLN D 125 -10.16 14.90 11.34
C GLN D 125 -11.36 14.09 11.82
N LEU D 126 -12.31 13.85 10.91
CA LEU D 126 -13.55 13.17 11.28
C LEU D 126 -13.29 11.78 11.84
N LYS D 127 -12.42 11.01 11.20
CA LYS D 127 -12.13 9.66 11.69
C LYS D 127 -11.37 9.69 13.01
N SER D 128 -10.70 10.79 13.32
CA SER D 128 -10.06 10.98 14.62
C SER D 128 -11.03 11.45 15.69
N GLY D 129 -12.30 11.64 15.34
CA GLY D 129 -13.28 12.14 16.29
C GLY D 129 -13.42 13.64 16.36
N VAL D 130 -12.80 14.36 15.44
CA VAL D 130 -12.84 15.83 15.46
C VAL D 130 -14.14 16.28 14.80
N GLY D 131 -14.91 17.09 15.52
CA GLY D 131 -16.17 17.59 15.01
C GLY D 131 -16.13 19.06 14.62
N SER D 132 -15.18 19.81 15.17
CA SER D 132 -15.07 21.24 14.94
C SER D 132 -13.61 21.61 14.72
N VAL D 133 -13.36 22.54 13.80
CA VAL D 133 -12.01 22.92 13.42
C VAL D 133 -11.88 24.44 13.40
N GLY D 134 -10.76 24.93 13.92
CA GLY D 134 -10.34 26.30 13.69
C GLY D 134 -9.34 26.33 12.55
N ALA D 135 -9.80 26.72 11.35
CA ALA D 135 -8.99 26.64 10.15
C ALA D 135 -8.39 28.00 9.84
N ILE D 136 -7.06 28.09 9.89
CA ILE D 136 -6.36 29.30 9.49
C ILE D 136 -6.23 29.29 7.97
N SER D 137 -6.63 30.39 7.33
CA SER D 137 -6.68 30.46 5.88
C SER D 137 -6.15 31.80 5.40
N ASN D 138 -5.27 31.74 4.40
CA ASN D 138 -4.75 32.95 3.76
C ASN D 138 -5.45 33.29 2.46
N HIS D 139 -6.03 32.29 1.78
CA HIS D 139 -6.64 32.51 0.48
C HIS D 139 -8.00 31.85 0.31
N LEU D 140 -8.53 31.19 1.35
CA LEU D 140 -9.84 30.53 1.31
C LEU D 140 -9.86 29.36 0.35
N ILE D 141 -8.71 28.72 0.13
CA ILE D 141 -8.63 27.61 -0.82
C ILE D 141 -9.32 26.38 -0.25
N GLU D 142 -9.41 26.26 1.07
CA GLU D 142 -10.02 25.11 1.71
C GLU D 142 -11.48 25.33 2.09
N VAL D 143 -12.01 26.55 1.94
CA VAL D 143 -13.30 26.89 2.50
C VAL D 143 -14.42 26.06 1.86
N ASN D 144 -14.36 25.91 0.53
CA ASN D 144 -15.42 25.19 -0.18
C ASN D 144 -15.58 23.77 0.33
N LEU D 145 -14.45 23.03 0.45
CA LEU D 145 -14.52 21.65 0.91
C LEU D 145 -15.00 21.58 2.35
N LEU D 146 -14.56 22.50 3.20
CA LEU D 146 -15.04 22.55 4.57
C LEU D 146 -16.56 22.71 4.60
N LYS D 147 -17.09 23.61 3.77
CA LYS D 147 -18.53 23.83 3.70
C LYS D 147 -19.27 22.55 3.30
N GLU D 148 -18.66 21.73 2.45
CA GLU D 148 -19.31 20.48 2.03
C GLU D 148 -19.16 19.38 3.07
N SER D 149 -18.13 19.44 3.90
CA SER D 149 -17.92 18.45 4.94
C SER D 149 -18.93 18.68 6.07
N PRO D 150 -19.13 17.68 6.93
CA PRO D 150 -19.98 17.88 8.11
C PRO D 150 -19.29 18.59 9.27
N LEU D 151 -18.02 18.98 9.12
CA LEU D 151 -17.29 19.63 10.20
C LEU D 151 -17.86 21.01 10.50
N ASN D 152 -17.91 21.35 11.80
CA ASN D 152 -18.07 22.74 12.19
C ASN D 152 -16.76 23.47 11.95
N ALA D 153 -16.84 24.60 11.24
CA ALA D 153 -15.65 25.31 10.81
C ALA D 153 -15.71 26.76 11.26
N VAL D 154 -14.65 27.20 11.94
CA VAL D 154 -14.40 28.61 12.17
C VAL D 154 -13.17 28.96 11.35
N VAL D 155 -13.36 29.69 10.26
CA VAL D 155 -12.28 29.99 9.33
C VAL D 155 -11.69 31.34 9.71
N PHE D 156 -10.43 31.33 10.15
CA PHE D 156 -9.70 32.55 10.49
C PHE D 156 -8.98 33.02 9.24
N LEU D 157 -9.50 34.06 8.61
CA LEU D 157 -8.79 34.69 7.49
C LEU D 157 -7.57 35.43 8.04
N GLU D 158 -6.39 34.95 7.70
CA GLU D 158 -5.14 35.39 8.32
C GLU D 158 -4.46 36.43 7.45
N PHE D 159 -4.09 37.55 8.06
CA PHE D 159 -3.45 38.65 7.35
C PHE D 159 -1.94 38.54 7.44
N LEU D 160 -1.27 38.74 6.31
CA LEU D 160 0.18 38.85 6.23
C LEU D 160 0.55 40.17 5.58
N GLY D 161 1.54 40.85 6.15
CA GLY D 161 2.02 42.09 5.57
C GLY D 161 2.82 42.95 6.51
N SER D 162 4.13 43.06 6.27
CA SER D 162 5.04 43.79 7.13
C SER D 162 5.29 45.22 6.66
N SER D 163 4.67 45.65 5.56
CA SER D 163 4.80 47.01 5.06
C SER D 163 3.39 47.54 4.79
N TYR D 164 3.07 48.69 5.38
CA TYR D 164 1.71 49.20 5.32
C TYR D 164 1.31 49.51 3.87
N SER D 165 0.12 49.06 3.50
CA SER D 165 -0.42 49.32 2.17
C SER D 165 -1.94 49.40 2.28
N LEU D 166 -2.49 50.57 1.97
CA LEU D 166 -3.95 50.72 1.96
C LEU D 166 -4.57 49.82 0.91
N GLU D 167 -3.86 49.57 -0.19
CA GLU D 167 -4.34 48.66 -1.22
C GLU D 167 -4.51 47.25 -0.68
N LYS D 168 -3.54 46.77 0.11
CA LYS D 168 -3.61 45.43 0.67
C LYS D 168 -4.72 45.31 1.71
N LEU D 169 -4.96 46.37 2.48
CA LEU D 169 -6.03 46.35 3.48
C LEU D 169 -7.40 46.15 2.83
N LYS D 170 -7.70 46.92 1.78
CA LYS D 170 -9.01 46.83 1.15
C LYS D 170 -9.21 45.49 0.45
N ALA D 171 -8.15 44.96 -0.19
CA ALA D 171 -8.26 43.64 -0.80
C ALA D 171 -8.47 42.56 0.26
N PHE D 172 -7.87 42.72 1.44
CA PHE D 172 -8.07 41.76 2.51
C PHE D 172 -9.49 41.87 3.06
N GLU D 173 -9.94 43.10 3.33
CA GLU D 173 -11.31 43.30 3.81
C GLU D 173 -12.33 42.89 2.75
N ALA D 174 -11.99 43.01 1.47
CA ALA D 174 -12.87 42.49 0.42
C ALA D 174 -12.84 40.97 0.42
N LYS D 175 -11.68 40.38 0.71
CA LYS D 175 -11.59 38.93 0.85
C LYS D 175 -12.39 38.45 2.05
N PHE D 176 -12.37 39.22 3.14
CA PHE D 176 -13.15 38.85 4.33
C PHE D 176 -14.64 38.96 4.07
N LYS D 177 -15.06 39.98 3.31
CA LYS D 177 -16.47 40.07 2.94
C LYS D 177 -16.91 38.86 2.15
N GLU D 178 -16.02 38.33 1.31
CA GLU D 178 -16.32 37.10 0.57
C GLU D 178 -16.53 35.92 1.51
N LEU D 179 -15.72 35.84 2.58
CA LEU D 179 -15.88 34.78 3.56
C LEU D 179 -17.15 34.98 4.38
N LYS D 180 -17.46 36.22 4.77
CA LYS D 180 -18.66 36.48 5.55
C LYS D 180 -19.93 36.05 4.82
N ASP D 181 -19.97 36.27 3.49
CA ASP D 181 -21.15 35.90 2.72
C ASP D 181 -21.32 34.40 2.57
N LEU D 182 -20.34 33.61 3.00
CA LEU D 182 -20.42 32.16 2.98
C LEU D 182 -20.78 31.58 4.34
N GLU D 183 -20.95 32.42 5.36
CA GLU D 183 -21.29 31.96 6.69
C GLU D 183 -22.65 31.25 6.70
N ASP D 184 -22.74 30.20 7.51
CA ASP D 184 -24.00 29.52 7.75
C ASP D 184 -23.94 28.93 9.16
N GLN D 185 -24.81 27.95 9.43
CA GLN D 185 -24.84 27.31 10.75
C GLN D 185 -23.61 26.47 11.01
N LYS D 186 -22.84 26.12 9.97
CA LYS D 186 -21.65 25.30 10.12
C LYS D 186 -20.36 26.06 9.90
N LEU D 187 -20.43 27.30 9.41
CA LEU D 187 -19.24 28.08 9.11
C LEU D 187 -19.34 29.44 9.77
N LYS D 188 -18.37 29.74 10.63
CA LYS D 188 -18.24 31.05 11.26
C LYS D 188 -17.00 31.73 10.71
N ALA D 189 -17.13 32.98 10.28
CA ALA D 189 -16.02 33.74 9.75
C ALA D 189 -15.27 34.44 10.89
N ALA D 190 -13.94 34.39 10.83
CA ALA D 190 -13.09 35.00 11.84
C ALA D 190 -11.85 35.58 11.16
N LEU D 191 -11.00 36.22 11.95
CA LEU D 191 -9.85 36.93 11.43
C LEU D 191 -8.61 36.56 12.24
N ALA D 192 -7.44 36.70 11.60
CA ALA D 192 -6.19 36.36 12.25
C ALA D 192 -5.09 37.33 11.84
N VAL D 193 -4.27 37.70 12.80
CA VAL D 193 -3.01 38.40 12.56
C VAL D 193 -1.90 37.37 12.67
N HIS D 194 -1.07 37.27 11.64
CA HIS D 194 -0.14 36.14 11.55
C HIS D 194 0.80 36.09 12.75
N ALA D 195 1.64 37.10 12.92
CA ALA D 195 2.70 37.05 13.91
C ALA D 195 3.25 38.46 14.10
N PRO D 196 3.95 38.70 15.22
CA PRO D 196 4.57 40.02 15.42
C PRO D 196 5.61 40.39 14.37
N TYR D 197 6.30 39.40 13.79
CA TYR D 197 7.36 39.69 12.83
C TYR D 197 6.86 39.90 11.41
N SER D 198 5.59 39.60 11.13
CA SER D 198 5.08 39.60 9.76
C SER D 198 3.97 40.59 9.49
N VAL D 199 3.43 41.27 10.51
CA VAL D 199 2.32 42.18 10.33
C VAL D 199 2.69 43.54 10.93
N GLN D 200 2.73 44.57 10.09
CA GLN D 200 2.97 45.93 10.55
C GLN D 200 1.86 46.38 11.49
N LYS D 201 2.23 47.25 12.45
CA LYS D 201 1.35 47.55 13.57
C LYS D 201 0.02 48.15 13.13
N ASP D 202 0.05 49.16 12.27
CA ASP D 202 -1.20 49.78 11.86
C ASP D 202 -2.02 48.86 10.97
N MET D 203 -1.37 47.93 10.27
CA MET D 203 -2.11 46.90 9.55
C MET D 203 -2.81 45.94 10.52
N ALA D 204 -2.12 45.56 11.60
CA ALA D 204 -2.75 44.69 12.60
C ALA D 204 -3.89 45.39 13.30
N LEU D 205 -3.70 46.66 13.66
CA LEU D 205 -4.77 47.44 14.29
C LEU D 205 -6.00 47.51 13.41
N SER D 206 -5.81 47.59 12.09
CA SER D 206 -6.95 47.63 11.18
C SER D 206 -7.70 46.30 11.17
N VAL D 207 -6.96 45.18 11.18
CA VAL D 207 -7.59 43.86 11.22
C VAL D 207 -8.35 43.68 12.53
N ILE D 208 -7.75 44.11 13.64
CA ILE D 208 -8.41 43.96 14.94
C ILE D 208 -9.68 44.79 14.99
N GLN D 209 -9.65 45.99 14.42
CA GLN D 209 -10.84 46.83 14.37
C GLN D 209 -11.92 46.19 13.51
N LEU D 210 -11.53 45.63 12.36
CA LEU D 210 -12.50 44.93 11.52
C LEU D 210 -13.13 43.75 12.26
N ALA D 211 -12.34 43.07 13.08
CA ALA D 211 -12.90 41.98 13.90
C ALA D 211 -13.92 42.51 14.89
N LYS D 212 -13.62 43.64 15.53
CA LYS D 212 -14.60 44.25 16.45
C LYS D 212 -15.85 44.68 15.70
N ASP D 213 -15.68 45.31 14.54
CA ASP D 213 -16.83 45.78 13.76
C ASP D 213 -17.71 44.62 13.31
N SER D 214 -17.11 43.45 13.07
CA SER D 214 -17.86 42.29 12.61
C SER D 214 -18.11 41.27 13.71
N GLN D 215 -17.73 41.57 14.95
CA GLN D 215 -17.89 40.66 16.08
C GLN D 215 -17.27 39.29 15.78
N SER D 216 -16.05 39.34 15.25
CA SER D 216 -15.32 38.15 14.83
C SER D 216 -14.28 37.75 15.87
N LEU D 217 -14.00 36.45 15.93
CA LEU D 217 -12.91 35.96 16.77
C LEU D 217 -11.56 36.30 16.14
N LEU D 218 -10.54 36.38 16.98
CA LEU D 218 -9.18 36.67 16.54
C LEU D 218 -8.24 35.53 16.93
N SER D 219 -7.17 35.39 16.15
CA SER D 219 -6.13 34.43 16.45
C SER D 219 -4.80 35.00 16.00
N THR D 220 -3.72 34.55 16.64
CA THR D 220 -2.39 35.03 16.30
C THR D 220 -1.35 34.04 16.80
N HIS D 221 -0.24 33.95 16.07
CA HIS D 221 0.93 33.22 16.53
C HIS D 221 1.77 34.16 17.38
N PHE D 222 2.17 33.69 18.56
CA PHE D 222 2.85 34.56 19.51
C PHE D 222 4.05 33.83 20.11
N LEU D 223 5.24 34.43 19.97
CA LEU D 223 6.46 33.99 20.62
C LEU D 223 6.65 32.47 20.48
N GLU D 224 6.70 32.04 19.22
CA GLU D 224 6.86 30.64 18.85
C GLU D 224 8.32 30.21 18.80
N SER D 225 9.25 31.16 18.82
CA SER D 225 10.66 30.83 18.65
C SER D 225 11.51 31.79 19.45
N LEU D 226 12.74 31.37 19.72
CA LEU D 226 13.72 32.29 20.30
C LEU D 226 14.03 33.42 19.34
N GLU D 227 14.07 33.13 18.03
CA GLU D 227 14.35 34.17 17.04
C GLU D 227 13.33 35.29 17.12
N GLU D 228 12.05 34.94 17.25
CA GLU D 228 11.02 35.96 17.38
C GLU D 228 11.17 36.75 18.68
N LEU D 229 11.53 36.07 19.77
CA LEU D 229 11.66 36.73 21.06
C LEU D 229 12.77 37.78 21.04
N GLU D 230 13.95 37.43 20.51
CA GLU D 230 15.03 38.41 20.47
C GLU D 230 14.71 39.55 19.52
N TRP D 231 13.96 39.28 18.44
CA TRP D 231 13.55 40.35 17.54
C TRP D 231 12.58 41.29 18.21
N VAL D 232 11.53 40.73 18.83
CA VAL D 232 10.49 41.56 19.44
C VAL D 232 11.06 42.37 20.60
N GLU D 233 11.95 41.76 21.38
N GLU D 233 11.96 41.77 21.38
CA GLU D 233 12.46 42.42 22.59
CA GLU D 233 12.44 42.43 22.59
C GLU D 233 13.57 43.40 22.27
C GLU D 233 13.63 43.34 22.36
N ASN D 234 14.56 42.97 21.47
CA ASN D 234 15.77 43.76 21.27
C ASN D 234 16.12 44.06 19.81
N SER D 235 15.26 43.70 18.85
CA SER D 235 15.52 43.96 17.43
C SER D 235 16.86 43.38 16.99
N LYS D 236 17.19 42.19 17.48
CA LYS D 236 18.43 41.52 17.12
C LYS D 236 18.13 40.06 16.77
N GLY D 237 19.14 39.39 16.23
CA GLY D 237 19.03 37.99 15.88
C GLY D 237 18.75 37.74 14.41
N TRP D 238 18.18 36.56 14.15
CA TRP D 238 18.00 36.08 12.78
C TRP D 238 17.12 37.02 11.96
N PHE D 239 16.11 37.63 12.59
CA PHE D 239 15.18 38.49 11.85
C PHE D 239 15.80 39.80 11.40
N GLU D 240 17.08 40.06 11.71
CA GLU D 240 17.72 41.29 11.27
C GLU D 240 17.68 41.44 9.75
N ASN D 241 17.91 40.34 9.03
CA ASN D 241 17.96 40.35 7.57
C ASN D 241 16.72 39.73 6.95
N PHE D 242 15.73 39.35 7.76
CA PHE D 242 14.58 38.59 7.26
C PHE D 242 13.78 39.39 6.22
N TYR D 243 13.61 40.70 6.45
CA TYR D 243 12.73 41.47 5.59
C TYR D 243 13.36 41.78 4.24
N GLN D 244 14.66 42.02 4.20
CA GLN D 244 15.34 42.25 2.93
C GLN D 244 15.53 40.94 2.16
N ARG D 245 15.97 39.89 2.86
CA ARG D 245 16.30 38.64 2.19
C ARG D 245 15.06 37.99 1.59
N PHE D 246 13.96 37.95 2.33
CA PHE D 246 12.78 37.22 1.91
C PHE D 246 11.67 38.08 1.34
N LEU D 247 11.52 39.32 1.82
CA LEU D 247 10.39 40.16 1.42
C LEU D 247 10.79 41.35 0.57
N LYS D 248 12.10 41.58 0.36
CA LYS D 248 12.59 42.75 -0.36
C LYS D 248 12.07 44.04 0.25
N GLU D 249 12.10 44.11 1.58
CA GLU D 249 11.68 45.29 2.33
C GLU D 249 12.85 45.77 3.17
N SER D 250 13.07 47.09 3.18
CA SER D 250 14.17 47.68 3.94
C SER D 250 13.66 48.04 5.33
N ASN D 251 13.56 47.02 6.18
CA ASN D 251 13.16 47.20 7.57
C ASN D 251 14.09 46.36 8.44
N PHE D 252 14.76 47.02 9.39
CA PHE D 252 15.76 46.36 10.23
C PHE D 252 15.50 46.58 11.71
N THR D 253 14.28 46.95 12.08
CA THR D 253 13.88 47.05 13.47
C THR D 253 12.55 46.34 13.64
N SER D 254 12.29 45.89 14.86
CA SER D 254 11.05 45.17 15.15
C SER D 254 9.85 46.04 14.83
N LEU D 255 8.78 45.39 14.35
CA LEU D 255 7.52 46.10 14.11
C LEU D 255 6.82 46.47 15.41
N TYR D 256 7.28 45.95 16.55
CA TYR D 256 6.68 46.21 17.85
C TYR D 256 7.80 46.33 18.87
N GLU D 257 7.75 47.39 19.69
CA GLU D 257 8.75 47.59 20.73
C GLU D 257 8.36 46.81 21.97
N GLY D 258 8.77 45.55 22.01
CA GLY D 258 8.48 44.71 23.16
C GLY D 258 7.22 43.90 22.99
N ALA D 259 7.12 42.83 23.80
CA ALA D 259 5.96 41.95 23.73
C ALA D 259 4.67 42.68 24.12
N ASN D 260 4.77 43.58 25.10
CA ASN D 260 3.57 44.30 25.56
C ASN D 260 2.98 45.16 24.45
N ASP D 261 3.83 45.74 23.59
CA ASP D 261 3.33 46.53 22.48
C ASP D 261 2.44 45.71 21.56
N TYR D 262 2.78 44.44 21.34
CA TYR D 262 1.95 43.56 20.53
C TYR D 262 0.70 43.09 21.29
N ILE D 263 0.89 42.65 22.53
CA ILE D 263 -0.22 42.10 23.31
C ILE D 263 -1.32 43.14 23.48
N ASP D 264 -0.94 44.38 23.78
CA ASP D 264 -1.93 45.42 24.10
C ASP D 264 -2.88 45.70 22.95
N MET D 265 -2.47 45.41 21.70
CA MET D 265 -3.37 45.60 20.57
C MET D 265 -4.66 44.79 20.73
N PHE D 266 -4.57 43.62 21.37
CA PHE D 266 -5.71 42.72 21.52
C PHE D 266 -6.45 42.95 22.82
N LYS D 267 -6.27 44.10 23.45
CA LYS D 267 -6.95 44.42 24.71
C LYS D 267 -8.46 44.31 24.55
N ASP D 268 -9.09 43.64 25.51
CA ASP D 268 -10.55 43.46 25.56
C ASP D 268 -11.07 42.85 24.25
N THR D 269 -10.52 41.68 23.92
CA THR D 269 -10.93 40.95 22.72
C THR D 269 -11.05 39.47 23.06
N HIS D 270 -11.61 38.72 22.12
CA HIS D 270 -11.63 37.25 22.14
C HIS D 270 -10.56 36.79 21.15
N THR D 271 -9.35 36.53 21.64
CA THR D 271 -8.21 36.25 20.79
C THR D 271 -7.54 34.95 21.21
N LEU D 272 -7.28 34.08 20.23
CA LEU D 272 -6.52 32.86 20.44
C LEU D 272 -5.03 33.17 20.27
N PHE D 273 -4.24 32.77 21.26
CA PHE D 273 -2.79 32.93 21.21
C PHE D 273 -2.17 31.55 21.03
N VAL D 274 -1.49 31.34 19.91
CA VAL D 274 -0.97 30.03 19.53
C VAL D 274 0.51 29.94 19.86
N HIS D 275 0.94 28.77 20.33
CA HIS D 275 2.32 28.41 20.63
C HIS D 275 2.78 28.95 21.98
N ASN D 276 3.35 30.15 22.00
CA ASN D 276 3.66 30.91 23.21
C ASN D 276 4.79 30.34 24.07
N GLN D 277 5.57 29.38 23.57
CA GLN D 277 6.56 28.74 24.46
C GLN D 277 7.64 29.70 24.92
N PHE D 278 7.88 30.79 24.20
CA PHE D 278 8.90 31.76 24.59
C PHE D 278 8.30 33.00 25.23
N ALA D 279 7.03 32.94 25.60
CA ALA D 279 6.42 34.00 26.38
C ALA D 279 6.79 33.83 27.85
N SER D 280 7.37 34.87 28.44
CA SER D 280 7.70 34.82 29.85
C SER D 280 6.42 34.80 30.70
N LEU D 281 6.60 34.59 32.01
CA LEU D 281 5.47 34.62 32.91
C LEU D 281 4.79 35.98 32.90
N GLU D 282 5.57 37.06 32.91
CA GLU D 282 5.00 38.40 32.84
C GLU D 282 4.19 38.59 31.56
N ALA D 283 4.68 38.07 30.44
CA ALA D 283 3.95 38.20 29.18
C ALA D 283 2.64 37.42 29.22
N LEU D 284 2.67 36.19 29.75
CA LEU D 284 1.44 35.41 29.88
C LEU D 284 0.45 36.10 30.81
N LYS D 285 0.94 36.67 31.91
CA LYS D 285 0.05 37.40 32.81
C LYS D 285 -0.50 38.65 32.14
N ARG D 286 0.32 39.30 31.31
CA ARG D 286 -0.14 40.45 30.55
C ARG D 286 -1.24 40.07 29.57
N ILE D 287 -1.07 38.93 28.89
CA ILE D 287 -2.09 38.45 27.97
C ILE D 287 -3.42 38.25 28.69
N LYS D 288 -3.39 37.60 29.86
CA LYS D 288 -4.61 37.34 30.60
C LYS D 288 -5.26 38.64 31.05
N SER D 289 -4.47 39.56 31.60
CA SER D 289 -5.04 40.77 32.19
C SER D 289 -5.51 41.77 31.13
N GLN D 290 -4.83 41.83 29.98
CA GLN D 290 -5.17 42.81 28.95
C GLN D 290 -6.27 42.32 28.02
N VAL D 291 -6.17 41.07 27.56
CA VAL D 291 -7.12 40.55 26.58
C VAL D 291 -8.44 40.15 27.24
N LYS D 292 -8.39 39.75 28.51
CA LYS D 292 -9.56 39.33 29.30
C LYS D 292 -10.12 38.00 28.83
N ASN D 293 -10.28 37.83 27.52
CA ASN D 293 -10.78 36.56 26.98
C ASN D 293 -9.75 35.94 26.05
N ALA D 294 -8.56 35.68 26.57
CA ALA D 294 -7.51 35.03 25.81
C ALA D 294 -7.63 33.52 25.92
N PHE D 295 -7.16 32.83 24.89
CA PHE D 295 -7.19 31.37 24.82
C PHE D 295 -5.87 30.88 24.24
N LEU D 296 -5.05 30.25 25.09
CA LEU D 296 -3.78 29.71 24.64
C LEU D 296 -3.99 28.40 23.90
N ILE D 297 -3.38 28.28 22.73
CA ILE D 297 -3.42 27.06 21.92
C ILE D 297 -2.03 26.49 21.87
N THR D 298 -1.90 25.19 22.13
CA THR D 298 -0.60 24.53 22.14
C THR D 298 -0.57 23.44 21.07
N CYS D 299 0.54 23.37 20.35
CA CYS D 299 0.74 22.41 19.26
C CYS D 299 2.05 21.69 19.53
N PRO D 300 2.00 20.57 20.27
CA PRO D 300 3.24 19.93 20.72
C PRO D 300 4.16 19.47 19.59
N PHE D 301 3.61 18.85 18.55
CA PHE D 301 4.47 18.30 17.51
C PHE D 301 5.11 19.40 16.68
N SER D 302 4.35 20.43 16.32
CA SER D 302 4.94 21.56 15.60
C SER D 302 6.03 22.24 16.41
N ASN D 303 5.80 22.43 17.70
CA ASN D 303 6.80 23.06 18.56
C ASN D 303 8.09 22.26 18.58
N ARG D 304 8.00 20.93 18.59
CA ARG D 304 9.19 20.10 18.60
C ARG D 304 9.95 20.20 17.28
N LEU D 305 9.23 20.32 16.16
CA LEU D 305 9.87 20.34 14.85
C LEU D 305 10.49 21.69 14.53
N LEU D 306 9.96 22.78 15.08
CA LEU D 306 10.45 24.11 14.72
C LEU D 306 11.44 24.60 15.76
N SER D 307 10.96 25.33 16.77
CA SER D 307 11.86 25.84 17.79
C SER D 307 12.49 24.72 18.62
N GLY D 308 11.80 23.60 18.76
CA GLY D 308 12.28 22.51 19.59
C GLY D 308 12.00 22.66 21.06
N LYS D 309 11.28 23.71 21.46
CA LYS D 309 10.97 23.96 22.86
C LYS D 309 9.48 23.77 23.10
N ALA D 310 9.14 23.03 24.15
CA ALA D 310 7.76 22.79 24.51
C ALA D 310 7.22 23.92 25.38
N LEU D 311 5.91 24.13 25.30
CA LEU D 311 5.25 25.07 26.19
C LEU D 311 5.38 24.59 27.63
N ASP D 312 5.81 25.50 28.51
CA ASP D 312 5.92 25.18 29.93
C ASP D 312 4.52 25.24 30.54
N LEU D 313 3.94 24.07 30.79
CA LEU D 313 2.58 24.03 31.31
C LEU D 313 2.48 24.58 32.72
N GLU D 314 3.54 24.41 33.53
CA GLU D 314 3.55 25.01 34.86
C GLU D 314 3.48 26.53 34.77
N ARG D 315 4.23 27.12 33.83
CA ARG D 315 4.17 28.56 33.63
C ARG D 315 2.76 29.00 33.24
N VAL D 316 2.10 28.25 32.35
CA VAL D 316 0.74 28.59 31.93
C VAL D 316 -0.19 28.59 33.15
N ARG D 317 -0.04 27.58 34.01
CA ARG D 317 -0.86 27.52 35.22
C ARG D 317 -0.54 28.67 36.16
N GLU D 318 0.74 29.01 36.31
CA GLU D 318 1.12 30.12 37.18
C GLU D 318 0.53 31.43 36.69
N ALA D 319 0.36 31.58 35.37
CA ALA D 319 -0.25 32.78 34.81
C ALA D 319 -1.76 32.79 34.93
N GLY D 320 -2.37 31.72 35.42
CA GLY D 320 -3.81 31.65 35.53
C GLY D 320 -4.53 31.34 34.24
N LEU D 321 -3.89 30.62 33.33
CA LEU D 321 -4.45 30.30 32.03
C LEU D 321 -4.54 28.78 31.86
N SER D 322 -5.21 28.37 30.78
CA SER D 322 -5.34 26.98 30.39
C SER D 322 -5.06 26.86 28.89
N VAL D 323 -4.91 25.63 28.42
CA VAL D 323 -4.52 25.40 27.04
C VAL D 323 -5.55 24.53 26.33
N SER D 324 -5.68 24.74 25.03
CA SER D 324 -6.32 23.81 24.11
C SER D 324 -5.24 23.20 23.22
N VAL D 325 -5.42 21.93 22.86
CA VAL D 325 -4.43 21.18 22.09
C VAL D 325 -4.90 21.09 20.65
N ALA D 326 -4.03 21.49 19.72
CA ALA D 326 -4.34 21.51 18.30
C ALA D 326 -3.19 20.90 17.52
N THR D 327 -3.51 20.45 16.30
CA THR D 327 -2.56 19.72 15.47
C THR D 327 -1.65 20.63 14.66
N ASP D 328 -2.01 21.91 14.49
CA ASP D 328 -1.41 22.76 13.46
C ASP D 328 -1.64 22.14 12.09
N GLY D 329 -0.84 22.53 11.09
CA GLY D 329 -0.96 21.96 9.77
C GLY D 329 0.14 20.95 9.48
N LEU D 330 -0.04 20.24 8.36
CA LEU D 330 0.99 19.34 7.87
C LEU D 330 2.24 20.06 7.42
N SER D 331 2.20 21.40 7.35
CA SER D 331 3.40 22.19 7.16
C SER D 331 4.36 22.07 8.33
N SER D 332 3.88 21.62 9.49
CA SER D 332 4.71 21.47 10.67
C SER D 332 4.24 20.29 11.52
N ASN D 333 3.85 19.21 10.86
CA ASN D 333 3.39 18.00 11.54
C ASN D 333 3.41 16.85 10.54
N ILE D 334 3.32 15.63 11.06
CA ILE D 334 3.26 14.44 10.23
C ILE D 334 1.87 13.83 10.18
N SER D 335 0.96 14.24 11.06
CA SER D 335 -0.38 13.68 11.12
C SER D 335 -1.34 14.77 11.57
N LEU D 336 -2.57 14.71 11.05
CA LEU D 336 -3.63 15.60 11.46
C LEU D 336 -4.65 14.90 12.36
N SER D 337 -4.39 13.65 12.72
CA SER D 337 -5.19 13.01 13.77
C SER D 337 -4.97 13.72 15.08
N LEU D 338 -6.05 14.25 15.66
CA LEU D 338 -5.92 14.91 16.97
C LEU D 338 -5.51 13.91 18.04
N LEU D 339 -5.89 12.64 17.88
CA LEU D 339 -5.46 11.62 18.84
C LEU D 339 -3.95 11.43 18.81
N ASP D 340 -3.36 11.47 17.62
CA ASP D 340 -1.90 11.46 17.52
C ASP D 340 -1.28 12.65 18.23
N GLU D 341 -1.89 13.83 18.07
CA GLU D 341 -1.37 15.03 18.73
C GLU D 341 -1.46 14.92 20.25
N LEU D 342 -2.55 14.31 20.75
CA LEU D 342 -2.70 14.17 22.19
C LEU D 342 -1.65 13.23 22.77
N ARG D 343 -1.31 12.16 22.03
CA ARG D 343 -0.25 11.28 22.47
C ARG D 343 1.11 11.98 22.44
N ALA D 344 1.35 12.79 21.41
CA ALA D 344 2.56 13.61 21.39
C ALA D 344 2.57 14.59 22.56
N PHE D 345 1.40 15.15 22.88
CA PHE D 345 1.28 16.05 24.02
C PHE D 345 1.67 15.35 25.33
N LEU D 346 1.23 14.10 25.50
CA LEU D 346 1.58 13.34 26.69
C LEU D 346 3.10 13.10 26.77
N LEU D 347 3.74 12.88 25.62
CA LEU D 347 5.17 12.62 25.61
C LEU D 347 6.01 13.88 25.78
N SER D 348 5.43 15.06 25.55
CA SER D 348 6.17 16.30 25.50
C SER D 348 6.22 17.05 26.82
N HIS D 349 5.55 16.55 27.86
CA HIS D 349 5.53 17.22 29.16
C HIS D 349 5.71 16.18 30.25
N ASN D 350 6.51 16.53 31.27
CA ASN D 350 6.88 15.59 32.32
C ASN D 350 5.95 15.66 33.53
N MET D 351 4.83 16.35 33.41
CA MET D 351 3.82 16.34 34.46
C MET D 351 3.36 14.90 34.71
N PRO D 352 2.97 14.56 35.96
CA PRO D 352 2.37 13.25 36.22
C PRO D 352 1.34 12.84 35.19
N LEU D 353 1.49 11.62 34.65
CA LEU D 353 0.79 11.24 33.42
C LEU D 353 -0.73 11.24 33.62
N LEU D 354 -1.20 10.75 34.77
CA LEU D 354 -2.64 10.73 35.01
C LEU D 354 -3.20 12.14 35.08
N GLU D 355 -2.46 13.07 35.69
CA GLU D 355 -2.88 14.46 35.71
C GLU D 355 -2.82 15.08 34.32
N LEU D 356 -1.79 14.75 33.54
CA LEU D 356 -1.64 15.32 32.21
C LEU D 356 -2.71 14.82 31.25
N ALA D 357 -3.22 13.60 31.46
CA ALA D 357 -4.26 13.08 30.58
C ALA D 357 -5.55 13.88 30.69
N LYS D 358 -5.89 14.35 31.89
CA LYS D 358 -7.08 15.18 32.04
C LYS D 358 -6.90 16.53 31.34
N ILE D 359 -5.71 17.12 31.46
CA ILE D 359 -5.43 18.36 30.74
C ILE D 359 -5.53 18.14 29.24
N ALA D 360 -5.00 17.01 28.76
CA ALA D 360 -5.05 16.71 27.33
C ALA D 360 -6.49 16.54 26.84
N LEU D 361 -7.31 15.81 27.60
CA LEU D 361 -8.70 15.59 27.19
C LEU D 361 -9.48 16.89 27.16
N LEU D 362 -9.39 17.69 28.22
CA LEU D 362 -10.07 18.98 28.24
C LEU D 362 -9.51 19.93 27.19
N GLY D 363 -8.21 19.85 26.92
CA GLY D 363 -7.63 20.65 25.85
C GLY D 363 -8.16 20.31 24.48
N ALA D 364 -8.69 19.10 24.29
CA ALA D 364 -9.24 18.66 23.03
C ALA D 364 -10.75 18.76 22.97
N THR D 365 -11.41 19.12 24.07
CA THR D 365 -12.86 19.16 24.11
C THR D 365 -13.36 20.51 24.62
N ARG D 366 -13.58 20.63 25.92
CA ARG D 366 -14.25 21.82 26.46
C ARG D 366 -13.45 23.09 26.20
N HIS D 367 -12.13 23.03 26.36
CA HIS D 367 -11.32 24.23 26.22
C HIS D 367 -11.31 24.76 24.79
N GLY D 368 -11.16 23.86 23.81
CA GLY D 368 -11.19 24.29 22.42
C GLY D 368 -12.55 24.83 22.02
N ALA D 369 -13.62 24.24 22.55
CA ALA D 369 -14.96 24.75 22.28
C ALA D 369 -15.12 26.17 22.82
N LYS D 370 -14.62 26.43 24.02
CA LYS D 370 -14.65 27.78 24.57
C LYS D 370 -13.79 28.74 23.75
N ALA D 371 -12.64 28.26 23.27
CA ALA D 371 -11.77 29.10 22.45
C ALA D 371 -12.47 29.48 21.15
N LEU D 372 -13.18 28.55 20.54
CA LEU D 372 -13.89 28.78 19.29
C LEU D 372 -15.31 29.30 19.50
N ALA D 373 -15.72 29.51 20.74
CA ALA D 373 -17.05 30.03 21.08
C ALA D 373 -18.14 29.17 20.45
N LEU D 374 -17.99 27.86 20.59
CA LEU D 374 -18.95 26.89 20.09
C LEU D 374 -19.72 26.27 21.25
N ASN D 375 -20.94 25.83 20.97
CA ASN D 375 -21.83 25.27 21.99
C ASN D 375 -21.68 23.75 22.07
N ASN D 376 -20.45 23.32 22.29
CA ASN D 376 -20.16 21.89 22.34
C ASN D 376 -18.93 21.62 23.19
N GLY D 377 -18.25 20.50 22.94
CA GLY D 377 -17.07 20.15 23.70
C GLY D 377 -17.35 19.57 25.08
N GLU D 378 -18.61 19.34 25.42
CA GLU D 378 -18.96 18.85 26.75
C GLU D 378 -20.30 18.16 26.66
N ILE D 379 -20.45 17.04 27.39
CA ILE D 379 -21.70 16.30 27.45
C ILE D 379 -22.53 16.95 28.54
N GLU D 380 -23.34 17.93 28.14
CA GLU D 380 -24.19 18.68 29.07
C GLU D 380 -25.47 19.03 28.32
N THR D 381 -26.58 19.06 29.05
CA THR D 381 -27.87 19.38 28.44
C THR D 381 -27.83 20.76 27.79
N ASN D 382 -28.41 20.86 26.60
CA ASN D 382 -28.54 22.03 25.73
C ASN D 382 -27.29 22.27 24.90
N LYS D 383 -26.21 21.52 25.10
CA LYS D 383 -25.07 21.58 24.20
C LYS D 383 -25.39 20.85 22.90
N ARG D 384 -24.61 21.14 21.87
CA ARG D 384 -24.77 20.44 20.60
C ARG D 384 -24.54 18.95 20.77
N ALA D 385 -25.27 18.16 19.97
CA ALA D 385 -25.10 16.71 19.95
C ALA D 385 -23.92 16.33 19.05
N ASP D 386 -22.73 16.81 19.42
CA ASP D 386 -21.48 16.46 18.76
C ASP D 386 -20.81 15.40 19.62
N LEU D 387 -20.95 14.14 19.22
CA LEU D 387 -20.60 13.01 20.07
C LEU D 387 -19.80 11.98 19.30
N SER D 388 -18.77 11.44 19.97
CA SER D 388 -17.95 10.37 19.43
C SER D 388 -18.11 9.11 20.28
N VAL D 389 -18.07 7.96 19.62
CA VAL D 389 -18.03 6.66 20.30
C VAL D 389 -16.80 5.92 19.80
N PHE D 390 -15.94 5.50 20.73
CA PHE D 390 -14.74 4.74 20.44
C PHE D 390 -14.85 3.36 21.07
N GLY D 391 -14.65 2.33 20.27
CA GLY D 391 -14.80 0.95 20.73
C GLY D 391 -13.46 0.32 21.06
N PHE D 392 -13.46 -0.51 22.11
CA PHE D 392 -12.26 -1.19 22.57
C PHE D 392 -12.59 -2.66 22.86
N ASN D 393 -11.55 -3.42 23.18
CA ASN D 393 -11.68 -4.84 23.48
C ASN D 393 -11.80 -5.13 24.97
N GLU D 394 -11.74 -4.11 25.82
CA GLU D 394 -11.83 -4.29 27.26
C GLU D 394 -12.43 -3.04 27.88
N LYS D 395 -12.85 -3.16 29.13
CA LYS D 395 -13.40 -2.05 29.90
C LYS D 395 -12.33 -1.50 30.82
N PHE D 396 -12.04 -0.21 30.68
CA PHE D 396 -11.02 0.44 31.50
C PHE D 396 -11.56 0.68 32.91
N THR D 397 -10.67 0.63 33.89
CA THR D 397 -11.01 1.08 35.22
C THR D 397 -11.29 2.58 35.22
N LYS D 398 -12.08 3.02 36.19
CA LYS D 398 -12.47 4.43 36.29
C LYS D 398 -11.25 5.34 36.34
N GLU D 399 -10.25 4.97 37.13
CA GLU D 399 -9.08 5.83 37.33
C GLU D 399 -8.13 5.81 36.13
N GLN D 400 -8.18 4.77 35.30
CA GLN D 400 -7.32 4.67 34.13
C GLN D 400 -8.03 5.05 32.83
N ALA D 401 -9.34 5.32 32.88
CA ALA D 401 -10.13 5.40 31.65
C ALA D 401 -9.63 6.47 30.70
N ILE D 402 -9.35 7.67 31.22
CA ILE D 402 -8.96 8.79 30.35
C ILE D 402 -7.60 8.51 29.72
N LEU D 403 -6.64 8.04 30.51
CA LEU D 403 -5.31 7.76 29.99
C LEU D 403 -5.34 6.61 29.00
N GLN D 404 -6.02 5.52 29.35
CA GLN D 404 -6.11 4.37 28.44
C GLN D 404 -6.82 4.76 27.15
N PHE D 405 -7.84 5.62 27.24
CA PHE D 405 -8.50 6.11 26.03
C PHE D 405 -7.52 6.84 25.14
N LEU D 406 -6.77 7.80 25.69
CA LEU D 406 -5.83 8.56 24.90
C LEU D 406 -4.75 7.68 24.29
N LEU D 407 -4.35 6.60 24.98
CA LEU D 407 -3.29 5.75 24.46
C LEU D 407 -3.76 4.85 23.33
N HIS D 408 -5.00 4.36 23.39
CA HIS D 408 -5.46 3.33 22.47
C HIS D 408 -6.44 3.81 21.42
N ALA D 409 -7.07 4.97 21.60
CA ALA D 409 -8.03 5.45 20.62
C ALA D 409 -7.33 5.82 19.31
N LYS D 410 -7.78 5.22 18.21
CA LYS D 410 -7.21 5.48 16.89
C LYS D 410 -8.25 6.01 15.92
N GLU D 411 -9.35 5.28 15.71
CA GLU D 411 -10.40 5.69 14.80
C GLU D 411 -11.74 5.60 15.51
N VAL D 412 -12.62 6.56 15.23
CA VAL D 412 -13.92 6.61 15.90
C VAL D 412 -14.82 5.51 15.34
N GLU D 413 -15.68 4.97 16.21
CA GLU D 413 -16.64 3.96 15.80
C GLU D 413 -17.98 4.56 15.40
N ARG D 414 -18.40 5.61 16.10
CA ARG D 414 -19.57 6.40 15.74
C ARG D 414 -19.24 7.87 15.91
N LEU D 415 -19.63 8.68 14.93
CA LEU D 415 -19.50 10.13 15.02
C LEU D 415 -20.86 10.74 14.72
N PHE D 416 -21.38 11.51 15.67
CA PHE D 416 -22.61 12.27 15.49
C PHE D 416 -22.29 13.75 15.56
N LEU D 417 -22.75 14.50 14.57
CA LEU D 417 -22.56 15.94 14.52
C LEU D 417 -23.92 16.59 14.35
N GLY D 418 -24.29 17.45 15.30
CA GLY D 418 -25.64 17.99 15.33
C GLY D 418 -26.71 16.92 15.40
N GLY D 419 -26.42 15.79 16.03
CA GLY D 419 -27.36 14.70 16.14
C GLY D 419 -27.45 13.78 14.95
N LYS D 420 -26.81 14.10 13.83
CA LYS D 420 -26.82 13.26 12.64
C LYS D 420 -25.58 12.38 12.63
N ARG D 421 -25.77 11.11 12.30
CA ARG D 421 -24.65 10.18 12.24
C ARG D 421 -23.78 10.49 11.02
N VAL D 422 -22.51 10.76 11.27
CA VAL D 422 -21.54 11.00 10.20
C VAL D 422 -20.70 9.77 9.92
N ILE D 423 -20.25 9.09 10.97
CA ILE D 423 -19.51 7.84 10.83
C ILE D 423 -20.21 6.75 11.61
#